data_3LEK
# 
_entry.id   3LEK 
# 
_audit_conform.dict_name       mmcif_pdbx.dic 
_audit_conform.dict_version    5.378 
_audit_conform.dict_location   http://mmcif.pdb.org/dictionaries/ascii/mmcif_pdbx.dic 
# 
loop_
_database_2.database_id 
_database_2.database_code 
_database_2.pdbx_database_accession 
_database_2.pdbx_DOI 
PDB   3LEK         pdb_00003lek 10.2210/pdb3lek/pdb 
RCSB  RCSB057180   ?            ?                   
WWPDB D_1000057180 ?            ?                   
# 
loop_
_pdbx_database_related.db_name 
_pdbx_database_related.db_id 
_pdbx_database_related.details 
_pdbx_database_related.content_type 
PDB 3LEO 'The same protein complexed with glycerol'        unspecified 
PDB 3LEG 'The same protein complexed with Lewis Y antigen' unspecified 
PDB 3LEI 'The same protein complexed with fucose'          unspecified 
# 
_pdbx_database_status.entry_id                        3LEK 
_pdbx_database_status.status_code                     REL 
_pdbx_database_status.deposit_site                    RCSB 
_pdbx_database_status.process_site                    RCSB 
_pdbx_database_status.recvd_initial_deposition_date   2010-01-15 
_pdbx_database_status.status_code_sf                  REL 
_pdbx_database_status.status_code_mr                  ? 
_pdbx_database_status.SG_entry                        ? 
_pdbx_database_status.status_code_cs                  ? 
_pdbx_database_status.pdb_format_compatible           Y 
_pdbx_database_status.status_code_nmr_data            ? 
_pdbx_database_status.methods_development_category    ? 
# 
_audit_author.name           'Feil, S.C.' 
_audit_author.pdbx_ordinal   1 
# 
_citation.id                        primary 
_citation.title                     
;Structure of the lectin regulatory domain of the cholesterol-dependent cytolysin lectinolysin reveals the basis for its lewis antigen specificity.
;
_citation.journal_abbrev            Structure 
_citation.journal_volume            20 
_citation.page_first                248 
_citation.page_last                 258 
_citation.year                      2012 
_citation.journal_id_ASTM           STRUE6 
_citation.country                   UK 
_citation.journal_id_ISSN           0969-2126 
_citation.journal_id_CSD            2005 
_citation.book_publisher            ? 
_citation.pdbx_database_id_PubMed   22325774 
_citation.pdbx_database_id_DOI      10.1016/j.str.2011.11.017 
# 
loop_
_citation_author.citation_id 
_citation_author.name 
_citation_author.ordinal 
_citation_author.identifier_ORCID 
primary 'Feil, S.C.'    1 ? 
primary 'Lawrence, S.'  2 ? 
primary 'Mulhern, T.D.' 3 ? 
primary 'Holien, J.K.'  4 ? 
primary 'Hotze, E.M.'   5 ? 
primary 'Farrand, S.'   6 ? 
primary 'Tweten, R.K.'  7 ? 
primary 'Parker, M.W.'  8 ? 
# 
_cell.entry_id           3LEK 
_cell.length_a           67.010 
_cell.length_b           67.010 
_cell.length_c           97.650 
_cell.angle_alpha        90.00 
_cell.angle_beta         90.00 
_cell.angle_gamma        90.00 
_cell.Z_PDB              8 
_cell.pdbx_unique_axis   ? 
_cell.length_a_esd       ? 
_cell.length_b_esd       ? 
_cell.length_c_esd       ? 
_cell.angle_alpha_esd    ? 
_cell.angle_beta_esd     ? 
_cell.angle_gamma_esd    ? 
# 
_symmetry.entry_id                         3LEK 
_symmetry.space_group_name_H-M             'P 43 21 2' 
_symmetry.pdbx_full_space_group_name_H-M   ? 
_symmetry.cell_setting                     ? 
_symmetry.Int_Tables_number                96 
_symmetry.space_group_name_Hall            ? 
# 
loop_
_entity.id 
_entity.type 
_entity.src_method 
_entity.pdbx_description 
_entity.formula_weight 
_entity.pdbx_number_of_molecules 
_entity.pdbx_ec 
_entity.pdbx_mutation 
_entity.pdbx_fragment 
_entity.details 
1 polymer     man 'Platelet aggregation factor Sm-hPAF' 16867.479 1   ? Q190C 
'Mutant of the lectin domain of lectinolysin, residues 43 to 184' ? 
2 branched    man 
'alpha-L-fucopyranose-(1-2)-beta-D-galactopyranose-(1-3)-[alpha-L-fucopyranose-(1-4)]2-acetamido-2-deoxy-alpha-D-glucopyranose' 
675.630   1   ? ?     ?                                                                 ? 
3 non-polymer syn 'CALCIUM ION' 40.078    1   ? ?     ?                                                                 ? 
4 non-polymer syn 'NICKEL (II) ION' 58.693    1   ? ?     ?                                                                 ? 
5 water       nat water 18.015    135 ? ?     ?                                                                 ? 
# 
_entity_name_com.entity_id   2 
_entity_name_com.name        'Lewis B antigen, alpha anomer' 
# 
_entity_poly.entity_id                      1 
_entity_poly.type                           'polypeptide(L)' 
_entity_poly.nstd_linkage                   no 
_entity_poly.nstd_monomer                   no 
_entity_poly.pdbx_seq_one_letter_code       
;EQGNRPVETENIARGKQASQSSTAYGGAATRAVDGNVDSDYGHHSVTHTNFEDNAWWQVDLGKTENVGKVKLYNRGDGNV
ANRLSNFDVVLLNEAKQEVARQHFDSLNGKAELEVFFTAKDARYVKVELKTKNTPLSLAEVEVFRSATTQVGC
;
_entity_poly.pdbx_seq_one_letter_code_can   
;EQGNRPVETENIARGKQASQSSTAYGGAATRAVDGNVDSDYGHHSVTHTNFEDNAWWQVDLGKTENVGKVKLYNRGDGNV
ANRLSNFDVVLLNEAKQEVARQHFDSLNGKAELEVFFTAKDARYVKVELKTKNTPLSLAEVEVFRSATTQVGC
;
_entity_poly.pdbx_strand_id                 A 
_entity_poly.pdbx_target_identifier         ? 
# 
loop_
_entity_poly_seq.entity_id 
_entity_poly_seq.num 
_entity_poly_seq.mon_id 
_entity_poly_seq.hetero 
1 1   GLU n 
1 2   GLN n 
1 3   GLY n 
1 4   ASN n 
1 5   ARG n 
1 6   PRO n 
1 7   VAL n 
1 8   GLU n 
1 9   THR n 
1 10  GLU n 
1 11  ASN n 
1 12  ILE n 
1 13  ALA n 
1 14  ARG n 
1 15  GLY n 
1 16  LYS n 
1 17  GLN n 
1 18  ALA n 
1 19  SER n 
1 20  GLN n 
1 21  SER n 
1 22  SER n 
1 23  THR n 
1 24  ALA n 
1 25  TYR n 
1 26  GLY n 
1 27  GLY n 
1 28  ALA n 
1 29  ALA n 
1 30  THR n 
1 31  ARG n 
1 32  ALA n 
1 33  VAL n 
1 34  ASP n 
1 35  GLY n 
1 36  ASN n 
1 37  VAL n 
1 38  ASP n 
1 39  SER n 
1 40  ASP n 
1 41  TYR n 
1 42  GLY n 
1 43  HIS n 
1 44  HIS n 
1 45  SER n 
1 46  VAL n 
1 47  THR n 
1 48  HIS n 
1 49  THR n 
1 50  ASN n 
1 51  PHE n 
1 52  GLU n 
1 53  ASP n 
1 54  ASN n 
1 55  ALA n 
1 56  TRP n 
1 57  TRP n 
1 58  GLN n 
1 59  VAL n 
1 60  ASP n 
1 61  LEU n 
1 62  GLY n 
1 63  LYS n 
1 64  THR n 
1 65  GLU n 
1 66  ASN n 
1 67  VAL n 
1 68  GLY n 
1 69  LYS n 
1 70  VAL n 
1 71  LYS n 
1 72  LEU n 
1 73  TYR n 
1 74  ASN n 
1 75  ARG n 
1 76  GLY n 
1 77  ASP n 
1 78  GLY n 
1 79  ASN n 
1 80  VAL n 
1 81  ALA n 
1 82  ASN n 
1 83  ARG n 
1 84  LEU n 
1 85  SER n 
1 86  ASN n 
1 87  PHE n 
1 88  ASP n 
1 89  VAL n 
1 90  VAL n 
1 91  LEU n 
1 92  LEU n 
1 93  ASN n 
1 94  GLU n 
1 95  ALA n 
1 96  LYS n 
1 97  GLN n 
1 98  GLU n 
1 99  VAL n 
1 100 ALA n 
1 101 ARG n 
1 102 GLN n 
1 103 HIS n 
1 104 PHE n 
1 105 ASP n 
1 106 SER n 
1 107 LEU n 
1 108 ASN n 
1 109 GLY n 
1 110 LYS n 
1 111 ALA n 
1 112 GLU n 
1 113 LEU n 
1 114 GLU n 
1 115 VAL n 
1 116 PHE n 
1 117 PHE n 
1 118 THR n 
1 119 ALA n 
1 120 LYS n 
1 121 ASP n 
1 122 ALA n 
1 123 ARG n 
1 124 TYR n 
1 125 VAL n 
1 126 LYS n 
1 127 VAL n 
1 128 GLU n 
1 129 LEU n 
1 130 LYS n 
1 131 THR n 
1 132 LYS n 
1 133 ASN n 
1 134 THR n 
1 135 PRO n 
1 136 LEU n 
1 137 SER n 
1 138 LEU n 
1 139 ALA n 
1 140 GLU n 
1 141 VAL n 
1 142 GLU n 
1 143 VAL n 
1 144 PHE n 
1 145 ARG n 
1 146 SER n 
1 147 ALA n 
1 148 THR n 
1 149 THR n 
1 150 GLN n 
1 151 VAL n 
1 152 GLY n 
1 153 CYS n 
# 
_entity_src_gen.entity_id                          1 
_entity_src_gen.pdbx_src_id                        1 
_entity_src_gen.pdbx_alt_source_flag               sample 
_entity_src_gen.pdbx_seq_type                      ? 
_entity_src_gen.pdbx_beg_seq_num                   ? 
_entity_src_gen.pdbx_end_seq_num                   ? 
_entity_src_gen.gene_src_common_name               ? 
_entity_src_gen.gene_src_genus                     ? 
_entity_src_gen.pdbx_gene_src_gene                 samhpaf 
_entity_src_gen.gene_src_species                   ? 
_entity_src_gen.gene_src_strain                    Nm-65 
_entity_src_gen.gene_src_tissue                    ? 
_entity_src_gen.gene_src_tissue_fraction           ? 
_entity_src_gen.gene_src_details                   ? 
_entity_src_gen.pdbx_gene_src_fragment             ? 
_entity_src_gen.pdbx_gene_src_scientific_name      'Streptococcus mitis' 
_entity_src_gen.pdbx_gene_src_ncbi_taxonomy_id     28037 
_entity_src_gen.pdbx_gene_src_variant              ? 
_entity_src_gen.pdbx_gene_src_cell_line            ? 
_entity_src_gen.pdbx_gene_src_atcc                 ? 
_entity_src_gen.pdbx_gene_src_organ                ? 
_entity_src_gen.pdbx_gene_src_organelle            ? 
_entity_src_gen.pdbx_gene_src_cell                 ? 
_entity_src_gen.pdbx_gene_src_cellular_location    ? 
_entity_src_gen.host_org_common_name               ? 
_entity_src_gen.pdbx_host_org_scientific_name      'Escherichia coli' 
_entity_src_gen.pdbx_host_org_ncbi_taxonomy_id     562 
_entity_src_gen.host_org_genus                     ? 
_entity_src_gen.pdbx_host_org_gene                 ? 
_entity_src_gen.pdbx_host_org_organ                ? 
_entity_src_gen.host_org_species                   ? 
_entity_src_gen.pdbx_host_org_tissue               ? 
_entity_src_gen.pdbx_host_org_tissue_fraction      ? 
_entity_src_gen.pdbx_host_org_strain               'BL21(DE3)' 
_entity_src_gen.pdbx_host_org_variant              ? 
_entity_src_gen.pdbx_host_org_cell_line            ? 
_entity_src_gen.pdbx_host_org_atcc                 ? 
_entity_src_gen.pdbx_host_org_culture_collection   ? 
_entity_src_gen.pdbx_host_org_cell                 ? 
_entity_src_gen.pdbx_host_org_organelle            ? 
_entity_src_gen.pdbx_host_org_cellular_location    ? 
_entity_src_gen.pdbx_host_org_vector_type          plasmid 
_entity_src_gen.pdbx_host_org_vector               ? 
_entity_src_gen.host_org_details                   ? 
_entity_src_gen.expression_system_id               ? 
_entity_src_gen.plasmid_name                       pMCSg7 
_entity_src_gen.plasmid_details                    ? 
_entity_src_gen.pdbx_description                   ? 
# 
_struct_ref.id                         1 
_struct_ref.db_name                    UNP 
_struct_ref.db_code                    Q2PHL4_STRMT 
_struct_ref.pdbx_db_accession          Q2PHL4 
_struct_ref.entity_id                  1 
_struct_ref.pdbx_seq_one_letter_code   
;EQGNRPVETENIARGKQASQSSTAYGGAAARAVDGNVDSDYGHHSVTHTNFEDNAWWQVDLGKTENVGKVKLYNRGDGNV
ANRLSNFDVVLLNEAKQEVARQHFDSLNGKAELEVFFTAKAARYVKVELKTKNTPLSLAEVEVFRSATTQVGQ
;
_struct_ref.pdbx_align_begin           38 
_struct_ref.pdbx_db_isoform            ? 
# 
_struct_ref_seq.align_id                      1 
_struct_ref_seq.ref_id                        1 
_struct_ref_seq.pdbx_PDB_id_code              3LEK 
_struct_ref_seq.pdbx_strand_id                A 
_struct_ref_seq.seq_align_beg                 1 
_struct_ref_seq.pdbx_seq_align_beg_ins_code   ? 
_struct_ref_seq.seq_align_end                 153 
_struct_ref_seq.pdbx_seq_align_end_ins_code   ? 
_struct_ref_seq.pdbx_db_accession             Q2PHL4 
_struct_ref_seq.db_align_beg                  38 
_struct_ref_seq.pdbx_db_align_beg_ins_code    ? 
_struct_ref_seq.db_align_end                  190 
_struct_ref_seq.pdbx_db_align_end_ins_code    ? 
_struct_ref_seq.pdbx_auth_seq_align_beg       38 
_struct_ref_seq.pdbx_auth_seq_align_end       190 
# 
loop_
_struct_ref_seq_dif.align_id 
_struct_ref_seq_dif.pdbx_pdb_id_code 
_struct_ref_seq_dif.mon_id 
_struct_ref_seq_dif.pdbx_pdb_strand_id 
_struct_ref_seq_dif.seq_num 
_struct_ref_seq_dif.pdbx_pdb_ins_code 
_struct_ref_seq_dif.pdbx_seq_db_name 
_struct_ref_seq_dif.pdbx_seq_db_accession_code 
_struct_ref_seq_dif.db_mon_id 
_struct_ref_seq_dif.pdbx_seq_db_seq_num 
_struct_ref_seq_dif.details 
_struct_ref_seq_dif.pdbx_auth_seq_num 
_struct_ref_seq_dif.pdbx_ordinal 
1 3LEK THR A 30  ? UNP Q2PHL4 ALA 67  'SEE REMARK 999'      67  1 
1 3LEK ASP A 121 ? UNP Q2PHL4 ALA 158 'SEE REMARK 999'      158 2 
1 3LEK CYS A 153 ? UNP Q2PHL4 GLN 190 'engineered mutation' 190 3 
# 
loop_
_chem_comp.id 
_chem_comp.type 
_chem_comp.mon_nstd_flag 
_chem_comp.name 
_chem_comp.pdbx_synonyms 
_chem_comp.formula 
_chem_comp.formula_weight 
ALA 'L-peptide linking'           y ALANINE                                   ? 'C3 H7 N O2'     89.093  
ARG 'L-peptide linking'           y ARGININE                                  ? 'C6 H15 N4 O2 1' 175.209 
ASN 'L-peptide linking'           y ASPARAGINE                                ? 'C4 H8 N2 O3'    132.118 
ASP 'L-peptide linking'           y 'ASPARTIC ACID'                           ? 'C4 H7 N O4'     133.103 
CA  non-polymer                   . 'CALCIUM ION'                             ? 'Ca 2'           40.078  
CYS 'L-peptide linking'           y CYSTEINE                                  ? 'C3 H7 N O2 S'   121.158 
FUC 'L-saccharide, alpha linking' . alpha-L-fucopyranose                      
'alpha-L-fucose; 6-deoxy-alpha-L-galactopyranose; L-fucose; fucose' 'C6 H12 O5'      164.156 
GAL 'D-saccharide, beta linking'  . beta-D-galactopyranose                    'beta-D-galactose; D-galactose; galactose' 
'C6 H12 O6'      180.156 
GLN 'L-peptide linking'           y GLUTAMINE                                 ? 'C5 H10 N2 O3'   146.144 
GLU 'L-peptide linking'           y 'GLUTAMIC ACID'                           ? 'C5 H9 N O4'     147.129 
GLY 'peptide linking'             y GLYCINE                                   ? 'C2 H5 N O2'     75.067  
HIS 'L-peptide linking'           y HISTIDINE                                 ? 'C6 H10 N3 O2 1' 156.162 
HOH non-polymer                   . WATER                                     ? 'H2 O'           18.015  
ILE 'L-peptide linking'           y ISOLEUCINE                                ? 'C6 H13 N O2'    131.173 
LEU 'L-peptide linking'           y LEUCINE                                   ? 'C6 H13 N O2'    131.173 
LYS 'L-peptide linking'           y LYSINE                                    ? 'C6 H15 N2 O2 1' 147.195 
NDG 'D-saccharide, alpha linking' . 2-acetamido-2-deoxy-alpha-D-glucopyranose 
;N-acetyl-alpha-D-glucosamine; 2-acetamido-2-deoxy-alpha-D-glucose; 2-acetamido-2-deoxy-D-glucose; 2-acetamido-2-deoxy-glucose; 2-(ACETYLAMINO)-2-DEOXY-A-D-GLUCOPYRANOSE
;
'C8 H15 N O6'    221.208 
NI  non-polymer                   . 'NICKEL (II) ION'                         ? 'Ni 2'           58.693  
PHE 'L-peptide linking'           y PHENYLALANINE                             ? 'C9 H11 N O2'    165.189 
PRO 'L-peptide linking'           y PROLINE                                   ? 'C5 H9 N O2'     115.130 
SER 'L-peptide linking'           y SERINE                                    ? 'C3 H7 N O3'     105.093 
THR 'L-peptide linking'           y THREONINE                                 ? 'C4 H9 N O3'     119.119 
TRP 'L-peptide linking'           y TRYPTOPHAN                                ? 'C11 H12 N2 O2'  204.225 
TYR 'L-peptide linking'           y TYROSINE                                  ? 'C9 H11 N O3'    181.189 
VAL 'L-peptide linking'           y VALINE                                    ? 'C5 H11 N O2'    117.146 
# 
_exptl.entry_id          3LEK 
_exptl.method            'X-RAY DIFFRACTION' 
_exptl.crystals_number   1 
# 
_exptl_crystal.id                    1 
_exptl_crystal.density_meas          ? 
_exptl_crystal.density_Matthews      3.25 
_exptl_crystal.density_percent_sol   62.12 
_exptl_crystal.description           ? 
_exptl_crystal.F_000                 ? 
_exptl_crystal.preparation           ? 
# 
_exptl_crystal_grow.crystal_id      1 
_exptl_crystal_grow.method          'VAPOR DIFFUSION, HANGING DROP' 
_exptl_crystal_grow.temp            294 
_exptl_crystal_grow.temp_details    ? 
_exptl_crystal_grow.pH              8.5 
_exptl_crystal_grow.pdbx_pH_range   ? 
_exptl_crystal_grow.pdbx_details    '2M MgSO4, 100mM Tris, pH 8.5, vapor diffusion, hanging drop, temperature 294K' 
# 
_diffrn.id                     1 
_diffrn.ambient_temp           100 
_diffrn.ambient_temp_details   ? 
_diffrn.crystal_id             1 
# 
_diffrn_detector.diffrn_id              1 
_diffrn_detector.detector               'IMAGE PLATE' 
_diffrn_detector.type                   'RIGAKU RAXIS IV' 
_diffrn_detector.pdbx_collection_date   2008-05-06 
_diffrn_detector.details                mirrors 
# 
_diffrn_radiation.diffrn_id                        1 
_diffrn_radiation.wavelength_id                    1 
_diffrn_radiation.pdbx_monochromatic_or_laue_m_l   M 
_diffrn_radiation.monochromator                    ? 
_diffrn_radiation.pdbx_diffrn_protocol             'SINGLE WAVELENGTH' 
_diffrn_radiation.pdbx_scattering_type             x-ray 
# 
_diffrn_radiation_wavelength.id           1 
_diffrn_radiation_wavelength.wavelength   1.54 
_diffrn_radiation_wavelength.wt           1.0 
# 
_diffrn_source.diffrn_id                   1 
_diffrn_source.source                      'ROTATING ANODE' 
_diffrn_source.type                        'RIGAKU MICROMAX-007 HF' 
_diffrn_source.pdbx_synchrotron_site       ? 
_diffrn_source.pdbx_synchrotron_beamline   ? 
_diffrn_source.pdbx_wavelength             ? 
_diffrn_source.pdbx_wavelength_list        1.54 
# 
_reflns.entry_id                     3LEK 
_reflns.observed_criterion_sigma_I   ? 
_reflns.observed_criterion_sigma_F   ? 
_reflns.d_resolution_low             34.00 
_reflns.d_resolution_high            2.000 
_reflns.number_obs                   15696 
_reflns.number_all                   ? 
_reflns.percent_possible_obs         99.900 
_reflns.pdbx_Rmerge_I_obs            0.116 
_reflns.pdbx_Rsym_value              ? 
_reflns.pdbx_netI_over_sigmaI        10.600 
_reflns.B_iso_Wilson_estimate        ? 
_reflns.pdbx_redundancy              11.380 
_reflns.R_free_details               ? 
_reflns.limit_h_max                  ? 
_reflns.limit_h_min                  ? 
_reflns.limit_k_max                  ? 
_reflns.limit_k_min                  ? 
_reflns.limit_l_max                  ? 
_reflns.limit_l_min                  ? 
_reflns.observed_criterion_F_max     ? 
_reflns.observed_criterion_F_min     ? 
_reflns.pdbx_chi_squared             ? 
_reflns.pdbx_scaling_rejects         ? 
_reflns.pdbx_ordinal                 1 
_reflns.pdbx_diffrn_id               1 
# 
loop_
_reflns_shell.d_res_high 
_reflns_shell.d_res_low 
_reflns_shell.percent_possible_all 
_reflns_shell.Rmerge_I_obs 
_reflns_shell.pdbx_Rsym_value 
_reflns_shell.meanI_over_sigI_obs 
_reflns_shell.pdbx_redundancy 
_reflns_shell.percent_possible_obs 
_reflns_shell.number_unique_all 
_reflns_shell.number_measured_all 
_reflns_shell.number_measured_obs 
_reflns_shell.number_unique_obs 
_reflns_shell.pdbx_chi_squared 
_reflns_shell.pdbx_ordinal 
_reflns_shell.pdbx_diffrn_id 
2.00 2.07  100.00 0.414 ? 4.1  11.48 ? ? ? ? ? ? 1  1 
2.07 2.15  100.00 0.350 ? 4.8  11.51 ? ? ? ? ? ? 2  1 
2.15 2.25  100.00 0.302 ? 5.3  11.57 ? ? ? ? ? ? 3  1 
2.25 2.37  100.00 0.253 ? 6.3  11.53 ? ? ? ? ? ? 4  1 
2.37 2.52  100.00 0.226 ? 6.7  11.59 ? ? ? ? ? ? 5  1 
2.52 2.71  100.00 0.192 ? 7.9  11.62 ? ? ? ? ? ? 6  1 
2.71 2.99  100.00 0.138 ? 10.3 11.59 ? ? ? ? ? ? 7  1 
2.99 3.42  100.00 0.083 ? 16.1 11.45 ? ? ? ? ? ? 8  1 
3.42 4.31  99.90  0.058 ? 20.9 11.28 ? ? ? ? ? ? 9  1 
4.31 67.01 99.50  0.051 ? 22.8 10.32 ? ? ? ? ? ? 10 1 
# 
_refine.pdbx_refine_id                           'X-RAY DIFFRACTION' 
_refine.entry_id                                 3LEK 
_refine.ls_number_reflns_obs                     14849 
_refine.ls_number_reflns_all                     ? 
_refine.pdbx_ls_sigma_I                          ? 
_refine.pdbx_ls_sigma_F                          . 
_refine.pdbx_data_cutoff_high_absF               ? 
_refine.pdbx_data_cutoff_low_absF                ? 
_refine.pdbx_data_cutoff_high_rms_absF           ? 
_refine.ls_d_res_low                             34.00 
_refine.ls_d_res_high                            2.00 
_refine.ls_percent_reflns_obs                    99.59 
_refine.ls_R_factor_obs                          0.20414 
_refine.ls_R_factor_all                          ? 
_refine.ls_R_factor_R_work                       0.20242 
_refine.ls_R_factor_R_free                       0.23709 
_refine.ls_R_factor_R_free_error                 ? 
_refine.ls_R_factor_R_free_error_details         ? 
_refine.ls_percent_reflns_R_free                 5.0 
_refine.ls_number_reflns_R_free                  789 
_refine.ls_number_parameters                     ? 
_refine.ls_number_restraints                     ? 
_refine.occupancy_min                            0.30 
_refine.occupancy_max                            1.00 
_refine.correlation_coeff_Fo_to_Fc               0.938 
_refine.correlation_coeff_Fo_to_Fc_free          0.923 
_refine.B_iso_mean                               20.022 
_refine.aniso_B[1][1]                            -0.22 
_refine.aniso_B[2][2]                            -0.22 
_refine.aniso_B[3][3]                            0.44 
_refine.aniso_B[1][2]                            0.00 
_refine.aniso_B[1][3]                            0.00 
_refine.aniso_B[2][3]                            0.00 
_refine.solvent_model_details                    MASK 
_refine.solvent_model_param_ksol                 ? 
_refine.solvent_model_param_bsol                 ? 
_refine.pdbx_solvent_vdw_probe_radii             1.40 
_refine.pdbx_solvent_ion_probe_radii             0.80 
_refine.pdbx_solvent_shrinkage_radii             0.80 
_refine.pdbx_ls_cross_valid_method               THROUGHOUT 
_refine.details                                  'HYDROGENS HAVE BEEN ADDED IN THE RIDING POSITIONS' 
_refine.pdbx_starting_model                      'PDB entry 3LEO' 
_refine.pdbx_method_to_determine_struct          'MOLECULAR REPLACEMENT' 
_refine.pdbx_isotropic_thermal_model             ? 
_refine.pdbx_stereochemistry_target_values       'MAXIMUM LIKELIHOOD' 
_refine.pdbx_stereochem_target_val_spec_case     ? 
_refine.pdbx_R_Free_selection_details            RANDOM 
_refine.pdbx_overall_ESU_R                       0.150 
_refine.pdbx_overall_ESU_R_Free                  0.142 
_refine.overall_SU_ML                            0.092 
_refine.pdbx_overall_phase_error                 ? 
_refine.overall_SU_B                             3.211 
_refine.overall_SU_R_Cruickshank_DPI             0.151 
_refine.pdbx_overall_SU_R_free_Cruickshank_DPI   ? 
_refine.pdbx_overall_SU_R_Blow_DPI               ? 
_refine.pdbx_overall_SU_R_free_Blow_DPI          ? 
_refine.ls_redundancy_reflns_obs                 ? 
_refine.B_iso_min                                ? 
_refine.B_iso_max                                ? 
_refine.overall_SU_R_free                        ? 
_refine.ls_wR_factor_R_free                      ? 
_refine.ls_wR_factor_R_work                      ? 
_refine.overall_FOM_free_R_set                   ? 
_refine.overall_FOM_work_R_set                   ? 
_refine.pdbx_diffrn_id                           1 
_refine.pdbx_TLS_residual_ADP_flag               ? 
# 
_refine_hist.pdbx_refine_id                   'X-RAY DIFFRACTION' 
_refine_hist.cycle_id                         LAST 
_refine_hist.pdbx_number_atoms_protein        1100 
_refine_hist.pdbx_number_atoms_nucleic_acid   0 
_refine_hist.pdbx_number_atoms_ligand         48 
_refine_hist.number_atoms_solvent             135 
_refine_hist.number_atoms_total               1283 
_refine_hist.d_res_high                       2.00 
_refine_hist.d_res_low                        34.00 
# 
loop_
_refine_ls_restr.type 
_refine_ls_restr.dev_ideal 
_refine_ls_restr.dev_ideal_target 
_refine_ls_restr.weight 
_refine_ls_restr.number 
_refine_ls_restr.pdbx_refine_id 
_refine_ls_restr.pdbx_restraint_function 
r_bond_refined_d             0.016  0.021  ? 1180 'X-RAY DIFFRACTION' ? 
r_bond_other_d               ?      ?      ? ?    'X-RAY DIFFRACTION' ? 
r_angle_refined_deg          1.480  1.967  ? 1585 'X-RAY DIFFRACTION' ? 
r_angle_other_deg            ?      ?      ? ?    'X-RAY DIFFRACTION' ? 
r_dihedral_angle_1_deg       6.425  5.000  ? 140  'X-RAY DIFFRACTION' ? 
r_dihedral_angle_2_deg       36.370 25.000 ? 60   'X-RAY DIFFRACTION' ? 
r_dihedral_angle_3_deg       13.843 15.000 ? 186  'X-RAY DIFFRACTION' ? 
r_dihedral_angle_4_deg       14.722 15.000 ? 7    'X-RAY DIFFRACTION' ? 
r_chiral_restr               0.123  0.200  ? 188  'X-RAY DIFFRACTION' ? 
r_gen_planes_refined         0.006  0.020  ? 865  'X-RAY DIFFRACTION' ? 
r_gen_planes_other           ?      ?      ? ?    'X-RAY DIFFRACTION' ? 
r_nbd_refined                ?      ?      ? ?    'X-RAY DIFFRACTION' ? 
r_nbd_other                  ?      ?      ? ?    'X-RAY DIFFRACTION' ? 
r_nbtor_refined              ?      ?      ? ?    'X-RAY DIFFRACTION' ? 
r_nbtor_other                ?      ?      ? ?    'X-RAY DIFFRACTION' ? 
r_xyhbond_nbd_refined        ?      ?      ? ?    'X-RAY DIFFRACTION' ? 
r_xyhbond_nbd_other          ?      ?      ? ?    'X-RAY DIFFRACTION' ? 
r_metal_ion_refined          ?      ?      ? ?    'X-RAY DIFFRACTION' ? 
r_metal_ion_other            ?      ?      ? ?    'X-RAY DIFFRACTION' ? 
r_symmetry_vdw_refined       ?      ?      ? ?    'X-RAY DIFFRACTION' ? 
r_symmetry_vdw_other         ?      ?      ? ?    'X-RAY DIFFRACTION' ? 
r_symmetry_hbond_refined     ?      ?      ? ?    'X-RAY DIFFRACTION' ? 
r_symmetry_hbond_other       ?      ?      ? ?    'X-RAY DIFFRACTION' ? 
r_symmetry_metal_ion_refined ?      ?      ? ?    'X-RAY DIFFRACTION' ? 
r_symmetry_metal_ion_other   ?      ?      ? ?    'X-RAY DIFFRACTION' ? 
r_mcbond_it                  0.873  1.500  ? 707  'X-RAY DIFFRACTION' ? 
r_mcbond_other               ?      ?      ? ?    'X-RAY DIFFRACTION' ? 
r_mcangle_it                 1.488  2.000  ? 1109 'X-RAY DIFFRACTION' ? 
r_scbond_it                  2.344  3.000  ? 473  'X-RAY DIFFRACTION' ? 
r_scangle_it                 3.791  4.500  ? 476  'X-RAY DIFFRACTION' ? 
r_rigid_bond_restr           ?      ?      ? ?    'X-RAY DIFFRACTION' ? 
r_sphericity_free            ?      ?      ? ?    'X-RAY DIFFRACTION' ? 
r_sphericity_bonded          ?      ?      ? ?    'X-RAY DIFFRACTION' ? 
# 
_refine_ls_shell.pdbx_refine_id                   'X-RAY DIFFRACTION' 
_refine_ls_shell.pdbx_total_number_of_bins_used   20 
_refine_ls_shell.d_res_high                       2.000 
_refine_ls_shell.d_res_low                        2.052 
_refine_ls_shell.number_reflns_R_work             1072 
_refine_ls_shell.R_factor_R_work                  0.244 
_refine_ls_shell.percent_reflns_obs               100.00 
_refine_ls_shell.R_factor_R_free                  0.289 
_refine_ls_shell.R_factor_R_free_error            ? 
_refine_ls_shell.percent_reflns_R_free            ? 
_refine_ls_shell.number_reflns_R_free             65 
_refine_ls_shell.number_reflns_all                ? 
_refine_ls_shell.R_factor_all                     ? 
_refine_ls_shell.redundancy_reflns_obs            ? 
_refine_ls_shell.number_reflns_obs                ? 
# 
_struct.entry_id                  3LEK 
_struct.title                     'Lectin Domain of Lectinolysin complexed with Lewis B Antigen' 
_struct.pdbx_model_details        ? 
_struct.pdbx_CASP_flag            ? 
_struct.pdbx_model_type_details   ? 
# 
_struct_keywords.entry_id        3LEK 
_struct_keywords.text            'lectin domain of lectinolysin, Lewis B antigen, BLOOD CLOTTING, nickel' 
_struct_keywords.pdbx_keywords   'BLOOD CLOTTING' 
# 
loop_
_struct_asym.id 
_struct_asym.pdbx_blank_PDB_chainid_flag 
_struct_asym.pdbx_modified 
_struct_asym.entity_id 
_struct_asym.details 
A N N 1 ? 
B N N 2 ? 
C N N 3 ? 
D N N 4 ? 
E N N 5 ? 
# 
_struct_biol.id        1 
_struct_biol.details   ? 
# 
loop_
_struct_conf.conf_type_id 
_struct_conf.id 
_struct_conf.pdbx_PDB_helix_id 
_struct_conf.beg_label_comp_id 
_struct_conf.beg_label_asym_id 
_struct_conf.beg_label_seq_id 
_struct_conf.pdbx_beg_PDB_ins_code 
_struct_conf.end_label_comp_id 
_struct_conf.end_label_asym_id 
_struct_conf.end_label_seq_id 
_struct_conf.pdbx_end_PDB_ins_code 
_struct_conf.beg_auth_comp_id 
_struct_conf.beg_auth_asym_id 
_struct_conf.beg_auth_seq_id 
_struct_conf.end_auth_comp_id 
_struct_conf.end_auth_asym_id 
_struct_conf.end_auth_seq_id 
_struct_conf.pdbx_PDB_helix_class 
_struct_conf.details 
_struct_conf.pdbx_PDB_helix_length 
HELX_P HELX_P1 1 ALA A 28 ? ASP A 34 ? ALA A 65  ASP A 71  5 ? 7 
HELX_P HELX_P2 2 ASP A 40 ? HIS A 44 ? ASP A 77  HIS A 81  5 ? 5 
HELX_P HELX_P3 3 VAL A 80 ? LEU A 84 ? VAL A 117 LEU A 121 5 ? 5 
# 
_struct_conf_type.id          HELX_P 
_struct_conf_type.criteria    ? 
_struct_conf_type.reference   ? 
# 
loop_
_struct_conn.id 
_struct_conn.conn_type_id 
_struct_conn.pdbx_leaving_atom_flag 
_struct_conn.pdbx_PDB_id 
_struct_conn.ptnr1_label_asym_id 
_struct_conn.ptnr1_label_comp_id 
_struct_conn.ptnr1_label_seq_id 
_struct_conn.ptnr1_label_atom_id 
_struct_conn.pdbx_ptnr1_label_alt_id 
_struct_conn.pdbx_ptnr1_PDB_ins_code 
_struct_conn.pdbx_ptnr1_standard_comp_id 
_struct_conn.ptnr1_symmetry 
_struct_conn.ptnr2_label_asym_id 
_struct_conn.ptnr2_label_comp_id 
_struct_conn.ptnr2_label_seq_id 
_struct_conn.ptnr2_label_atom_id 
_struct_conn.pdbx_ptnr2_label_alt_id 
_struct_conn.pdbx_ptnr2_PDB_ins_code 
_struct_conn.ptnr1_auth_asym_id 
_struct_conn.ptnr1_auth_comp_id 
_struct_conn.ptnr1_auth_seq_id 
_struct_conn.ptnr2_auth_asym_id 
_struct_conn.ptnr2_auth_comp_id 
_struct_conn.ptnr2_auth_seq_id 
_struct_conn.ptnr2_symmetry 
_struct_conn.pdbx_ptnr3_label_atom_id 
_struct_conn.pdbx_ptnr3_label_seq_id 
_struct_conn.pdbx_ptnr3_label_comp_id 
_struct_conn.pdbx_ptnr3_label_asym_id 
_struct_conn.pdbx_ptnr3_label_alt_id 
_struct_conn.pdbx_ptnr3_PDB_ins_code 
_struct_conn.details 
_struct_conn.pdbx_dist_value 
_struct_conn.pdbx_value_order 
_struct_conn.pdbx_role 
covale1  covale both ? B NDG .  O3  ? ? ? 1_555 B GAL .   C1  ? ? B NDG 1   B GAL 2   1_555 ? ? ? ? ? ? ? 1.446 sing ? 
covale2  covale both ? B NDG .  O4  ? ? ? 1_555 B FUC .   C1  ? ? B NDG 1   B FUC 4   1_555 ? ? ? ? ? ? ? 1.430 sing ? 
covale3  covale both ? B GAL .  O2  ? ? ? 1_555 B FUC .   C1  ? ? B GAL 2   B FUC 3   1_555 ? ? ? ? ? ? ? 1.439 sing ? 
metalc1  metalc ?    ? C CA  .  CA  ? ? ? 1_555 A ARG 31  O   ? ? A CA  1   A ARG 68  1_555 ? ? ? ? ? ? ? 2.290 ?    ? 
metalc2  metalc ?    ? C CA  .  CA  ? ? ? 1_555 A ASP 34  OD1 ? ? A CA  1   A ASP 71  1_555 ? ? ? ? ? ? ? 2.353 ?    ? 
metalc3  metalc ?    ? C CA  .  CA  ? ? ? 1_555 A ASN 36  O   ? ? A CA  1   A ASN 73  1_555 ? ? ? ? ? ? ? 2.312 ?    ? 
metalc4  metalc ?    ? C CA  .  CA  ? ? ? 1_555 A SER 45  OG  ? ? A CA  1   A SER 82  1_555 ? ? ? ? ? ? ? 2.344 ?    ? 
metalc5  metalc ?    ? C CA  .  CA  ? ? ? 1_555 A SER 45  O   ? ? A CA  1   A SER 82  1_555 ? ? ? ? ? ? ? 2.400 ?    ? 
metalc6  metalc ?    ? C CA  .  CA  ? ? ? 1_555 A ALA 139 O   ? ? A CA  1   A ALA 176 1_555 ? ? ? ? ? ? ? 2.319 ?    ? 
metalc7  metalc ?    ? C CA  .  CA  ? ? ? 1_555 A GLU 140 OE1 ? ? A CA  1   A GLU 177 1_555 ? ? ? ? ? ? ? 2.379 ?    ? 
metalc8  metalc ?    ? A HIS 43 NE2 ? ? ? 1_555 D NI  .   NI  ? ? A HIS 80  A NI  191 1_555 ? ? ? ? ? ? ? 2.074 ?    ? 
metalc9  metalc ?    ? D NI  .  NI  ? ? ? 1_555 E HOH .   O   ? ? A NI  191 A HOH 247 1_555 ? ? ? ? ? ? ? 1.957 ?    ? 
metalc10 metalc ?    ? D NI  .  NI  ? ? ? 1_555 E HOH .   O   ? ? A NI  191 A HOH 249 1_555 ? ? ? ? ? ? ? 1.957 ?    ? 
metalc11 metalc ?    ? D NI  .  NI  ? ? ? 1_555 E HOH .   O   ? ? A NI  191 A HOH 283 1_555 ? ? ? ? ? ? ? 1.990 ?    ? 
metalc12 metalc ?    ? D NI  .  NI  ? ? ? 1_555 E HOH .   O   ? ? A NI  191 A HOH 284 1_555 ? ? ? ? ? ? ? 1.946 ?    ? 
metalc13 metalc ?    ? D NI  .  NI  ? ? ? 1_555 E HOH .   O   ? ? A NI  191 A HOH 285 1_555 ? ? ? ? ? ? ? 1.979 ?    ? 
# 
loop_
_struct_conn_type.id 
_struct_conn_type.criteria 
_struct_conn_type.reference 
covale ? ? 
metalc ? ? 
# 
loop_
_struct_sheet.id 
_struct_sheet.type 
_struct_sheet.number_strands 
_struct_sheet.details 
A ? 5 ? 
B ? 3 ? 
# 
loop_
_struct_sheet_order.sheet_id 
_struct_sheet_order.range_id_1 
_struct_sheet_order.range_id_2 
_struct_sheet_order.offset 
_struct_sheet_order.sense 
A 1 2 ? anti-parallel 
A 2 3 ? anti-parallel 
A 3 4 ? anti-parallel 
A 4 5 ? anti-parallel 
B 1 2 ? anti-parallel 
B 2 3 ? anti-parallel 
# 
loop_
_struct_sheet_range.sheet_id 
_struct_sheet_range.id 
_struct_sheet_range.beg_label_comp_id 
_struct_sheet_range.beg_label_asym_id 
_struct_sheet_range.beg_label_seq_id 
_struct_sheet_range.pdbx_beg_PDB_ins_code 
_struct_sheet_range.end_label_comp_id 
_struct_sheet_range.end_label_asym_id 
_struct_sheet_range.end_label_seq_id 
_struct_sheet_range.pdbx_end_PDB_ins_code 
_struct_sheet_range.beg_auth_comp_id 
_struct_sheet_range.beg_auth_asym_id 
_struct_sheet_range.beg_auth_seq_id 
_struct_sheet_range.end_auth_comp_id 
_struct_sheet_range.end_auth_asym_id 
_struct_sheet_range.end_auth_seq_id 
A 1 GLN A 17  ? GLN A 20  ? GLN A 54  GLN A 57  
A 2 TRP A 56  ? ASN A 74  ? TRP A 93  ASN A 111 
A 3 GLU A 112 ? LEU A 129 ? GLU A 149 LEU A 166 
A 4 PHE A 87  ? LEU A 92  ? PHE A 124 LEU A 129 
A 5 GLU A 98  ? PHE A 104 ? GLU A 135 PHE A 141 
B 1 GLN A 17  ? GLN A 20  ? GLN A 54  GLN A 57  
B 2 TRP A 56  ? ASN A 74  ? TRP A 93  ASN A 111 
B 3 LEU A 138 ? ARG A 145 ? LEU A 175 ARG A 182 
# 
loop_
_pdbx_struct_sheet_hbond.sheet_id 
_pdbx_struct_sheet_hbond.range_id_1 
_pdbx_struct_sheet_hbond.range_id_2 
_pdbx_struct_sheet_hbond.range_1_label_atom_id 
_pdbx_struct_sheet_hbond.range_1_label_comp_id 
_pdbx_struct_sheet_hbond.range_1_label_asym_id 
_pdbx_struct_sheet_hbond.range_1_label_seq_id 
_pdbx_struct_sheet_hbond.range_1_PDB_ins_code 
_pdbx_struct_sheet_hbond.range_1_auth_atom_id 
_pdbx_struct_sheet_hbond.range_1_auth_comp_id 
_pdbx_struct_sheet_hbond.range_1_auth_asym_id 
_pdbx_struct_sheet_hbond.range_1_auth_seq_id 
_pdbx_struct_sheet_hbond.range_2_label_atom_id 
_pdbx_struct_sheet_hbond.range_2_label_comp_id 
_pdbx_struct_sheet_hbond.range_2_label_asym_id 
_pdbx_struct_sheet_hbond.range_2_label_seq_id 
_pdbx_struct_sheet_hbond.range_2_PDB_ins_code 
_pdbx_struct_sheet_hbond.range_2_auth_atom_id 
_pdbx_struct_sheet_hbond.range_2_auth_comp_id 
_pdbx_struct_sheet_hbond.range_2_auth_asym_id 
_pdbx_struct_sheet_hbond.range_2_auth_seq_id 
A 1 2 N SER A 19  ? N SER A 56  O GLN A 58  ? O GLN A 95  
A 2 3 N LEU A 61  ? N LEU A 98  O ARG A 123 ? O ARG A 160 
A 3 4 O LYS A 126 ? O LYS A 163 N VAL A 90  ? N VAL A 127 
A 4 5 N LEU A 91  ? N LEU A 128 O VAL A 99  ? O VAL A 136 
B 1 2 N SER A 19  ? N SER A 56  O GLN A 58  ? O GLN A 95  
B 2 3 N LYS A 71  ? N LYS A 108 O GLU A 142 ? O GLU A 179 
# 
_atom_sites.entry_id                    3LEK 
_atom_sites.fract_transf_matrix[1][1]   0.00480293 
_atom_sites.fract_transf_matrix[1][2]   -0.01379244 
_atom_sites.fract_transf_matrix[1][3]   0.00306536 
_atom_sites.fract_transf_matrix[2][1]   0.00940832 
_atom_sites.fract_transf_matrix[2][2]   0.00070660 
_atom_sites.fract_transf_matrix[2][3]   -0.01156201 
_atom_sites.fract_transf_matrix[3][1]   0.00723378 
_atom_sites.fract_transf_matrix[3][2]   0.00387994 
_atom_sites.fract_transf_matrix[3][3]   0.00612344 
_atom_sites.fract_transf_vector[1]      0.264509 
_atom_sites.fract_transf_vector[2]      -0.151424 
_atom_sites.fract_transf_vector[3]      0.117614 
# 
loop_
_atom_type.symbol 
C  
CA 
N  
NI 
O  
# 
loop_
_atom_site.group_PDB 
_atom_site.id 
_atom_site.type_symbol 
_atom_site.label_atom_id 
_atom_site.label_alt_id 
_atom_site.label_comp_id 
_atom_site.label_asym_id 
_atom_site.label_entity_id 
_atom_site.label_seq_id 
_atom_site.pdbx_PDB_ins_code 
_atom_site.Cartn_x 
_atom_site.Cartn_y 
_atom_site.Cartn_z 
_atom_site.occupancy 
_atom_site.B_iso_or_equiv 
_atom_site.pdbx_formal_charge 
_atom_site.auth_seq_id 
_atom_site.auth_comp_id 
_atom_site.auth_asym_id 
_atom_site.auth_atom_id 
_atom_site.pdbx_PDB_model_num 
ATOM   1    N  N   . VAL A 1 7   ? -17.637 -5.382  3.513   1.00 33.36 ? 44  VAL A N   1 
ATOM   2    C  CA  . VAL A 1 7   ? -16.619 -4.951  4.537   1.00 33.17 ? 44  VAL A CA  1 
ATOM   3    C  C   . VAL A 1 7   ? -17.143 -3.800  5.417   1.00 33.03 ? 44  VAL A C   1 
ATOM   4    O  O   . VAL A 1 7   ? -18.129 -3.121  5.050   1.00 33.01 ? 44  VAL A O   1 
ATOM   5    C  CB  . VAL A 1 7   ? -15.199 -4.601  3.899   1.00 33.26 ? 44  VAL A CB  1 
ATOM   6    C  CG1 . VAL A 1 7   ? -14.472 -5.875  3.451   1.00 32.51 ? 44  VAL A CG1 1 
ATOM   7    C  CG2 . VAL A 1 7   ? -15.300 -3.536  2.760   1.00 31.62 ? 44  VAL A CG2 1 
ATOM   8    N  N   . GLU A 1 8   ? -16.498 -3.604  6.575   1.00 32.00 ? 45  GLU A N   1 
ATOM   9    C  CA  . GLU A 1 8   ? -16.751 -2.456  7.432   1.00 31.92 ? 45  GLU A CA  1 
ATOM   10   C  C   . GLU A 1 8   ? -16.292 -1.194  6.716   1.00 30.15 ? 45  GLU A C   1 
ATOM   11   O  O   . GLU A 1 8   ? -15.506 -1.252  5.771   1.00 29.08 ? 45  GLU A O   1 
ATOM   12   C  CB  . GLU A 1 8   ? -15.989 -2.556  8.745   1.00 32.70 ? 45  GLU A CB  1 
ATOM   13   C  CG  . GLU A 1 8   ? -16.448 -3.608  9.751   1.00 36.56 ? 45  GLU A CG  1 
ATOM   14   C  CD  . GLU A 1 8   ? -15.812 -3.328  11.106  1.00 40.47 ? 45  GLU A CD  1 
ATOM   15   O  OE1 . GLU A 1 8   ? -14.957 -2.396  11.173  1.00 41.96 ? 45  GLU A OE1 1 
ATOM   16   O  OE2 . GLU A 1 8   ? -16.159 -4.007  12.094  1.00 40.78 ? 45  GLU A OE2 1 
ATOM   17   N  N   . THR A 1 9   ? -16.798 -0.051  7.155   1.00 29.02 ? 46  THR A N   1 
ATOM   18   C  CA  . THR A 1 9   ? -16.491 1.188   6.460   1.00 28.74 ? 46  THR A CA  1 
ATOM   19   C  C   . THR A 1 9   ? -15.303 1.890   7.099   1.00 27.07 ? 46  THR A C   1 
ATOM   20   O  O   . THR A 1 9   ? -14.691 2.747   6.472   1.00 28.20 ? 46  THR A O   1 
ATOM   21   C  CB  . THR A 1 9   ? -17.708 2.147   6.445   1.00 29.26 ? 46  THR A CB  1 
ATOM   22   O  OG1 . THR A 1 9   ? -18.273 2.161   7.756   1.00 31.68 ? 46  THR A OG1 1 
ATOM   23   C  CG2 . THR A 1 9   ? -18.757 1.694   5.453   1.00 30.23 ? 46  THR A CG2 1 
ATOM   24   N  N   . GLU A 1 10  ? -14.978 1.556   8.347   1.00 25.41 ? 47  GLU A N   1 
ATOM   25   C  CA  . GLU A 1 10  ? -13.855 2.214   9.018   1.00 24.52 ? 47  GLU A CA  1 
ATOM   26   C  C   . GLU A 1 10  ? -12.522 1.862   8.320   1.00 22.62 ? 47  GLU A C   1 
ATOM   27   O  O   . GLU A 1 10  ? -12.176 0.687   8.216   1.00 19.68 ? 47  GLU A O   1 
ATOM   28   C  CB  . GLU A 1 10  ? -13.770 1.811   10.495  1.00 24.42 ? 47  GLU A CB  1 
ATOM   29   C  CG  . GLU A 1 10  ? -12.925 2.761   11.332  1.00 29.28 ? 47  GLU A CG  1 
ATOM   30   C  CD  . GLU A 1 10  ? -12.473 2.169   12.691  1.00 33.25 ? 47  GLU A CD  1 
ATOM   31   O  OE1 . GLU A 1 10  ? -13.170 1.307   13.280  1.00 35.59 ? 47  GLU A OE1 1 
ATOM   32   O  OE2 . GLU A 1 10  ? -11.409 2.570   13.178  1.00 33.18 ? 47  GLU A OE2 1 
ATOM   33   N  N   . ASN A 1 11  ? -11.778 2.886   7.874   1.00 19.87 ? 48  ASN A N   1 
ATOM   34   C  CA  . ASN A 1 11  ? -10.433 2.653   7.373   1.00 18.46 ? 48  ASN A CA  1 
ATOM   35   C  C   . ASN A 1 11  ? -9.485  2.445   8.570   1.00 16.78 ? 48  ASN A C   1 
ATOM   36   O  O   . ASN A 1 11  ? -8.993  3.403   9.167   1.00 17.32 ? 48  ASN A O   1 
ATOM   37   C  CB  . ASN A 1 11  ? -9.956  3.820   6.472   1.00 17.82 ? 48  ASN A CB  1 
ATOM   38   C  CG  . ASN A 1 11  ? -8.468  3.760   6.202   1.00 16.31 ? 48  ASN A CG  1 
ATOM   39   O  OD1 . ASN A 1 11  ? -7.866  2.699   6.316   1.00 13.15 ? 48  ASN A OD1 1 
ATOM   40   N  ND2 . ASN A 1 11  ? -7.868  4.892   5.836   1.00 11.22 ? 48  ASN A ND2 1 
ATOM   41   N  N   . ILE A 1 12  ? -9.198  1.191   8.908   1.00 16.71 ? 49  ILE A N   1 
ATOM   42   C  CA  . ILE A 1 12  ? -8.345  0.901   10.077  1.00 15.77 ? 49  ILE A CA  1 
ATOM   43   C  C   . ILE A 1 12  ? -6.844  1.158   9.852   1.00 16.14 ? 49  ILE A C   1 
ATOM   44   O  O   . ILE A 1 12  ? -6.049  1.059   10.795  1.00 16.86 ? 49  ILE A O   1 
ATOM   45   C  CB  . ILE A 1 12  ? -8.567  -0.546  10.641  1.00 15.98 ? 49  ILE A CB  1 
ATOM   46   C  CG1 . ILE A 1 12  ? -8.209  -1.644  9.626   1.00 15.71 ? 49  ILE A CG1 1 
ATOM   47   C  CG2 . ILE A 1 12  ? -10.030 -0.717  11.120  1.00 13.77 ? 49  ILE A CG2 1 
ATOM   48   C  CD1 . ILE A 1 12  ? -7.944  -3.028  10.310  1.00 13.15 ? 49  ILE A CD1 1 
ATOM   49   N  N   . ALA A 1 13  ? -6.437  1.446   8.617   1.00 15.20 ? 50  ALA A N   1 
ATOM   50   C  CA  . ALA A 1 13  ? -5.014  1.780   8.350   1.00 15.13 ? 50  ALA A CA  1 
ATOM   51   C  C   . ALA A 1 13  ? -4.668  3.228   8.764   1.00 15.49 ? 50  ALA A C   1 
ATOM   52   O  O   . ALA A 1 13  ? -3.487  3.606   8.997   1.00 15.55 ? 50  ALA A O   1 
ATOM   53   C  CB  . ALA A 1 13  ? -4.673  1.531   6.858   1.00 14.49 ? 50  ALA A CB  1 
ATOM   54   N  N   . ARG A 1 14  ? -5.708  4.032   8.915   1.00 16.62 ? 51  ARG A N   1 
ATOM   55   C  CA  . ARG A 1 14  ? -5.549  5.473   9.069   1.00 17.73 ? 51  ARG A CA  1 
ATOM   56   C  C   . ARG A 1 14  ? -4.759  5.788   10.321  1.00 17.37 ? 51  ARG A C   1 
ATOM   57   O  O   . ARG A 1 14  ? -5.121  5.315   11.393  1.00 17.53 ? 51  ARG A O   1 
ATOM   58   C  CB  . ARG A 1 14  ? -6.938  6.110   9.102   1.00 18.75 ? 51  ARG A CB  1 
ATOM   59   C  CG  . ARG A 1 14  ? -6.955  7.545   9.554   1.00 24.27 ? 51  ARG A CG  1 
ATOM   60   C  CD  . ARG A 1 14  ? -6.454  8.435   8.444   1.00 26.66 ? 51  ARG A CD  1 
ATOM   61   N  NE  . ARG A 1 14  ? -6.554  9.845   8.842   1.00 31.36 ? 51  ARG A NE  1 
ATOM   62   C  CZ  . ARG A 1 14  ? -5.587  10.526  9.451   1.00 32.98 ? 51  ARG A CZ  1 
ATOM   63   N  NH1 . ARG A 1 14  ? -5.790  11.801  9.770   1.00 34.76 ? 51  ARG A NH1 1 
ATOM   64   N  NH2 . ARG A 1 14  ? -4.421  9.942   9.739   1.00 31.69 ? 51  ARG A NH2 1 
ATOM   65   N  N   . GLY A 1 15  ? -3.649  6.532   10.199  1.00 16.16 ? 52  GLY A N   1 
ATOM   66   C  CA  . GLY A 1 15  ? -2.873  6.935   11.387  1.00 17.34 ? 52  GLY A CA  1 
ATOM   67   C  C   . GLY A 1 15  ? -2.058  5.812   12.047  1.00 18.27 ? 52  GLY A C   1 
ATOM   68   O  O   . GLY A 1 15  ? -1.417  6.024   13.073  1.00 17.44 ? 52  GLY A O   1 
ATOM   69   N  N   . LYS A 1 16  ? -2.046  4.630   11.436  1.00 17.30 ? 53  LYS A N   1 
ATOM   70   C  CA  . LYS A 1 16  ? -1.211  3.505   11.915  1.00 17.15 ? 53  LYS A CA  1 
ATOM   71   C  C   . LYS A 1 16  ? 0.290   3.677   11.601  1.00 16.93 ? 53  LYS A C   1 
ATOM   72   O  O   . LYS A 1 16  ? 0.659   4.469   10.748  1.00 17.35 ? 53  LYS A O   1 
ATOM   73   C  CB  . LYS A 1 16  ? -1.728  2.198   11.296  1.00 16.87 ? 53  LYS A CB  1 
ATOM   74   C  CG  . LYS A 1 16  ? -3.138  1.805   11.788  1.00 17.17 ? 53  LYS A CG  1 
ATOM   75   C  CD  . LYS A 1 16  ? -3.211  1.816   13.315  1.00 18.76 ? 53  LYS A CD  1 
ATOM   76   C  CE  . LYS A 1 16  ? -4.507  1.145   13.832  1.00 21.18 ? 53  LYS A CE  1 
ATOM   77   N  NZ  . LYS A 1 16  ? -5.729  1.946   13.446  1.00 20.04 ? 53  LYS A NZ  1 
ATOM   78   N  N   . GLN A 1 17  ? 1.161   2.907   12.239  1.00 16.11 ? 54  GLN A N   1 
ATOM   79   C  CA  . GLN A 1 17  ? 2.590   3.015   11.947  1.00 16.23 ? 54  GLN A CA  1 
ATOM   80   C  C   . GLN A 1 17  ? 2.902   2.472   10.542  1.00 15.21 ? 54  GLN A C   1 
ATOM   81   O  O   . GLN A 1 17  ? 2.587   1.345   10.243  1.00 15.58 ? 54  GLN A O   1 
ATOM   82   C  CB  . GLN A 1 17  ? 3.444   2.270   12.986  1.00 16.89 ? 54  GLN A CB  1 
ATOM   83   C  CG  . GLN A 1 17  ? 4.990   2.522   12.745  1.00 19.10 ? 54  GLN A CG  1 
ATOM   84   C  CD  . GLN A 1 17  ? 5.907   2.065   13.912  1.00 25.08 ? 54  GLN A CD  1 
ATOM   85   O  OE1 . GLN A 1 17  ? 7.099   2.414   13.949  1.00 26.40 ? 54  GLN A OE1 1 
ATOM   86   N  NE2 . GLN A 1 17  ? 5.364   1.276   14.836  1.00 22.69 ? 54  GLN A NE2 1 
ATOM   87   N  N   . ALA A 1 18  ? 3.539   3.253   9.690   1.00 15.11 ? 55  ALA A N   1 
ATOM   88   C  CA  . ALA A 1 18  ? 3.889   2.751   8.348   1.00 15.45 ? 55  ALA A CA  1 
ATOM   89   C  C   . ALA A 1 18  ? 5.392   2.853   8.148   1.00 16.06 ? 55  ALA A C   1 
ATOM   90   O  O   . ALA A 1 18  ? 6.060   3.656   8.828   1.00 15.95 ? 55  ALA A O   1 
ATOM   91   C  CB  . ALA A 1 18  ? 3.126   3.534   7.239   1.00 15.33 ? 55  ALA A CB  1 
ATOM   92   N  N   . SER A 1 19  ? 5.929   2.059   7.218   1.00 15.53 ? 56  SER A N   1 
ATOM   93   C  CA  . SER A 1 19  ? 7.382   2.035   6.959   1.00 15.20 ? 56  SER A CA  1 
ATOM   94   C  C   . SER A 1 19  ? 7.529   1.591   5.528   1.00 14.63 ? 56  SER A C   1 
ATOM   95   O  O   . SER A 1 19  ? 6.562   1.093   4.935   1.00 14.94 ? 56  SER A O   1 
ATOM   96   C  CB  . SER A 1 19  ? 8.105   1.048   7.895   1.00 16.33 ? 56  SER A CB  1 
ATOM   97   O  OG  . SER A 1 19  ? 7.553   -0.256  7.750   1.00 15.50 ? 56  SER A OG  1 
ATOM   98   N  N   . GLN A 1 20  ? 8.723   1.769   4.956   1.00 14.03 ? 57  GLN A N   1 
ATOM   99   C  CA  . GLN A 1 20  ? 8.951   1.362   3.585   1.00 12.83 ? 57  GLN A CA  1 
ATOM   100  C  C   . GLN A 1 20  ? 10.447  1.113   3.360   1.00 13.50 ? 57  GLN A C   1 
ATOM   101  O  O   . GLN A 1 20  ? 11.268  1.385   4.235   1.00 13.28 ? 57  GLN A O   1 
ATOM   102  C  CB  . GLN A 1 20  ? 8.372   2.421   2.594   1.00 12.50 ? 57  GLN A CB  1 
ATOM   103  C  CG  . GLN A 1 20  ? 9.022   3.809   2.765   1.00 11.86 ? 57  GLN A CG  1 
ATOM   104  C  CD  . GLN A 1 20  ? 8.271   4.925   2.029   1.00 13.27 ? 57  GLN A CD  1 
ATOM   105  O  OE1 . GLN A 1 20  ? 7.193   4.698   1.429   1.00 12.62 ? 57  GLN A OE1 1 
ATOM   106  N  NE2 . GLN A 1 20  ? 8.840   6.136   2.060   1.00 13.68 ? 57  GLN A NE2 1 
ATOM   107  N  N   . SER A 1 21  ? 10.783  0.550   2.205   1.00 14.23 ? 58  SER A N   1 
ATOM   108  C  CA  . SER A 1 21  ? 12.136  0.050   1.963   1.00 14.85 ? 58  SER A CA  1 
ATOM   109  C  C   . SER A 1 21  ? 13.179  1.160   2.073   1.00 15.15 ? 58  SER A C   1 
ATOM   110  O  O   . SER A 1 21  ? 14.232  0.962   2.662   1.00 15.75 ? 58  SER A O   1 
ATOM   111  C  CB  . SER A 1 21  ? 12.201  -0.709  0.612   1.00 14.38 ? 58  SER A CB  1 
ATOM   112  O  OG  . SER A 1 21  ? 11.563  0.026   -0.418  1.00 13.72 ? 58  SER A OG  1 
ATOM   113  N  N   . SER A 1 22  ? 12.855  2.343   1.541   1.00 14.68 ? 59  SER A N   1 
ATOM   114  C  CA  . SER A 1 22  ? 13.688  3.517   1.699   1.00 14.67 ? 59  SER A CA  1 
ATOM   115  C  C   . SER A 1 22  ? 12.802  4.746   1.464   1.00 15.07 ? 59  SER A C   1 
ATOM   116  O  O   . SER A 1 22  ? 11.656  4.616   1.020   1.00 15.57 ? 59  SER A O   1 
ATOM   117  C  CB  . SER A 1 22  ? 14.815  3.486   0.651   1.00 13.54 ? 59  SER A CB  1 
ATOM   118  O  OG  . SER A 1 22  ? 14.250  3.361   -0.641  1.00 14.53 ? 59  SER A OG  1 
ATOM   119  N  N   . THR A 1 23  ? 13.330  5.943   1.723   1.00 14.85 ? 60  THR A N   1 
ATOM   120  C  CA  . THR A 1 23  ? 12.529  7.173   1.473   1.00 14.91 ? 60  THR A CA  1 
ATOM   121  C  C   . THR A 1 23  ? 13.299  8.152   0.577   1.00 14.89 ? 60  THR A C   1 
ATOM   122  O  O   . THR A 1 23  ? 14.482  8.384   0.812   1.00 15.02 ? 60  THR A O   1 
ATOM   123  C  CB  . THR A 1 23  ? 12.136  7.820   2.817   1.00 14.87 ? 60  THR A CB  1 
ATOM   124  O  OG1 . THR A 1 23  ? 11.489  6.824   3.632   1.00 13.02 ? 60  THR A OG1 1 
ATOM   125  C  CG2 . THR A 1 23  ? 11.170  8.981   2.572   1.00 15.17 ? 60  THR A CG2 1 
ATOM   126  N  N   . ALA A 1 24  ? 12.666  8.663   -0.477  1.00 15.24 ? 61  ALA A N   1 
ATOM   127  C  CA  . ALA A 1 24  ? 13.313  9.667   -1.341  1.00 14.89 ? 61  ALA A CA  1 
ATOM   128  C  C   . ALA A 1 24  ? 12.343  10.796  -1.619  1.00 14.81 ? 61  ALA A C   1 
ATOM   129  O  O   . ALA A 1 24  ? 11.143  10.629  -1.448  1.00 14.62 ? 61  ALA A O   1 
ATOM   130  C  CB  . ALA A 1 24  ? 13.796  9.034   -2.658  1.00 14.16 ? 61  ALA A CB  1 
ATOM   131  N  N   . TYR A 1 25  ? 12.867  11.939  -2.053  1.00 14.57 ? 62  TYR A N   1 
ATOM   132  C  CA  . TYR A 1 25  ? 12.066  13.111  -2.425  1.00 14.14 ? 62  TYR A CA  1 
ATOM   133  C  C   . TYR A 1 25  ? 11.109  13.482  -1.307  1.00 15.00 ? 62  TYR A C   1 
ATOM   134  O  O   . TYR A 1 25  ? 10.033  14.042  -1.568  1.00 15.51 ? 62  TYR A O   1 
ATOM   135  C  CB  . TYR A 1 25  ? 11.275  12.871  -3.728  1.00 14.74 ? 62  TYR A CB  1 
ATOM   136  C  CG  . TYR A 1 25  ? 12.167  12.602  -4.900  1.00 15.62 ? 62  TYR A CG  1 
ATOM   137  C  CD1 . TYR A 1 25  ? 12.255  11.321  -5.451  1.00 17.71 ? 62  TYR A CD1 1 
ATOM   138  C  CD2 . TYR A 1 25  ? 12.935  13.642  -5.467  1.00 15.76 ? 62  TYR A CD2 1 
ATOM   139  C  CE1 . TYR A 1 25  ? 13.092  11.063  -6.526  1.00 18.05 ? 62  TYR A CE1 1 
ATOM   140  C  CE2 . TYR A 1 25  ? 13.780  13.387  -6.549  1.00 19.41 ? 62  TYR A CE2 1 
ATOM   141  C  CZ  . TYR A 1 25  ? 13.854  12.101  -7.056  1.00 17.62 ? 62  TYR A CZ  1 
ATOM   142  O  OH  . TYR A 1 25  ? 14.696  11.851  -8.109  1.00 22.20 ? 62  TYR A OH  1 
ATOM   143  N  N   . GLY A 1 26  ? 11.480  13.137  -0.075  1.00 15.29 ? 63  GLY A N   1 
ATOM   144  C  CA  . GLY A 1 26  ? 10.666  13.477  1.091   1.00 15.87 ? 63  GLY A CA  1 
ATOM   145  C  C   . GLY A 1 26  ? 9.357   12.718  1.197   1.00 15.59 ? 63  GLY A C   1 
ATOM   146  O  O   . GLY A 1 26  ? 8.504   13.098  2.007   1.00 16.26 ? 63  GLY A O   1 
ATOM   147  N  N   . GLY A 1 27  ? 9.209   11.627  0.422   1.00 14.69 ? 64  GLY A N   1 
ATOM   148  C  CA  . GLY A 1 27  ? 7.929   10.881  0.323   1.00 13.63 ? 64  GLY A CA  1 
ATOM   149  C  C   . GLY A 1 27  ? 7.684   9.908   1.482   1.00 14.09 ? 64  GLY A C   1 
ATOM   150  O  O   . GLY A 1 27  ? 7.647   8.700   1.278   1.00 14.56 ? 64  GLY A O   1 
ATOM   151  N  N   . ALA A 1 28  ? 7.562   10.455  2.697   1.00 14.31 ? 65  ALA A N   1 
ATOM   152  C  CA  . ALA A 1 28  ? 7.383   9.688   3.949   1.00 13.24 ? 65  ALA A CA  1 
ATOM   153  C  C   . ALA A 1 28  ? 6.319   8.614   3.850   1.00 13.02 ? 65  ALA A C   1 
ATOM   154  O  O   . ALA A 1 28  ? 5.245   8.876   3.324   1.00 13.10 ? 65  ALA A O   1 
ATOM   155  C  CB  . ALA A 1 28  ? 7.025   10.654  5.109   1.00 12.10 ? 65  ALA A CB  1 
ATOM   156  N  N   . ALA A 1 29  ? 6.631   7.420   4.361   1.00 12.55 ? 66  ALA A N   1 
ATOM   157  C  CA  . ALA A 1 29  ? 5.735   6.269   4.337   1.00 12.04 ? 66  ALA A CA  1 
ATOM   158  C  C   . ALA A 1 29  ? 4.358   6.570   4.948   1.00 12.28 ? 66  ALA A C   1 
ATOM   159  O  O   . ALA A 1 29  ? 3.361   6.006   4.502   1.00 10.89 ? 66  ALA A O   1 
ATOM   160  C  CB  . ALA A 1 29  ? 6.371   5.058   5.065   1.00 12.93 ? 66  ALA A CB  1 
ATOM   161  N  N   . THR A 1 30  ? 4.319   7.428   5.971   1.00 13.20 ? 67  THR A N   1 
ATOM   162  C  CA  . THR A 1 30  ? 3.074   7.778   6.652   1.00 14.00 ? 67  THR A CA  1 
ATOM   163  C  C   . THR A 1 30  ? 2.092   8.545   5.724   1.00 14.04 ? 67  THR A C   1 
ATOM   164  O  O   . THR A 1 30  ? 0.892   8.651   6.039   1.00 13.87 ? 67  THR A O   1 
ATOM   165  C  CB  . THR A 1 30  ? 3.340   8.622   7.939   1.00 14.57 ? 67  THR A CB  1 
ATOM   166  O  OG1 . THR A 1 30  ? 4.185   9.727   7.614   1.00 17.68 ? 67  THR A OG1 1 
ATOM   167  C  CG2 . THR A 1 30  ? 3.995   7.818   9.002   1.00 15.76 ? 67  THR A CG2 1 
ATOM   168  N  N   . ARG A 1 31  ? 2.583   9.039   4.576   1.00 13.59 ? 68  ARG A N   1 
ATOM   169  C  CA  . ARG A 1 31  ? 1.726   9.722   3.587   1.00 13.24 ? 68  ARG A CA  1 
ATOM   170  C  C   . ARG A 1 31  ? 0.695   8.786   3.005   1.00 13.27 ? 68  ARG A C   1 
ATOM   171  O  O   . ARG A 1 31  ? -0.343  9.256   2.542   1.00 13.26 ? 68  ARG A O   1 
ATOM   172  C  CB  . ARG A 1 31  ? 2.529   10.388  2.450   1.00 13.33 ? 68  ARG A CB  1 
ATOM   173  C  CG  . ARG A 1 31  ? 3.192   11.693  2.868   1.00 13.71 ? 68  ARG A CG  1 
ATOM   174  C  CD  . ARG A 1 31  ? 4.299   12.079  1.894   1.00 11.32 ? 68  ARG A CD  1 
ATOM   175  N  NE  . ARG A 1 31  ? 5.007   13.288  2.355   1.00 11.90 ? 68  ARG A NE  1 
ATOM   176  C  CZ  . ARG A 1 31  ? 5.642   14.146  1.542   1.00 11.69 ? 68  ARG A CZ  1 
ATOM   177  N  NH1 . ARG A 1 31  ? 6.242   15.232  2.041   1.00 11.99 ? 68  ARG A NH1 1 
ATOM   178  N  NH2 . ARG A 1 31  ? 5.680   13.941  0.223   1.00 9.62  ? 68  ARG A NH2 1 
ATOM   179  N  N   . ALA A 1 32  ? 0.942   7.471   3.037   1.00 12.28 ? 69  ALA A N   1 
ATOM   180  C  CA  . ALA A 1 32  ? -0.080  6.522   2.542   1.00 12.96 ? 69  ALA A CA  1 
ATOM   181  C  C   . ALA A 1 32  ? -1.217  6.219   3.551   1.00 12.99 ? 69  ALA A C   1 
ATOM   182  O  O   . ALA A 1 32  ? -2.163  5.518   3.214   1.00 12.90 ? 69  ALA A O   1 
ATOM   183  C  CB  . ALA A 1 32  ? 0.579   5.190   2.077   1.00 12.44 ? 69  ALA A CB  1 
ATOM   184  N  N   . VAL A 1 33  ? -1.101  6.698   4.786   1.00 12.81 ? 70  VAL A N   1 
ATOM   185  C  CA  . VAL A 1 33  ? -2.131  6.452   5.794   1.00 13.52 ? 70  VAL A CA  1 
ATOM   186  C  C   . VAL A 1 33  ? -2.542  7.738   6.508   1.00 14.13 ? 70  VAL A C   1 
ATOM   187  O  O   . VAL A 1 33  ? -2.936  7.705   7.678   1.00 14.62 ? 70  VAL A O   1 
ATOM   188  C  CB  . VAL A 1 33  ? -1.719  5.334   6.812   1.00 15.17 ? 70  VAL A CB  1 
ATOM   189  C  CG1 . VAL A 1 33  ? -1.652  3.965   6.084   1.00 13.43 ? 70  VAL A CG1 1 
ATOM   190  C  CG2 . VAL A 1 33  ? -0.396  5.691   7.526   1.00 15.56 ? 70  VAL A CG2 1 
ATOM   191  N  N   . ASP A 1 34  ? -2.472  8.866   5.789   1.00 14.07 ? 71  ASP A N   1 
ATOM   192  C  CA  . ASP A 1 34  ? -2.752  10.177  6.399   1.00 14.69 ? 71  ASP A CA  1 
ATOM   193  C  C   . ASP A 1 34  ? -4.190  10.648  6.182   1.00 14.36 ? 71  ASP A C   1 
ATOM   194  O  O   . ASP A 1 34  ? -4.538  11.775  6.534   1.00 14.29 ? 71  ASP A O   1 
ATOM   195  C  CB  . ASP A 1 34  ? -1.747  11.240  5.911   1.00 14.41 ? 71  ASP A CB  1 
ATOM   196  C  CG  . ASP A 1 34  ? -1.822  11.520  4.408   1.00 13.33 ? 71  ASP A CG  1 
ATOM   197  O  OD1 . ASP A 1 34  ? -2.534  10.854  3.601   1.00 15.40 ? 71  ASP A OD1 1 
ATOM   198  O  OD2 . ASP A 1 34  ? -1.088  12.453  4.000   1.00 16.21 ? 71  ASP A OD2 1 
ATOM   199  N  N   . GLY A 1 35  ? -5.029  9.787   5.613   1.00 14.28 ? 72  GLY A N   1 
ATOM   200  C  CA  . GLY A 1 35  ? -6.434  10.167  5.347   1.00 14.28 ? 72  GLY A CA  1 
ATOM   201  C  C   . GLY A 1 35  ? -6.607  11.137  4.199   1.00 14.92 ? 72  GLY A C   1 
ATOM   202  O  O   . GLY A 1 35  ? -7.609  11.864  4.121   1.00 14.08 ? 72  GLY A O   1 
ATOM   203  N  N   . ASN A 1 36  ? -5.646  11.141  3.273   1.00 14.78 ? 73  ASN A N   1 
ATOM   204  C  CA  . ASN A 1 36  ? -5.718  12.036  2.138   1.00 14.99 ? 73  ASN A CA  1 
ATOM   205  C  C   . ASN A 1 36  ? -5.316  11.272  0.871   1.00 15.71 ? 73  ASN A C   1 
ATOM   206  O  O   . ASN A 1 36  ? -4.151  10.965  0.676   1.00 14.91 ? 73  ASN A O   1 
ATOM   207  C  CB  . ASN A 1 36  ? -4.846  13.288  2.393   1.00 16.01 ? 73  ASN A CB  1 
ATOM   208  C  CG  . ASN A 1 36  ? -4.920  14.308  1.249   1.00 16.12 ? 73  ASN A CG  1 
ATOM   209  O  OD1 . ASN A 1 36  ? -5.583  14.083  0.233   1.00 16.83 ? 73  ASN A OD1 1 
ATOM   210  N  ND2 . ASN A 1 36  ? -4.212  15.425  1.408   1.00 12.12 ? 73  ASN A ND2 1 
ATOM   211  N  N   . VAL A 1 37  ? -6.296  10.962  0.015   1.00 15.16 ? 74  VAL A N   1 
ATOM   212  C  CA  . VAL A 1 37  ? -6.027  10.205  -1.209  1.00 14.88 ? 74  VAL A CA  1 
ATOM   213  C  C   . VAL A 1 37  ? -5.530  11.059  -2.400  1.00 14.64 ? 74  VAL A C   1 
ATOM   214  O  O   . VAL A 1 37  ? -5.379  10.537  -3.507  1.00 14.97 ? 74  VAL A O   1 
ATOM   215  C  CB  . VAL A 1 37  ? -7.270  9.378   -1.653  1.00 14.38 ? 74  VAL A CB  1 
ATOM   216  C  CG1 . VAL A 1 37  ? -7.785  8.523   -0.483  1.00 13.75 ? 74  VAL A CG1 1 
ATOM   217  C  CG2 . VAL A 1 37  ? -8.372  10.267  -2.252  1.00 15.29 ? 74  VAL A CG2 1 
ATOM   218  N  N   . ASP A 1 38  ? -5.309  12.354  -2.179  1.00 15.15 ? 75  ASP A N   1 
ATOM   219  C  CA  . ASP A 1 38  ? -4.829  13.265  -3.238  1.00 15.57 ? 75  ASP A CA  1 
ATOM   220  C  C   . ASP A 1 38  ? -3.570  12.659  -3.896  1.00 15.34 ? 75  ASP A C   1 
ATOM   221  O  O   . ASP A 1 38  ? -2.573  12.430  -3.233  1.00 15.46 ? 75  ASP A O   1 
ATOM   222  C  CB  . ASP A 1 38  ? -4.487  14.622  -2.624  1.00 15.08 ? 75  ASP A CB  1 
ATOM   223  C  CG  . ASP A 1 38  ? -4.220  15.705  -3.664  1.00 17.68 ? 75  ASP A CG  1 
ATOM   224  O  OD1 . ASP A 1 38  ? -4.619  16.863  -3.407  1.00 18.47 ? 75  ASP A OD1 1 
ATOM   225  O  OD2 . ASP A 1 38  ? -3.605  15.420  -4.718  1.00 17.58 ? 75  ASP A OD2 1 
ATOM   226  N  N   . SER A 1 39  ? -3.625  12.410  -5.196  1.00 15.16 ? 76  SER A N   1 
ATOM   227  C  CA  . SER A 1 39  ? -2.598  11.609  -5.829  1.00 15.69 ? 76  SER A CA  1 
ATOM   228  C  C   . SER A 1 39  ? -1.484  12.460  -6.479  1.00 15.42 ? 76  SER A C   1 
ATOM   229  O  O   . SER A 1 39  ? -0.601  11.913  -7.128  1.00 16.26 ? 76  SER A O   1 
ATOM   230  C  CB  . SER A 1 39  ? -3.249  10.674  -6.859  1.00 15.06 ? 76  SER A CB  1 
ATOM   231  O  OG  . SER A 1 39  ? -3.760  11.428  -7.942  1.00 14.28 ? 76  SER A OG  1 
ATOM   232  N  N   . ASP A 1 40  ? -1.525  13.781  -6.281  1.00 15.29 ? 77  ASP A N   1 
ATOM   233  C  CA  . ASP A 1 40  ? -0.534  14.664  -6.872  1.00 16.17 ? 77  ASP A CA  1 
ATOM   234  C  C   . ASP A 1 40  ? 0.655   14.717  -5.935  1.00 14.88 ? 77  ASP A C   1 
ATOM   235  O  O   . ASP A 1 40  ? 0.561   15.211  -4.811  1.00 15.58 ? 77  ASP A O   1 
ATOM   236  C  CB  . ASP A 1 40  ? -1.124  16.068  -7.149  1.00 16.68 ? 77  ASP A CB  1 
ATOM   237  C  CG  . ASP A 1 40  ? -0.158  17.003  -7.905  1.00 18.75 ? 77  ASP A CG  1 
ATOM   238  O  OD1 . ASP A 1 40  ? -0.695  17.825  -8.705  1.00 17.01 ? 77  ASP A OD1 1 
ATOM   239  O  OD2 . ASP A 1 40  ? 1.097   16.915  -7.725  1.00 18.13 ? 77  ASP A OD2 1 
ATOM   240  N  N   . TYR A 1 41  ? 1.783   14.185  -6.385  1.00 14.08 ? 78  TYR A N   1 
ATOM   241  C  CA  . TYR A 1 41  ? 2.983   14.169  -5.515  1.00 14.90 ? 78  TYR A CA  1 
ATOM   242  C  C   . TYR A 1 41  ? 3.260   15.552  -4.894  1.00 14.56 ? 78  TYR A C   1 
ATOM   243  O  O   . TYR A 1 41  ? 3.714   15.645  -3.732  1.00 15.43 ? 78  TYR A O   1 
ATOM   244  C  CB  . TYR A 1 41  ? 4.233   13.681  -6.283  1.00 13.35 ? 78  TYR A CB  1 
ATOM   245  C  CG  . TYR A 1 41  ? 5.341   13.326  -5.299  1.00 13.99 ? 78  TYR A CG  1 
ATOM   246  C  CD1 . TYR A 1 41  ? 6.380   14.210  -5.028  1.00 14.33 ? 78  TYR A CD1 1 
ATOM   247  C  CD2 . TYR A 1 41  ? 5.286   12.127  -4.579  1.00 14.72 ? 78  TYR A CD2 1 
ATOM   248  C  CE1 . TYR A 1 41  ? 7.353   13.880  -4.047  1.00 12.22 ? 78  TYR A CE1 1 
ATOM   249  C  CE2 . TYR A 1 41  ? 6.212   11.803  -3.624  1.00 13.65 ? 78  TYR A CE2 1 
ATOM   250  C  CZ  . TYR A 1 41  ? 7.244   12.663  -3.365  1.00 13.59 ? 78  TYR A CZ  1 
ATOM   251  O  OH  . TYR A 1 41  ? 8.184   12.310  -2.419  1.00 16.25 ? 78  TYR A OH  1 
ATOM   252  N  N   . GLY A 1 42  ? 3.008   16.614  -5.672  1.00 14.49 ? 79  GLY A N   1 
ATOM   253  C  CA  . GLY A 1 42  ? 3.296   17.997  -5.235  1.00 14.01 ? 79  GLY A CA  1 
ATOM   254  C  C   . GLY A 1 42  ? 2.426   18.441  -4.077  1.00 13.99 ? 79  GLY A C   1 
ATOM   255  O  O   . GLY A 1 42  ? 2.709   19.442  -3.456  1.00 14.52 ? 79  GLY A O   1 
ATOM   256  N  N   . HIS A 1 43  ? 1.373   17.691  -3.775  1.00 13.39 ? 80  HIS A N   1 
ATOM   257  C  CA  . HIS A 1 43  ? 0.487   18.016  -2.659  1.00 12.91 ? 80  HIS A CA  1 
ATOM   258  C  C   . HIS A 1 43  ? 0.884   17.277  -1.360  1.00 13.57 ? 80  HIS A C   1 
ATOM   259  O  O   . HIS A 1 43  ? 0.191   17.373  -0.325  1.00 12.38 ? 80  HIS A O   1 
ATOM   260  C  CB  . HIS A 1 43  ? -1.013  17.796  -3.051  1.00 13.68 ? 80  HIS A CB  1 
ATOM   261  C  CG  . HIS A 1 43  ? -1.455  18.641  -4.228  1.00 14.83 ? 80  HIS A CG  1 
ATOM   262  N  ND1 . HIS A 1 43  ? -2.659  18.455  -4.869  1.00 17.02 ? 80  HIS A ND1 1 
ATOM   263  C  CD2 . HIS A 1 43  ? -0.841  19.674  -4.881  1.00 15.63 ? 80  HIS A CD2 1 
ATOM   264  C  CE1 . HIS A 1 43  ? -2.775  19.334  -5.859  1.00 17.23 ? 80  HIS A CE1 1 
ATOM   265  N  NE2 . HIS A 1 43  ? -1.686  20.086  -5.890  1.00 17.73 ? 80  HIS A NE2 1 
ATOM   266  N  N   . HIS A 1 44  ? 2.012   16.559  -1.436  1.00 12.70 ? 81  HIS A N   1 
ATOM   267  C  CA  . HIS A 1 44  ? 2.703   15.995  -0.255  1.00 13.42 ? 81  HIS A CA  1 
ATOM   268  C  C   . HIS A 1 44  ? 1.923   14.886  0.470   1.00 12.63 ? 81  HIS A C   1 
ATOM   269  O  O   . HIS A 1 44  ? 2.131   14.684  1.680   1.00 14.02 ? 81  HIS A O   1 
ATOM   270  C  CB  . HIS A 1 44  ? 3.017   17.093  0.790   1.00 12.50 ? 81  HIS A CB  1 
ATOM   271  C  CG  . HIS A 1 44  ? 3.790   18.252  0.248   1.00 13.74 ? 81  HIS A CG  1 
ATOM   272  N  ND1 . HIS A 1 44  ? 4.964   18.106  -0.465  1.00 13.13 ? 81  HIS A ND1 1 
ATOM   273  C  CD2 . HIS A 1 44  ? 3.545   19.581  0.310   1.00 13.10 ? 81  HIS A CD2 1 
ATOM   274  C  CE1 . HIS A 1 44  ? 5.414   19.305  -0.809  1.00 17.86 ? 81  HIS A CE1 1 
ATOM   275  N  NE2 . HIS A 1 44  ? 4.573   20.216  -0.341  1.00 15.22 ? 81  HIS A NE2 1 
ATOM   276  N  N   . SER A 1 45  ? 1.036   14.196  -0.228  1.00 13.20 ? 82  SER A N   1 
ATOM   277  C  CA  . SER A 1 45  ? 0.309   13.064  0.399   1.00 13.37 ? 82  SER A CA  1 
ATOM   278  C  C   . SER A 1 45  ? 0.518   11.700  -0.282  1.00 13.12 ? 82  SER A C   1 
ATOM   279  O  O   . SER A 1 45  ? -0.310  10.747  -0.082  1.00 12.92 ? 82  SER A O   1 
ATOM   280  C  CB  . SER A 1 45  ? -1.188  13.343  0.546   1.00 12.63 ? 82  SER A CB  1 
ATOM   281  O  OG  . SER A 1 45  ? -1.681  12.457  1.562   1.00 13.08 ? 82  SER A OG  1 
ATOM   282  N  N   . VAL A 1 46  ? 1.652   11.631  -1.007  1.00 13.16 ? 83  VAL A N   1 
ATOM   283  C  CA  . VAL A 1 46  ? 2.094   10.457  -1.772  1.00 12.82 ? 83  VAL A CA  1 
ATOM   284  C  C   . VAL A 1 46  ? 3.507   10.032  -1.322  1.00 13.76 ? 83  VAL A C   1 
ATOM   285  O  O   . VAL A 1 46  ? 4.408   10.852  -1.186  1.00 14.40 ? 83  VAL A O   1 
ATOM   286  C  CB  . VAL A 1 46  ? 2.066   10.766  -3.305  1.00 13.54 ? 83  VAL A CB  1 
ATOM   287  C  CG1 . VAL A 1 46  ? 2.444   9.505   -4.159  1.00 13.10 ? 83  VAL A CG1 1 
ATOM   288  C  CG2 . VAL A 1 46  ? 0.683   11.299  -3.710  1.00 9.85  ? 83  VAL A CG2 1 
ATOM   289  N  N   . THR A 1 47  ? 3.690   8.741   -1.098  1.00 13.33 ? 84  THR A N   1 
ATOM   290  C  CA  . THR A 1 47  ? 4.960   8.210   -0.633  1.00 13.11 ? 84  THR A CA  1 
ATOM   291  C  C   . THR A 1 47  ? 5.927   8.116   -1.824  1.00 13.93 ? 84  THR A C   1 
ATOM   292  O  O   . THR A 1 47  ? 5.517   8.277   -2.986  1.00 14.02 ? 84  THR A O   1 
ATOM   293  C  CB  . THR A 1 47  ? 4.792   6.794   0.004   1.00 12.22 ? 84  THR A CB  1 
ATOM   294  O  OG1 . THR A 1 47  ? 4.538   5.836   -1.031  1.00 15.87 ? 84  THR A OG1 1 
ATOM   295  C  CG2 . THR A 1 47  ? 3.630   6.750   1.021   1.00 10.38 ? 84  THR A CG2 1 
ATOM   296  N  N   . HIS A 1 48  ? 7.202   7.854   -1.526  1.00 14.27 ? 85  HIS A N   1 
ATOM   297  C  CA  . HIS A 1 48  ? 8.222   7.672   -2.554  1.00 14.53 ? 85  HIS A CA  1 
ATOM   298  C  C   . HIS A 1 48  ? 9.431   6.961   -1.939  1.00 14.27 ? 85  HIS A C   1 
ATOM   299  O  O   . HIS A 1 48  ? 10.025  7.470   -0.972  1.00 13.44 ? 85  HIS A O   1 
ATOM   300  C  CB  . HIS A 1 48  ? 8.665   9.038   -3.119  1.00 14.12 ? 85  HIS A CB  1 
ATOM   301  C  CG  . HIS A 1 48  ? 9.162   8.990   -4.537  1.00 16.09 ? 85  HIS A CG  1 
ATOM   302  N  ND1 . HIS A 1 48  ? 10.203  8.175   -4.943  1.00 17.13 ? 85  HIS A ND1 1 
ATOM   303  C  CD2 . HIS A 1 48  ? 8.773   9.685   -5.641  1.00 18.46 ? 85  HIS A CD2 1 
ATOM   304  C  CE1 . HIS A 1 48  ? 10.420  8.355   -6.237  1.00 16.72 ? 85  HIS A CE1 1 
ATOM   305  N  NE2 . HIS A 1 48  ? 9.565   9.264   -6.686  1.00 16.82 ? 85  HIS A NE2 1 
ATOM   306  N  N   . THR A 1 49  ? 9.794   5.792   -2.481  1.00 13.82 ? 86  THR A N   1 
ATOM   307  C  CA  . THR A 1 49  ? 11.057  5.168   -2.071  1.00 13.38 ? 86  THR A CA  1 
ATOM   308  C  C   . THR A 1 49  ? 12.170  5.534   -3.078  1.00 13.79 ? 86  THR A C   1 
ATOM   309  O  O   . THR A 1 49  ? 11.917  6.227   -4.049  1.00 14.82 ? 86  THR A O   1 
ATOM   310  C  CB  . THR A 1 49  ? 10.957  3.607   -2.043  1.00 13.85 ? 86  THR A CB  1 
ATOM   311  O  OG1 . THR A 1 49  ? 10.837  3.121   -3.384  1.00 11.46 ? 86  THR A OG1 1 
ATOM   312  C  CG2 . THR A 1 49  ? 9.767   3.155   -1.229  1.00 13.83 ? 86  THR A CG2 1 
ATOM   313  N  N   . ASN A 1 50  ? 13.385  5.065   -2.830  1.00 14.25 ? 87  ASN A N   1 
ATOM   314  C  CA  . ASN A 1 50  ? 14.497  5.149   -3.804  1.00 15.41 ? 87  ASN A CA  1 
ATOM   315  C  C   . ASN A 1 50  ? 14.139  4.353   -5.045  1.00 15.55 ? 87  ASN A C   1 
ATOM   316  O  O   . ASN A 1 50  ? 13.306  3.448   -4.978  1.00 14.24 ? 87  ASN A O   1 
ATOM   317  C  CB  . ASN A 1 50  ? 15.759  4.498   -3.207  1.00 16.01 ? 87  ASN A CB  1 
ATOM   318  C  CG  . ASN A 1 50  ? 16.331  5.292   -2.028  1.00 17.92 ? 87  ASN A CG  1 
ATOM   319  O  OD1 . ASN A 1 50  ? 15.939  6.448   -1.788  1.00 18.78 ? 87  ASN A OD1 1 
ATOM   320  N  ND2 . ASN A 1 50  ? 17.265  4.685   -1.303  1.00 15.54 ? 87  ASN A ND2 1 
ATOM   321  N  N   . PHE A 1 51  ? 14.733  4.714   -6.185  1.00 16.38 ? 88  PHE A N   1 
ATOM   322  C  CA  . PHE A 1 51  ? 14.772  3.819   -7.339  1.00 17.06 ? 88  PHE A CA  1 
ATOM   323  C  C   . PHE A 1 51  ? 15.605  2.627   -6.903  1.00 17.56 ? 88  PHE A C   1 
ATOM   324  O  O   . PHE A 1 51  ? 16.830  2.736   -6.768  1.00 18.34 ? 88  PHE A O   1 
ATOM   325  C  CB  . PHE A 1 51  ? 15.431  4.504   -8.544  1.00 17.75 ? 88  PHE A CB  1 
ATOM   326  C  CG  . PHE A 1 51  ? 14.542  5.506   -9.243  1.00 17.71 ? 88  PHE A CG  1 
ATOM   327  C  CD1 . PHE A 1 51  ? 13.964  5.201   -10.474 1.00 19.37 ? 88  PHE A CD1 1 
ATOM   328  C  CD2 . PHE A 1 51  ? 14.296  6.756   -8.675  1.00 19.90 ? 88  PHE A CD2 1 
ATOM   329  C  CE1 . PHE A 1 51  ? 13.129  6.128   -11.135 1.00 21.97 ? 88  PHE A CE1 1 
ATOM   330  C  CE2 . PHE A 1 51  ? 13.457  7.688   -9.311  1.00 21.86 ? 88  PHE A CE2 1 
ATOM   331  C  CZ  . PHE A 1 51  ? 12.873  7.385   -10.537 1.00 20.84 ? 88  PHE A CZ  1 
ATOM   332  N  N   . GLU A 1 52  ? 14.949  1.508   -6.624  1.00 17.09 ? 89  GLU A N   1 
ATOM   333  C  CA  . GLU A 1 52  ? 15.670  0.321   -6.142  1.00 18.05 ? 89  GLU A CA  1 
ATOM   334  C  C   . GLU A 1 52  ? 14.969  -0.955  -6.588  1.00 17.91 ? 89  GLU A C   1 
ATOM   335  O  O   . GLU A 1 52  ? 13.866  -0.891  -7.193  1.00 18.67 ? 89  GLU A O   1 
ATOM   336  C  CB  . GLU A 1 52  ? 15.768  0.361   -4.600  1.00 18.10 ? 89  GLU A CB  1 
ATOM   337  C  CG  . GLU A 1 52  ? 14.400  0.381   -3.891  1.00 18.95 ? 89  GLU A CG  1 
ATOM   338  C  CD  . GLU A 1 52  ? 14.515  0.529   -2.373  1.00 22.13 ? 89  GLU A CD  1 
ATOM   339  O  OE1 . GLU A 1 52  ? 15.552  0.143   -1.793  1.00 21.59 ? 89  GLU A OE1 1 
ATOM   340  O  OE2 . GLU A 1 52  ? 13.571  1.020   -1.754  1.00 20.32 ? 89  GLU A OE2 1 
ATOM   341  N  N   . ASP A 1 53  ? 15.575  -2.112  -6.279  1.00 17.61 ? 90  ASP A N   1 
ATOM   342  C  CA  . ASP A 1 53  ? 14.935  -3.398  -6.585  1.00 18.40 ? 90  ASP A CA  1 
ATOM   343  C  C   . ASP A 1 53  ? 13.977  -3.801  -5.476  1.00 18.56 ? 90  ASP A C   1 
ATOM   344  O  O   . ASP A 1 53  ? 14.317  -3.704  -4.302  1.00 18.88 ? 90  ASP A O   1 
ATOM   345  C  CB  . ASP A 1 53  ? 15.956  -4.526  -6.774  1.00 18.61 ? 90  ASP A CB  1 
ATOM   346  C  CG  . ASP A 1 53  ? 16.964  -4.239  -7.873  1.00 19.65 ? 90  ASP A CG  1 
ATOM   347  O  OD1 . ASP A 1 53  ? 16.757  -3.296  -8.673  1.00 18.26 ? 90  ASP A OD1 1 
ATOM   348  O  OD2 . ASP A 1 53  ? 17.980  -4.971  -7.915  1.00 22.04 ? 90  ASP A OD2 1 
ATOM   349  N  N   . ASN A 1 54  ? 12.784  -4.249  -5.857  1.00 19.20 ? 91  ASN A N   1 
ATOM   350  C  CA  . ASN A 1 54  ? 11.865  -4.872  -4.908  1.00 18.97 ? 91  ASN A CA  1 
ATOM   351  C  C   . ASN A 1 54  ? 11.499  -3.905  -3.779  1.00 18.63 ? 91  ASN A C   1 
ATOM   352  O  O   . ASN A 1 54  ? 11.526  -4.278  -2.591  1.00 18.56 ? 91  ASN A O   1 
ATOM   353  C  CB  . ASN A 1 54  ? 12.491  -6.161  -4.329  1.00 19.99 ? 91  ASN A CB  1 
ATOM   354  C  CG  . ASN A 1 54  ? 12.793  -7.180  -5.419  1.00 24.22 ? 91  ASN A CG  1 
ATOM   355  O  OD1 . ASN A 1 54  ? 11.984  -7.393  -6.334  1.00 26.08 ? 91  ASN A OD1 1 
ATOM   356  N  ND2 . ASN A 1 54  ? 13.998  -7.765  -5.364  1.00 27.58 ? 91  ASN A ND2 1 
ATOM   357  N  N   . ALA A 1 55  ? 11.185  -2.664  -4.158  1.00 16.87 ? 92  ALA A N   1 
ATOM   358  C  CA  . ALA A 1 55  ? 10.736  -1.644  -3.200  1.00 16.54 ? 92  ALA A CA  1 
ATOM   359  C  C   . ALA A 1 55  ? 9.472   -2.148  -2.482  1.00 15.86 ? 92  ALA A C   1 
ATOM   360  O  O   . ALA A 1 55  ? 8.708   -2.932  -3.044  1.00 16.25 ? 92  ALA A O   1 
ATOM   361  C  CB  . ALA A 1 55  ? 10.455  -0.332  -3.918  1.00 15.23 ? 92  ALA A CB  1 
ATOM   362  N  N   . TRP A 1 56  ? 9.281   -1.750  -1.221  1.00 15.89 ? 93  TRP A N   1 
ATOM   363  C  CA  . TRP A 1 56  ? 8.140   -2.215  -0.466  1.00 15.54 ? 93  TRP A CA  1 
ATOM   364  C  C   . TRP A 1 56  ? 7.677   -1.113  0.498   1.00 14.28 ? 93  TRP A C   1 
ATOM   365  O  O   . TRP A 1 56  ? 8.417   -0.192  0.780   1.00 14.43 ? 93  TRP A O   1 
ATOM   366  C  CB  . TRP A 1 56  ? 8.425   -3.549  0.251   1.00 14.98 ? 93  TRP A CB  1 
ATOM   367  C  CG  . TRP A 1 56  ? 9.539   -3.475  1.277   1.00 16.31 ? 93  TRP A CG  1 
ATOM   368  C  CD1 . TRP A 1 56  ? 10.850  -3.888  1.099   1.00 17.52 ? 93  TRP A CD1 1 
ATOM   369  C  CD2 . TRP A 1 56  ? 9.460   -2.962  2.613   1.00 16.78 ? 93  TRP A CD2 1 
ATOM   370  N  NE1 . TRP A 1 56  ? 11.567  -3.676  2.237   1.00 18.52 ? 93  TRP A NE1 1 
ATOM   371  C  CE2 . TRP A 1 56  ? 10.751  -3.111  3.189   1.00 16.48 ? 93  TRP A CE2 1 
ATOM   372  C  CE3 . TRP A 1 56  ? 8.416   -2.420  3.399   1.00 15.66 ? 93  TRP A CE3 1 
ATOM   373  C  CZ2 . TRP A 1 56  ? 11.041  -2.720  4.510   1.00 18.74 ? 93  TRP A CZ2 1 
ATOM   374  C  CZ3 . TRP A 1 56  ? 8.699   -2.036  4.705   1.00 13.91 ? 93  TRP A CZ3 1 
ATOM   375  C  CH2 . TRP A 1 56  ? 10.019  -2.154  5.244   1.00 18.13 ? 93  TRP A CH2 1 
ATOM   376  N  N   . TRP A 1 57  ? 6.430   -1.218  0.935   1.00 13.64 ? 94  TRP A N   1 
ATOM   377  C  CA  . TRP A 1 57  ? 5.810   -0.294  1.892   1.00 13.54 ? 94  TRP A CA  1 
ATOM   378  C  C   . TRP A 1 57  ? 4.919   -1.180  2.779   1.00 13.86 ? 94  TRP A C   1 
ATOM   379  O  O   . TRP A 1 57  ? 4.366   -2.180  2.294   1.00 14.89 ? 94  TRP A O   1 
ATOM   380  C  CB  . TRP A 1 57  ? 4.963   0.748   1.150   1.00 13.13 ? 94  TRP A CB  1 
ATOM   381  C  CG  . TRP A 1 57  ? 4.121   1.599   2.067   1.00 13.91 ? 94  TRP A CG  1 
ATOM   382  C  CD1 . TRP A 1 57  ? 4.434   2.847   2.534   1.00 11.64 ? 94  TRP A CD1 1 
ATOM   383  C  CD2 . TRP A 1 57  ? 2.823   1.269   2.617   1.00 11.28 ? 94  TRP A CD2 1 
ATOM   384  N  NE1 . TRP A 1 57  ? 3.409   3.315   3.356   1.00 10.08 ? 94  TRP A NE1 1 
ATOM   385  C  CE2 . TRP A 1 57  ? 2.416   2.374   3.416   1.00 11.43 ? 94  TRP A CE2 1 
ATOM   386  C  CE3 . TRP A 1 57  ? 1.966   0.153   2.507   1.00 11.49 ? 94  TRP A CE3 1 
ATOM   387  C  CZ2 . TRP A 1 57  ? 1.208   2.384   4.123   1.00 11.19 ? 94  TRP A CZ2 1 
ATOM   388  C  CZ3 . TRP A 1 57  ? 0.753   0.166   3.197   1.00 10.46 ? 94  TRP A CZ3 1 
ATOM   389  C  CH2 . TRP A 1 57  ? 0.391   1.265   4.005   1.00 13.00 ? 94  TRP A CH2 1 
ATOM   390  N  N   . GLN A 1 58  ? 4.786   -0.836  4.066   1.00 13.81 ? 95  GLN A N   1 
ATOM   391  C  CA  . GLN A 1 58  ? 4.059   -1.679  5.019   1.00 13.45 ? 95  GLN A CA  1 
ATOM   392  C  C   . GLN A 1 58  ? 3.335   -0.807  6.018   1.00 13.61 ? 95  GLN A C   1 
ATOM   393  O  O   . GLN A 1 58  ? 3.836   0.267   6.353   1.00 13.98 ? 95  GLN A O   1 
ATOM   394  C  CB  . GLN A 1 58  ? 5.054   -2.513  5.796   1.00 14.80 ? 95  GLN A CB  1 
ATOM   395  C  CG  . GLN A 1 58  ? 4.412   -3.464  6.797   1.00 18.60 ? 95  GLN A CG  1 
ATOM   396  C  CD  . GLN A 1 58  ? 5.443   -4.362  7.428   1.00 21.08 ? 95  GLN A CD  1 
ATOM   397  O  OE1 . GLN A 1 58  ? 6.090   -3.986  8.394   1.00 24.15 ? 95  GLN A OE1 1 
ATOM   398  N  NE2 . GLN A 1 58  ? 5.596   -5.545  6.884   1.00 21.02 ? 95  GLN A NE2 1 
ATOM   399  N  N   . VAL A 1 59  ? 2.154   -1.250  6.458   1.00 12.64 ? 96  VAL A N   1 
ATOM   400  C  CA  . VAL A 1 59  ? 1.464   -0.635  7.583   1.00 12.63 ? 96  VAL A CA  1 
ATOM   401  C  C   . VAL A 1 59  ? 1.279   -1.722  8.640   1.00 12.60 ? 96  VAL A C   1 
ATOM   402  O  O   . VAL A 1 59  ? 0.934   -2.865  8.328   1.00 13.14 ? 96  VAL A O   1 
ATOM   403  C  CB  . VAL A 1 59  ? 0.095   0.021   7.192   1.00 10.85 ? 96  VAL A CB  1 
ATOM   404  C  CG1 . VAL A 1 59  ? -0.855  -0.942  6.481   1.00 11.71 ? 96  VAL A CG1 1 
ATOM   405  C  CG2 . VAL A 1 59  ? -0.575  0.725   8.404   1.00 12.05 ? 96  VAL A CG2 1 
ATOM   406  N  N   . ASP A 1 60  ? 1.546   -1.356  9.883   1.00 13.95 ? 97  ASP A N   1 
ATOM   407  C  CA  . ASP A 1 60  ? 1.249   -2.196  11.050  1.00 14.34 ? 97  ASP A CA  1 
ATOM   408  C  C   . ASP A 1 60  ? -0.122  -1.792  11.599  1.00 16.06 ? 97  ASP A C   1 
ATOM   409  O  O   . ASP A 1 60  ? -0.290  -0.669  12.141  1.00 16.82 ? 97  ASP A O   1 
ATOM   410  C  CB  . ASP A 1 60  ? 2.357   -1.965  12.064  1.00 15.04 ? 97  ASP A CB  1 
ATOM   411  C  CG  . ASP A 1 60  ? 2.182   -2.750  13.344  1.00 16.99 ? 97  ASP A CG  1 
ATOM   412  O  OD1 . ASP A 1 60  ? 1.214   -3.515  13.481  1.00 14.83 ? 97  ASP A OD1 1 
ATOM   413  O  OD2 . ASP A 1 60  ? 3.062   -2.581  14.211  1.00 17.64 ? 97  ASP A OD2 1 
ATOM   414  N  N   . LEU A 1 61  ? -1.100  -2.701  11.519  1.00 14.82 ? 98  LEU A N   1 
ATOM   415  C  CA  . LEU A 1 61  ? -2.455  -2.429  12.067  1.00 15.22 ? 98  LEU A CA  1 
ATOM   416  C  C   . LEU A 1 61  ? -2.463  -2.351  13.593  1.00 15.98 ? 98  LEU A C   1 
ATOM   417  O  O   . LEU A 1 61  ? -3.466  -1.937  14.198  1.00 16.00 ? 98  LEU A O   1 
ATOM   418  C  CB  . LEU A 1 61  ? -3.456  -3.476  11.568  1.00 13.58 ? 98  LEU A CB  1 
ATOM   419  C  CG  . LEU A 1 61  ? -3.607  -3.557  10.029  1.00 14.11 ? 98  LEU A CG  1 
ATOM   420  C  CD1 . LEU A 1 61  ? -4.463  -4.732  9.576   1.00 15.08 ? 98  LEU A CD1 1 
ATOM   421  C  CD2 . LEU A 1 61  ? -4.086  -2.222  9.336   1.00 16.36 ? 98  LEU A CD2 1 
ATOM   422  N  N   . GLY A 1 62  ? -1.375  -2.812  14.210  1.00 16.16 ? 99  GLY A N   1 
ATOM   423  C  CA  . GLY A 1 62  ? -1.163  -2.663  15.654  1.00 18.17 ? 99  GLY A CA  1 
ATOM   424  C  C   . GLY A 1 62  ? -1.715  -3.826  16.458  1.00 19.60 ? 99  GLY A C   1 
ATOM   425  O  O   . GLY A 1 62  ? -1.335  -4.034  17.605  1.00 20.17 ? 99  GLY A O   1 
ATOM   426  N  N   . LYS A 1 63  ? -2.647  -4.553  15.857  1.00 19.70 ? 100 LYS A N   1 
ATOM   427  C  CA  . LYS A 1 63  ? -3.128  -5.822  16.411  1.00 20.33 ? 100 LYS A CA  1 
ATOM   428  C  C   . LYS A 1 63  ? -3.602  -6.671  15.243  1.00 19.12 ? 100 LYS A C   1 
ATOM   429  O  O   . LYS A 1 63  ? -3.608  -6.183  14.096  1.00 19.05 ? 100 LYS A O   1 
ATOM   430  C  CB  . LYS A 1 63  ? -4.248  -5.596  17.437  1.00 20.69 ? 100 LYS A CB  1 
ATOM   431  C  CG  . LYS A 1 63  ? -5.490  -4.818  16.948  1.00 24.57 ? 100 LYS A CG  1 
ATOM   432  C  CD  . LYS A 1 63  ? -6.318  -4.397  18.184  1.00 30.80 ? 100 LYS A CD  1 
ATOM   433  C  CE  . LYS A 1 63  ? -7.435  -3.409  17.864  1.00 36.19 ? 100 LYS A CE  1 
ATOM   434  N  NZ  . LYS A 1 63  ? -8.608  -4.083  17.200  1.00 39.42 ? 100 LYS A NZ  1 
ATOM   435  N  N   . THR A 1 64  ? -3.989  -7.926  15.512  1.00 18.34 ? 101 THR A N   1 
ATOM   436  C  CA  . THR A 1 64  ? -4.507  -8.804  14.458  1.00 16.64 ? 101 THR A CA  1 
ATOM   437  C  C   . THR A 1 64  ? -5.977  -8.548  14.170  1.00 17.17 ? 101 THR A C   1 
ATOM   438  O  O   . THR A 1 64  ? -6.806  -8.548  15.083  1.00 17.70 ? 101 THR A O   1 
ATOM   439  C  CB  . THR A 1 64  ? -4.261  -10.298 14.804  1.00 17.20 ? 101 THR A CB  1 
ATOM   440  O  OG1 . THR A 1 64  ? -2.854  -10.499 14.908  1.00 14.77 ? 101 THR A OG1 1 
ATOM   441  C  CG2 . THR A 1 64  ? -4.860  -11.220 13.702  1.00 14.01 ? 101 THR A CG2 1 
ATOM   442  N  N   . GLU A 1 65  ? -6.281  -8.306  12.903  1.00 15.88 ? 102 GLU A N   1 
ATOM   443  C  CA  . GLU A 1 65  ? -7.621  -7.947  12.472  1.00 16.80 ? 102 GLU A CA  1 
ATOM   444  C  C   . GLU A 1 65  ? -8.043  -8.864  11.365  1.00 16.77 ? 102 GLU A C   1 
ATOM   445  O  O   . GLU A 1 65  ? -7.195  -9.344  10.591  1.00 17.73 ? 102 GLU A O   1 
ATOM   446  C  CB  . GLU A 1 65  ? -7.625  -6.525  11.896  1.00 16.43 ? 102 GLU A CB  1 
ATOM   447  C  CG  . GLU A 1 65  ? -7.154  -5.492  12.851  1.00 17.39 ? 102 GLU A CG  1 
ATOM   448  C  CD  . GLU A 1 65  ? -8.234  -5.071  13.826  1.00 21.82 ? 102 GLU A CD  1 
ATOM   449  O  OE1 . GLU A 1 65  ? -8.022  -4.064  14.529  1.00 24.71 ? 102 GLU A OE1 1 
ATOM   450  O  OE2 . GLU A 1 65  ? -9.291  -5.729  13.881  1.00 20.54 ? 102 GLU A OE2 1 
ATOM   451  N  N   . ASN A 1 66  ? -9.346  -9.098  11.281  1.00 17.01 ? 103 ASN A N   1 
ATOM   452  C  CA  . ASN A 1 66  ? -9.899  -9.858  10.184  1.00 17.96 ? 103 ASN A CA  1 
ATOM   453  C  C   . ASN A 1 66  ? -10.161 -8.964  8.965   1.00 19.13 ? 103 ASN A C   1 
ATOM   454  O  O   . ASN A 1 66  ? -11.151 -8.211  8.914   1.00 19.25 ? 103 ASN A O   1 
ATOM   455  C  CB  . ASN A 1 66  ? -11.162 -10.627 10.574  1.00 18.22 ? 103 ASN A CB  1 
ATOM   456  C  CG  . ASN A 1 66  ? -11.442 -11.751 9.600   1.00 17.90 ? 103 ASN A CG  1 
ATOM   457  O  OD1 . ASN A 1 66  ? -12.005 -11.536 8.534   1.00 20.57 ? 103 ASN A OD1 1 
ATOM   458  N  ND2 . ASN A 1 66  ? -10.923 -12.932 9.907   1.00 19.60 ? 103 ASN A ND2 1 
ATOM   459  N  N   . VAL A 1 67  ? -9.267  -9.083  7.987   1.00 19.38 ? 104 VAL A N   1 
ATOM   460  C  CA  . VAL A 1 67  ? -9.174  -8.179  6.843   1.00 19.30 ? 104 VAL A CA  1 
ATOM   461  C  C   . VAL A 1 67  ? -9.913  -8.748  5.659   1.00 19.74 ? 104 VAL A C   1 
ATOM   462  O  O   . VAL A 1 67  ? -9.692  -9.903  5.248   1.00 20.62 ? 104 VAL A O   1 
ATOM   463  C  CB  . VAL A 1 67  ? -7.689  -7.912  6.430   1.00 18.62 ? 104 VAL A CB  1 
ATOM   464  C  CG1 . VAL A 1 67  ? -7.623  -7.120  5.095   1.00 18.99 ? 104 VAL A CG1 1 
ATOM   465  C  CG2 . VAL A 1 67  ? -6.955  -7.137  7.519   1.00 20.50 ? 104 VAL A CG2 1 
ATOM   466  N  N   . GLY A 1 68  ? -10.795 -7.916  5.114   1.00 19.93 ? 105 GLY A N   1 
ATOM   467  C  CA  . GLY A 1 68  ? -11.484 -8.242  3.921   1.00 19.20 ? 105 GLY A CA  1 
ATOM   468  C  C   . GLY A 1 68  ? -11.171 -7.401  2.704   1.00 18.18 ? 105 GLY A C   1 
ATOM   469  O  O   . GLY A 1 68  ? -11.407 -7.858  1.601   1.00 18.34 ? 105 GLY A O   1 
ATOM   470  N  N   . LYS A 1 69  ? -10.670 -6.177  2.887   1.00 17.96 ? 106 LYS A N   1 
ATOM   471  C  CA  . LYS A 1 69  ? -10.400 -5.282  1.736   1.00 17.25 ? 106 LYS A CA  1 
ATOM   472  C  C   . LYS A 1 69  ? -9.209  -4.385  1.991   1.00 16.38 ? 106 LYS A C   1 
ATOM   473  O  O   . LYS A 1 69  ? -9.102  -3.776  3.061   1.00 15.63 ? 106 LYS A O   1 
ATOM   474  C  CB  . LYS A 1 69  ? -11.604 -4.384  1.435   1.00 17.71 ? 106 LYS A CB  1 
ATOM   475  C  CG  . LYS A 1 69  ? -11.558 -3.766  0.015   1.00 18.32 ? 106 LYS A CG  1 
ATOM   476  C  CD  . LYS A 1 69  ? -12.276 -2.440  -0.055  1.00 21.91 ? 106 LYS A CD  1 
ATOM   477  C  CE  . LYS A 1 69  ? -13.674 -2.579  -0.479  1.00 25.42 ? 106 LYS A CE  1 
ATOM   478  N  NZ  . LYS A 1 69  ? -14.170 -1.306  -1.139  1.00 25.83 ? 106 LYS A NZ  1 
ATOM   479  N  N   . VAL A 1 70  ? -8.332  -4.312  1.002   1.00 16.19 ? 107 VAL A N   1 
ATOM   480  C  CA  . VAL A 1 70  ? -7.225  -3.338  1.001   1.00 15.65 ? 107 VAL A CA  1 
ATOM   481  C  C   . VAL A 1 70  ? -7.394  -2.511  -0.274  1.00 15.90 ? 107 VAL A C   1 
ATOM   482  O  O   . VAL A 1 70  ? -7.520  -3.064  -1.351  1.00 16.09 ? 107 VAL A O   1 
ATOM   483  C  CB  . VAL A 1 70  ? -5.860  -4.053  0.977   1.00 16.18 ? 107 VAL A CB  1 
ATOM   484  C  CG1 . VAL A 1 70  ? -4.662  -3.040  0.814   1.00 13.27 ? 107 VAL A CG1 1 
ATOM   485  C  CG2 . VAL A 1 70  ? -5.686  -4.935  2.270   1.00 16.13 ? 107 VAL A CG2 1 
ATOM   486  N  N   . LYS A 1 71  ? -7.399  -1.185  -0.155  1.00 15.68 ? 108 LYS A N   1 
ATOM   487  C  CA  . LYS A 1 71  ? -7.564  -0.338  -1.343  1.00 15.53 ? 108 LYS A CA  1 
ATOM   488  C  C   . LYS A 1 71  ? -6.307  0.484   -1.560  1.00 15.09 ? 108 LYS A C   1 
ATOM   489  O  O   . LYS A 1 71  ? -5.883  1.200   -0.672  1.00 14.34 ? 108 LYS A O   1 
ATOM   490  C  CB  . LYS A 1 71  ? -8.749  0.603   -1.174  1.00 15.50 ? 108 LYS A CB  1 
ATOM   491  C  CG  . LYS A 1 71  ? -9.231  1.210   -2.484  1.00 18.25 ? 108 LYS A CG  1 
ATOM   492  C  CD  . LYS A 1 71  ? -10.521 1.976   -2.228  1.00 22.49 ? 108 LYS A CD  1 
ATOM   493  C  CE  . LYS A 1 71  ? -11.097 2.608   -3.492  1.00 24.31 ? 108 LYS A CE  1 
ATOM   494  N  NZ  . LYS A 1 71  ? -12.113 3.592   -3.018  1.00 25.83 ? 108 LYS A NZ  1 
ATOM   495  N  N   . LEU A 1 72  ? -5.731  0.372   -2.755  1.00 14.55 ? 109 LEU A N   1 
ATOM   496  C  CA  . LEU A 1 72  ? -4.558  1.144   -3.106  1.00 15.07 ? 109 LEU A CA  1 
ATOM   497  C  C   . LEU A 1 72  ? -4.986  2.334   -3.956  1.00 15.08 ? 109 LEU A C   1 
ATOM   498  O  O   . LEU A 1 72  ? -5.774  2.165   -4.890  1.00 15.27 ? 109 LEU A O   1 
ATOM   499  C  CB  . LEU A 1 72  ? -3.602  0.301   -3.935  1.00 13.72 ? 109 LEU A CB  1 
ATOM   500  C  CG  . LEU A 1 72  ? -3.199  -1.069  -3.402  1.00 16.32 ? 109 LEU A CG  1 
ATOM   501  C  CD1 . LEU A 1 72  ? -2.028  -1.597  -4.220  1.00 15.63 ? 109 LEU A CD1 1 
ATOM   502  C  CD2 . LEU A 1 72  ? -2.804  -0.965  -1.953  1.00 17.63 ? 109 LEU A CD2 1 
ATOM   503  N  N   . TYR A 1 73  ? -4.426  3.503   -3.668  1.00 14.94 ? 110 TYR A N   1 
ATOM   504  C  CA  . TYR A 1 73  ? -4.616  4.679   -4.526  1.00 15.19 ? 110 TYR A CA  1 
ATOM   505  C  C   . TYR A 1 73  ? -3.255  5.022   -5.139  1.00 15.30 ? 110 TYR A C   1 
ATOM   506  O  O   . TYR A 1 73  ? -2.262  5.230   -4.415  1.00 14.85 ? 110 TYR A O   1 
ATOM   507  C  CB  . TYR A 1 73  ? -5.131  5.851   -3.716  1.00 15.20 ? 110 TYR A CB  1 
ATOM   508  C  CG  . TYR A 1 73  ? -6.511  5.645   -3.119  1.00 15.28 ? 110 TYR A CG  1 
ATOM   509  C  CD1 . TYR A 1 73  ? -7.626  6.277   -3.665  1.00 14.64 ? 110 TYR A CD1 1 
ATOM   510  C  CD2 . TYR A 1 73  ? -6.687  4.851   -1.993  1.00 14.59 ? 110 TYR A CD2 1 
ATOM   511  C  CE1 . TYR A 1 73  ? -8.886  6.130   -3.116  1.00 15.69 ? 110 TYR A CE1 1 
ATOM   512  C  CE2 . TYR A 1 73  ? -7.940  4.658   -1.452  1.00 14.08 ? 110 TYR A CE2 1 
ATOM   513  C  CZ  . TYR A 1 73  ? -9.044  5.315   -2.012  1.00 15.94 ? 110 TYR A CZ  1 
ATOM   514  O  OH  . TYR A 1 73  ? -10.283 5.164   -1.433  1.00 16.94 ? 110 TYR A OH  1 
ATOM   515  N  N   . ASN A 1 74  ? -3.203  5.037   -6.468  1.00 15.13 ? 111 ASN A N   1 
ATOM   516  C  CA  . ASN A 1 74  ? -1.936  5.260   -7.190  1.00 15.66 ? 111 ASN A CA  1 
ATOM   517  C  C   . ASN A 1 74  ? -1.552  6.746   -7.201  1.00 16.22 ? 111 ASN A C   1 
ATOM   518  O  O   . ASN A 1 74  ? -2.427  7.626   -7.035  1.00 15.30 ? 111 ASN A O   1 
ATOM   519  C  CB  . ASN A 1 74  ? -2.035  4.722   -8.630  1.00 15.44 ? 111 ASN A CB  1 
ATOM   520  C  CG  . ASN A 1 74  ? -0.671  4.368   -9.222  1.00 16.25 ? 111 ASN A CG  1 
ATOM   521  O  OD1 . ASN A 1 74  ? 0.339   4.586   -8.587  1.00 18.17 ? 111 ASN A OD1 1 
ATOM   522  N  ND2 . ASN A 1 74  ? -0.650  3.816   -10.452 1.00 16.22 ? 111 ASN A ND2 1 
ATOM   523  N  N   . ARG A 1 75  ? -0.258  7.022   -7.385  1.00 16.29 ? 112 ARG A N   1 
ATOM   524  C  CA  . ARG A 1 75  ? 0.183   8.377   -7.746  1.00 16.85 ? 112 ARG A CA  1 
ATOM   525  C  C   . ARG A 1 75  ? -0.421  8.766   -9.131  1.00 17.75 ? 112 ARG A C   1 
ATOM   526  O  O   . ARG A 1 75  ? -0.514  7.917   -10.025 1.00 18.00 ? 112 ARG A O   1 
ATOM   527  C  CB  . ARG A 1 75  ? 1.709   8.438   -7.782  1.00 16.14 ? 112 ARG A CB  1 
ATOM   528  C  CG  . ARG A 1 75  ? 2.266   9.807   -8.224  1.00 14.30 ? 112 ARG A CG  1 
ATOM   529  C  CD  . ARG A 1 75  ? 3.820   9.796   -8.332  1.00 13.96 ? 112 ARG A CD  1 
ATOM   530  N  NE  . ARG A 1 75  ? 4.291   11.148  -8.670  1.00 13.98 ? 112 ARG A NE  1 
ATOM   531  C  CZ  . ARG A 1 75  ? 5.562   11.516  -8.765  1.00 17.10 ? 112 ARG A CZ  1 
ATOM   532  N  NH1 . ARG A 1 75  ? 6.555   10.629  -8.543  1.00 13.48 ? 112 ARG A NH1 1 
ATOM   533  N  NH2 . ARG A 1 75  ? 5.834   12.790  -9.082  1.00 18.42 ? 112 ARG A NH2 1 
ATOM   534  N  N   . GLY A 1 76  ? -0.801  10.034  -9.290  1.00 18.11 ? 113 GLY A N   1 
ATOM   535  C  CA  . GLY A 1 76  ? -1.550  10.504  -10.472 1.00 19.04 ? 113 GLY A CA  1 
ATOM   536  C  C   . GLY A 1 76  ? -0.856  11.573  -11.300 1.00 20.47 ? 113 GLY A C   1 
ATOM   537  O  O   . GLY A 1 76  ? -1.284  11.836  -12.395 1.00 21.06 ? 113 GLY A O   1 
ATOM   538  N  N   . ASP A 1 77  ? 0.212   12.194  -10.807 1.00 20.83 ? 114 ASP A N   1 
ATOM   539  C  CA  . ASP A 1 77  ? 0.880   13.257  -11.586 1.00 21.65 ? 114 ASP A CA  1 
ATOM   540  C  C   . ASP A 1 77  ? 2.148   12.719  -12.234 1.00 22.63 ? 114 ASP A C   1 
ATOM   541  O  O   . ASP A 1 77  ? 2.676   11.672  -11.827 1.00 22.46 ? 114 ASP A O   1 
ATOM   542  C  CB  . ASP A 1 77  ? 1.306   14.410  -10.671 1.00 21.41 ? 114 ASP A CB  1 
ATOM   543  C  CG  . ASP A 1 77  ? 2.412   13.981  -9.707  1.00 19.38 ? 114 ASP A CG  1 
ATOM   544  O  OD1 . ASP A 1 77  ? 3.562   14.460  -9.830  1.00 18.38 ? 114 ASP A OD1 1 
ATOM   545  O  OD2 . ASP A 1 77  ? 2.135   13.081  -8.882  1.00 14.57 ? 114 ASP A OD2 1 
ATOM   546  N  N   . GLY A 1 78  ? 2.633   13.446  -13.242 1.00 24.17 ? 115 GLY A N   1 
ATOM   547  C  CA  . GLY A 1 78  ? 3.965   13.226  -13.811 1.00 25.16 ? 115 GLY A CA  1 
ATOM   548  C  C   . GLY A 1 78  ? 4.095   12.067  -14.779 1.00 26.33 ? 115 GLY A C   1 
ATOM   549  O  O   . GLY A 1 78  ? 5.217   11.705  -15.166 1.00 26.96 ? 115 GLY A O   1 
ATOM   550  N  N   . ASN A 1 79  ? 2.960   11.479  -15.157 1.00 26.26 ? 116 ASN A N   1 
ATOM   551  C  CA  . ASN A 1 79  ? 2.934   10.293  -16.021 1.00 27.25 ? 116 ASN A CA  1 
ATOM   552  C  C   . ASN A 1 79  ? 3.801   9.114   -15.602 1.00 26.12 ? 116 ASN A C   1 
ATOM   553  O  O   . ASN A 1 79  ? 4.498   8.540   -16.434 1.00 26.17 ? 116 ASN A O   1 
ATOM   554  C  CB  . ASN A 1 79  ? 3.237   10.680  -17.467 1.00 28.71 ? 116 ASN A CB  1 
ATOM   555  C  CG  . ASN A 1 79  ? 2.035   10.552  -18.327 1.00 33.23 ? 116 ASN A CG  1 
ATOM   556  O  OD1 . ASN A 1 79  ? 1.330   11.538  -18.564 1.00 38.06 ? 116 ASN A OD1 1 
ATOM   557  N  ND2 . ASN A 1 79  ? 1.735   9.308   -18.760 1.00 35.99 ? 116 ASN A ND2 1 
ATOM   558  N  N   . VAL A 1 80  ? 3.770   8.766   -14.318 1.00 24.14 ? 117 VAL A N   1 
ATOM   559  C  CA  . VAL A 1 80  ? 4.617   7.700   -13.781 1.00 22.74 ? 117 VAL A CA  1 
ATOM   560  C  C   . VAL A 1 80  ? 3.755   6.700   -12.998 1.00 22.69 ? 117 VAL A C   1 
ATOM   561  O  O   . VAL A 1 80  ? 4.280   5.954   -12.169 1.00 20.79 ? 117 VAL A O   1 
ATOM   562  C  CB  . VAL A 1 80  ? 5.793   8.237   -12.890 1.00 22.34 ? 117 VAL A CB  1 
ATOM   563  C  CG1 . VAL A 1 80  ? 6.883   8.906   -13.732 1.00 23.69 ? 117 VAL A CG1 1 
ATOM   564  C  CG2 . VAL A 1 80  ? 5.281   9.211   -11.787 1.00 21.59 ? 117 VAL A CG2 1 
ATOM   565  N  N   . ALA A 1 81  ? 2.443   6.683   -13.310 1.00 21.82 ? 118 ALA A N   1 
ATOM   566  C  CA  . ALA A 1 81  ? 1.456   5.768   -12.689 1.00 22.26 ? 118 ALA A CA  1 
ATOM   567  C  C   . ALA A 1 81  ? 1.882   4.302   -12.859 1.00 22.12 ? 118 ALA A C   1 
ATOM   568  O  O   . ALA A 1 81  ? 1.643   3.463   -11.977 1.00 21.58 ? 118 ALA A O   1 
ATOM   569  C  CB  . ALA A 1 81  ? 0.044   6.006   -13.302 1.00 21.31 ? 118 ALA A CB  1 
ATOM   570  N  N   . ASN A 1 82  ? 2.550   4.032   -13.984 1.00 22.18 ? 119 ASN A N   1 
ATOM   571  C  CA  . ASN A 1 82  ? 3.008   2.702   -14.387 1.00 22.79 ? 119 ASN A CA  1 
ATOM   572  C  C   . ASN A 1 82  ? 4.018   2.069   -13.434 1.00 21.67 ? 119 ASN A C   1 
ATOM   573  O  O   . ASN A 1 82  ? 4.281   0.862   -13.519 1.00 21.80 ? 119 ASN A O   1 
ATOM   574  C  CB  . ASN A 1 82  ? 3.655   2.767   -15.798 1.00 25.06 ? 119 ASN A CB  1 
ATOM   575  C  CG  . ASN A 1 82  ? 5.082   3.399   -15.766 1.00 30.36 ? 119 ASN A CG  1 
ATOM   576  O  OD1 . ASN A 1 82  ? 6.093   2.685   -15.834 1.00 36.50 ? 119 ASN A OD1 1 
ATOM   577  N  ND2 . ASN A 1 82  ? 5.155   4.734   -15.604 1.00 34.31 ? 119 ASN A ND2 1 
ATOM   578  N  N   . ARG A 1 83  ? 4.628   2.878   -12.571 1.00 19.66 ? 120 ARG A N   1 
ATOM   579  C  CA  . ARG A 1 83  ? 5.558   2.363   -11.568 1.00 19.20 ? 120 ARG A CA  1 
ATOM   580  C  C   . ARG A 1 83  ? 4.883   1.399   -10.583 1.00 19.16 ? 120 ARG A C   1 
ATOM   581  O  O   . ARG A 1 83  ? 5.514   0.458   -10.083 1.00 18.97 ? 120 ARG A O   1 
ATOM   582  C  CB  . ARG A 1 83  ? 6.224   3.498   -10.816 1.00 19.42 ? 120 ARG A CB  1 
ATOM   583  C  CG  . ARG A 1 83  ? 7.226   4.264   -11.666 1.00 18.70 ? 120 ARG A CG  1 
ATOM   584  C  CD  . ARG A 1 83  ? 7.688   5.486   -10.921 1.00 17.11 ? 120 ARG A CD  1 
ATOM   585  N  NE  . ARG A 1 83  ? 8.659   6.204   -11.743 1.00 19.05 ? 120 ARG A NE  1 
ATOM   586  C  CZ  . ARG A 1 83  ? 9.160   7.399   -11.444 1.00 19.78 ? 120 ARG A CZ  1 
ATOM   587  N  NH1 . ARG A 1 83  ? 8.779   8.046   -10.341 1.00 16.70 ? 120 ARG A NH1 1 
ATOM   588  N  NH2 . ARG A 1 83  ? 10.045  7.943   -12.258 1.00 18.67 ? 120 ARG A NH2 1 
ATOM   589  N  N   . LEU A 1 84  ? 3.598   1.601   -10.340 1.00 18.27 ? 121 LEU A N   1 
ATOM   590  C  CA  . LEU A 1 84  ? 2.822   0.618   -9.568  1.00 17.87 ? 121 LEU A CA  1 
ATOM   591  C  C   . LEU A 1 84  ? 2.315   -0.503  -10.509 1.00 18.26 ? 121 LEU A C   1 
ATOM   592  O  O   . LEU A 1 84  ? 1.159   -0.535  -10.892 1.00 18.47 ? 121 LEU A O   1 
ATOM   593  C  CB  . LEU A 1 84  ? 1.675   1.285   -8.809  1.00 15.84 ? 121 LEU A CB  1 
ATOM   594  C  CG  . LEU A 1 84  ? 0.862   0.441   -7.825  1.00 14.90 ? 121 LEU A CG  1 
ATOM   595  C  CD1 . LEU A 1 84  ? 1.779   -0.148  -6.708  1.00 13.22 ? 121 LEU A CD1 1 
ATOM   596  C  CD2 . LEU A 1 84  ? -0.333  1.306   -7.197  1.00 11.50 ? 121 LEU A CD2 1 
ATOM   597  N  N   . SER A 1 85  ? 3.209   -1.421  -10.865 1.00 19.30 ? 122 SER A N   1 
ATOM   598  C  CA  . SER A 1 85  ? 2.875   -2.552  -11.725 1.00 20.22 ? 122 SER A CA  1 
ATOM   599  C  C   . SER A 1 85  ? 3.720   -3.731  -11.278 1.00 20.55 ? 122 SER A C   1 
ATOM   600  O  O   . SER A 1 85  ? 4.771   -3.531  -10.619 1.00 20.93 ? 122 SER A O   1 
ATOM   601  C  CB  . SER A 1 85  ? 3.204   -2.205  -13.190 1.00 21.55 ? 122 SER A CB  1 
ATOM   602  O  OG  . SER A 1 85  ? 4.568   -1.798  -13.313 1.00 23.12 ? 122 SER A OG  1 
ATOM   603  N  N   . ASN A 1 86  ? 3.293   -4.948  -11.634 1.00 20.36 ? 123 ASN A N   1 
ATOM   604  C  CA  . ASN A 1 86  ? 4.028   -6.176  -11.257 1.00 20.33 ? 123 ASN A CA  1 
ATOM   605  C  C   . ASN A 1 86  ? 4.375   -6.162  -9.762  1.00 19.67 ? 123 ASN A C   1 
ATOM   606  O  O   . ASN A 1 86  ? 5.530   -6.080  -9.395  1.00 20.18 ? 123 ASN A O   1 
ATOM   607  C  CB  . ASN A 1 86  ? 5.294   -6.291  -12.114 1.00 20.30 ? 123 ASN A CB  1 
ATOM   608  C  CG  . ASN A 1 86  ? 6.058   -7.592  -11.881 1.00 22.17 ? 123 ASN A CG  1 
ATOM   609  O  OD1 . ASN A 1 86  ? 5.568   -8.531  -11.269 1.00 21.53 ? 123 ASN A OD1 1 
ATOM   610  N  ND2 . ASN A 1 86  ? 7.286   -7.629  -12.362 1.00 23.83 ? 123 ASN A ND2 1 
ATOM   611  N  N   . PHE A 1 87  ? 3.356   -6.206  -8.905  1.00 18.68 ? 124 PHE A N   1 
ATOM   612  C  CA  . PHE A 1 87  ? 3.568   -6.098  -7.471  1.00 17.33 ? 124 PHE A CA  1 
ATOM   613  C  C   . PHE A 1 87  ? 2.677   -7.078  -6.726  1.00 16.20 ? 124 PHE A C   1 
ATOM   614  O  O   . PHE A 1 87  ? 1.677   -7.525  -7.257  1.00 16.79 ? 124 PHE A O   1 
ATOM   615  C  CB  . PHE A 1 87  ? 3.275   -4.664  -6.982  1.00 16.42 ? 124 PHE A CB  1 
ATOM   616  C  CG  . PHE A 1 87  ? 1.851   -4.212  -7.200  1.00 17.06 ? 124 PHE A CG  1 
ATOM   617  C  CD1 . PHE A 1 87  ? 1.475   -3.598  -8.402  1.00 15.02 ? 124 PHE A CD1 1 
ATOM   618  C  CD2 . PHE A 1 87  ? 0.891   -4.395  -6.210  1.00 14.98 ? 124 PHE A CD2 1 
ATOM   619  C  CE1 . PHE A 1 87  ? 0.167   -3.185  -8.612  1.00 17.25 ? 124 PHE A CE1 1 
ATOM   620  C  CE2 . PHE A 1 87  ? -0.416  -3.982  -6.399  1.00 16.13 ? 124 PHE A CE2 1 
ATOM   621  C  CZ  . PHE A 1 87  ? -0.788  -3.357  -7.598  1.00 16.59 ? 124 PHE A CZ  1 
ATOM   622  N  N   . ASP A 1 88  ? 3.016   -7.351  -5.477  1.00 15.61 ? 125 ASP A N   1 
ATOM   623  C  CA  . ASP A 1 88  ? 2.178   -8.203  -4.631  1.00 15.90 ? 125 ASP A CA  1 
ATOM   624  C  C   . ASP A 1 88  ? 1.530   -7.333  -3.558  1.00 15.23 ? 125 ASP A C   1 
ATOM   625  O  O   . ASP A 1 88  ? 2.140   -6.373  -3.084  1.00 15.84 ? 125 ASP A O   1 
ATOM   626  C  CB  . ASP A 1 88  ? 3.033   -9.263  -3.906  1.00 15.03 ? 125 ASP A CB  1 
ATOM   627  C  CG  . ASP A 1 88  ? 3.517   -10.378 -4.825  1.00 17.57 ? 125 ASP A CG  1 
ATOM   628  O  OD1 . ASP A 1 88  ? 4.462   -11.065 -4.453  1.00 20.32 ? 125 ASP A OD1 1 
ATOM   629  O  OD2 . ASP A 1 88  ? 2.943   -10.588 -5.882  1.00 18.27 ? 125 ASP A OD2 1 
ATOM   630  N  N   . VAL A 1 89  ? 0.343   -7.719  -3.122  1.00 15.20 ? 126 VAL A N   1 
ATOM   631  C  CA  . VAL A 1 89  ? -0.232  -7.183  -1.882  1.00 14.45 ? 126 VAL A CA  1 
ATOM   632  C  C   . VAL A 1 89  ? -0.277  -8.351  -0.913  1.00 15.54 ? 126 VAL A C   1 
ATOM   633  O  O   . VAL A 1 89  ? -0.892  -9.412  -1.200  1.00 15.95 ? 126 VAL A O   1 
ATOM   634  C  CB  . VAL A 1 89  ? -1.643  -6.553  -2.079  1.00 14.31 ? 126 VAL A CB  1 
ATOM   635  C  CG1 . VAL A 1 89  ? -2.226  -5.969  -0.702  1.00 12.92 ? 126 VAL A CG1 1 
ATOM   636  C  CG2 . VAL A 1 89  ? -1.591  -5.478  -3.137  1.00 14.36 ? 126 VAL A CG2 1 
ATOM   637  N  N   . VAL A 1 90  ? 0.380   -8.146  0.221   1.00 15.70 ? 127 VAL A N   1 
ATOM   638  C  CA  . VAL A 1 90  ? 0.662   -9.214  1.192   1.00 14.96 ? 127 VAL A CA  1 
ATOM   639  C  C   . VAL A 1 90  ? 0.054   -8.934  2.555   1.00 15.05 ? 127 VAL A C   1 
ATOM   640  O  O   . VAL A 1 90  ? 0.129   -7.810  3.065   1.00 15.70 ? 127 VAL A O   1 
ATOM   641  C  CB  . VAL A 1 90  ? 2.167   -9.384  1.401   1.00 15.09 ? 127 VAL A CB  1 
ATOM   642  C  CG1 . VAL A 1 90  ? 2.428   -10.733 2.089   1.00 14.36 ? 127 VAL A CG1 1 
ATOM   643  C  CG2 . VAL A 1 90  ? 2.935   -9.312  0.033   1.00 13.32 ? 127 VAL A CG2 1 
ATOM   644  N  N   . LEU A 1 91  ? -0.530  -9.967  3.153   1.00 14.13 ? 128 LEU A N   1 
ATOM   645  C  CA  . LEU A 1 91  ? -0.994  -9.907  4.525   1.00 14.70 ? 128 LEU A CA  1 
ATOM   646  C  C   . LEU A 1 91  ? -0.060  -10.758 5.401   1.00 15.22 ? 128 LEU A C   1 
ATOM   647  O  O   . LEU A 1 91  ? 0.236   -11.908 5.050   1.00 14.18 ? 128 LEU A O   1 
ATOM   648  C  CB  . LEU A 1 91  ? -2.414  -10.475 4.565   1.00 14.84 ? 128 LEU A CB  1 
ATOM   649  C  CG  . LEU A 1 91  ? -3.634  -9.554  4.543   1.00 18.20 ? 128 LEU A CG  1 
ATOM   650  C  CD1 . LEU A 1 91  ? -3.485  -8.169  3.915   1.00 16.58 ? 128 LEU A CD1 1 
ATOM   651  C  CD2 . LEU A 1 91  ? -4.997  -10.241 4.253   1.00 19.03 ? 128 LEU A CD2 1 
ATOM   652  N  N   . LEU A 1 92  ? 0.373   -10.234 6.551   1.00 14.83 ? 129 LEU A N   1 
ATOM   653  C  CA  . LEU A 1 92  ? 1.204   -11.030 7.452   1.00 15.71 ? 129 LEU A CA  1 
ATOM   654  C  C   . LEU A 1 92  ? 0.578   -11.104 8.836   1.00 16.55 ? 129 LEU A C   1 
ATOM   655  O  O   . LEU A 1 92  ? -0.065  -10.123 9.322   1.00 15.34 ? 129 LEU A O   1 
ATOM   656  C  CB  . LEU A 1 92  ? 2.600   -10.423 7.602   1.00 16.04 ? 129 LEU A CB  1 
ATOM   657  C  CG  . LEU A 1 92  ? 3.398   -9.844  6.429   1.00 18.20 ? 129 LEU A CG  1 
ATOM   658  C  CD1 . LEU A 1 92  ? 4.673   -9.192  6.967   1.00 19.56 ? 129 LEU A CD1 1 
ATOM   659  C  CD2 . LEU A 1 92  ? 3.740   -10.927 5.408   1.00 17.28 ? 129 LEU A CD2 1 
ATOM   660  N  N   . ASN A 1 93  ? 0.829   -12.225 9.511   1.00 15.60 ? 130 ASN A N   1 
ATOM   661  C  CA  . ASN A 1 93  ? 0.334   -12.372 10.861  1.00 15.83 ? 130 ASN A CA  1 
ATOM   662  C  C   . ASN A 1 93  ? 1.229   -11.584 11.822  1.00 16.20 ? 130 ASN A C   1 
ATOM   663  O  O   . ASN A 1 93  ? 2.194   -10.922 11.406  1.00 16.07 ? 130 ASN A O   1 
ATOM   664  C  CB  . ASN A 1 93  ? 0.178   -13.867 11.252  1.00 15.19 ? 130 ASN A CB  1 
ATOM   665  C  CG  . ASN A 1 93  ? 1.517   -14.643 11.347  1.00 13.99 ? 130 ASN A CG  1 
ATOM   666  O  OD1 . ASN A 1 93  ? 1.519   -15.892 11.453  1.00 16.50 ? 130 ASN A OD1 1 
ATOM   667  N  ND2 . ASN A 1 93  ? 2.622   -13.953 11.300  1.00 10.91 ? 130 ASN A ND2 1 
ATOM   668  N  N   . GLU A 1 94  ? 0.928   -11.678 13.102  1.00 16.85 ? 131 GLU A N   1 
ATOM   669  C  CA  . GLU A 1 94  ? 1.678   -10.959 14.112  1.00 19.63 ? 131 GLU A CA  1 
ATOM   670  C  C   . GLU A 1 94  ? 3.158   -11.361 14.167  1.00 19.19 ? 131 GLU A C   1 
ATOM   671  O  O   . GLU A 1 94  ? 4.011   -10.532 14.460  1.00 19.45 ? 131 GLU A O   1 
ATOM   672  C  CB  . GLU A 1 94  ? 1.000   -11.149 15.477  1.00 20.57 ? 131 GLU A CB  1 
ATOM   673  C  CG  . GLU A 1 94  ? 1.826   -10.592 16.605  1.00 27.52 ? 131 GLU A CG  1 
ATOM   674  C  CD  . GLU A 1 94  ? 0.975   -10.127 17.746  1.00 36.59 ? 131 GLU A CD  1 
ATOM   675  O  OE1 . GLU A 1 94  ? 0.246   -9.100  17.604  1.00 41.17 ? 131 GLU A OE1 1 
ATOM   676  O  OE2 . GLU A 1 94  ? 1.046   -10.801 18.795  1.00 39.96 ? 131 GLU A OE2 1 
ATOM   677  N  N   . ALA A 1 95  ? 3.461   -12.622 13.872  1.00 18.59 ? 132 ALA A N   1 
ATOM   678  C  CA  . ALA A 1 95  ? 4.860   -13.102 13.775  1.00 19.15 ? 132 ALA A CA  1 
ATOM   679  C  C   . ALA A 1 95  ? 5.525   -12.769 12.435  1.00 19.49 ? 132 ALA A C   1 
ATOM   680  O  O   . ALA A 1 95  ? 6.630   -13.234 12.154  1.00 19.33 ? 132 ALA A O   1 
ATOM   681  C  CB  . ALA A 1 95  ? 4.913   -14.619 14.014  1.00 18.23 ? 132 ALA A CB  1 
ATOM   682  N  N   . LYS A 1 96  ? 4.827   -11.994 11.601  1.00 19.94 ? 133 LYS A N   1 
ATOM   683  C  CA  . LYS A 1 96  ? 5.313   -11.543 10.290  1.00 20.58 ? 133 LYS A CA  1 
ATOM   684  C  C   . LYS A 1 96  ? 5.420   -12.666 9.252   1.00 19.91 ? 133 LYS A C   1 
ATOM   685  O  O   . LYS A 1 96  ? 6.173   -12.549 8.294   1.00 18.17 ? 133 LYS A O   1 
ATOM   686  C  CB  . LYS A 1 96  ? 6.616   -10.718 10.395  1.00 21.43 ? 133 LYS A CB  1 
ATOM   687  C  CG  . LYS A 1 96  ? 6.394   -9.342  11.032  1.00 23.82 ? 133 LYS A CG  1 
ATOM   688  C  CD  . LYS A 1 96  ? 7.655   -8.460  10.980  1.00 28.80 ? 133 LYS A CD  1 
ATOM   689  C  CE  . LYS A 1 96  ? 7.586   -7.356  12.048  1.00 33.01 ? 133 LYS A CE  1 
ATOM   690  N  NZ  . LYS A 1 96  ? 8.680   -6.321  11.956  1.00 34.24 ? 133 LYS A NZ  1 
ATOM   691  N  N   . GLN A 1 97  ? 4.641   -13.740 9.438   1.00 18.47 ? 134 GLN A N   1 
ATOM   692  C  CA  . GLN A 1 97  ? 4.544   -14.784 8.404   1.00 17.93 ? 134 GLN A CA  1 
ATOM   693  C  C   . GLN A 1 97  ? 3.418   -14.397 7.487   1.00 17.44 ? 134 GLN A C   1 
ATOM   694  O  O   . GLN A 1 97  ? 2.431   -13.803 7.934   1.00 15.19 ? 134 GLN A O   1 
ATOM   695  C  CB  . GLN A 1 97  ? 4.233   -16.144 9.025   1.00 17.99 ? 134 GLN A CB  1 
ATOM   696  C  CG  . GLN A 1 97  ? 5.231   -16.544 10.092  1.00 17.50 ? 134 GLN A CG  1 
ATOM   697  C  CD  . GLN A 1 97  ? 4.750   -17.759 10.830  1.00 19.34 ? 134 GLN A CD  1 
ATOM   698  O  OE1 . GLN A 1 97  ? 3.730   -17.711 11.510  1.00 15.46 ? 134 GLN A OE1 1 
ATOM   699  N  NE2 . GLN A 1 97  ? 5.461   -18.872 10.667  1.00 17.28 ? 134 GLN A NE2 1 
ATOM   700  N  N   . GLU A 1 98  ? 3.572   -14.745 6.212   1.00 17.33 ? 135 GLU A N   1 
ATOM   701  C  CA  . GLU A 1 98  ? 2.559   -14.501 5.208   1.00 17.86 ? 135 GLU A CA  1 
ATOM   702  C  C   . GLU A 1 98  ? 1.296   -15.297 5.507   1.00 18.04 ? 135 GLU A C   1 
ATOM   703  O  O   . GLU A 1 98  ? 1.370   -16.510 5.750   1.00 16.89 ? 135 GLU A O   1 
ATOM   704  C  CB  . GLU A 1 98  ? 3.114   -14.931 3.840   1.00 18.27 ? 135 GLU A CB  1 
ATOM   705  C  CG  . GLU A 1 98  ? 2.140   -14.740 2.683   1.00 22.49 ? 135 GLU A CG  1 
ATOM   706  C  CD  . GLU A 1 98  ? 2.687   -15.330 1.374   1.00 23.84 ? 135 GLU A CD  1 
ATOM   707  O  OE1 . GLU A 1 98  ? 3.871   -15.144 1.089   1.00 25.91 ? 135 GLU A OE1 1 
ATOM   708  O  OE2 . GLU A 1 98  ? 1.918   -16.002 0.672   1.00 28.92 ? 135 GLU A OE2 1 
ATOM   709  N  N   . VAL A 1 99  ? 0.141   -14.638 5.494   1.00 16.55 ? 136 VAL A N   1 
ATOM   710  C  CA  . VAL A 1 99  ? -1.114  -15.383 5.576   1.00 17.24 ? 136 VAL A CA  1 
ATOM   711  C  C   . VAL A 1 99  ? -1.926  -15.281 4.260   1.00 16.37 ? 136 VAL A C   1 
ATOM   712  O  O   . VAL A 1 99  ? -2.835  -16.085 4.033   1.00 15.81 ? 136 VAL A O   1 
ATOM   713  C  CB  . VAL A 1 99  ? -1.963  -15.053 6.844   1.00 17.87 ? 136 VAL A CB  1 
ATOM   714  C  CG1 . VAL A 1 99  ? -1.135  -15.376 8.137   1.00 18.06 ? 136 VAL A CG1 1 
ATOM   715  C  CG2 . VAL A 1 99  ? -2.414  -13.615 6.837   1.00 19.17 ? 136 VAL A CG2 1 
ATOM   716  N  N   . ALA A 1 100 ? -1.552  -14.341 3.388   1.00 15.71 ? 137 ALA A N   1 
ATOM   717  C  CA  . ALA A 1 100 ? -2.219  -14.204 2.044   1.00 15.00 ? 137 ALA A CA  1 
ATOM   718  C  C   . ALA A 1 100 ? -1.343  -13.352 1.147   1.00 14.80 ? 137 ALA A C   1 
ATOM   719  O  O   . ALA A 1 100 ? -0.539  -12.573 1.636   1.00 14.61 ? 137 ALA A O   1 
ATOM   720  C  CB  . ALA A 1 100 ? -3.638  -13.581 2.193   1.00 14.96 ? 137 ALA A CB  1 
ATOM   721  N  N   . ARG A 1 101 ? -1.483  -13.493 -0.170  1.00 15.49 ? 138 ARG A N   1 
ATOM   722  C  CA  . ARG A 1 101 ? -0.657  -12.734 -1.092  1.00 16.75 ? 138 ARG A CA  1 
ATOM   723  C  C   . ARG A 1 101 ? -1.362  -12.751 -2.443  1.00 16.39 ? 138 ARG A C   1 
ATOM   724  O  O   . ARG A 1 101 ? -1.786  -13.806 -2.883  1.00 15.85 ? 138 ARG A O   1 
ATOM   725  C  CB  . ARG A 1 101 ? 0.749   -13.368 -1.212  1.00 16.77 ? 138 ARG A CB  1 
ATOM   726  C  CG  . ARG A 1 101 ? 1.619   -12.681 -2.303  1.00 16.97 ? 138 ARG A CG  1 
ATOM   727  C  CD  . ARG A 1 101 ? 2.970   -13.403 -2.501  1.00 17.72 ? 138 ARG A CD  1 
ATOM   728  N  NE  . ARG A 1 101 ? 3.706   -13.513 -1.249  1.00 19.51 ? 138 ARG A NE  1 
ATOM   729  C  CZ  . ARG A 1 101 ? 4.637   -12.658 -0.840  1.00 21.68 ? 138 ARG A CZ  1 
ATOM   730  N  NH1 . ARG A 1 101 ? 4.970   -11.627 -1.604  1.00 20.98 ? 138 ARG A NH1 1 
ATOM   731  N  NH2 . ARG A 1 101 ? 5.243   -12.848 0.325   1.00 22.29 ? 138 ARG A NH2 1 
ATOM   732  N  N   . GLN A 1 102 ? -1.511  -11.589 -3.071  1.00 16.99 ? 139 GLN A N   1 
ATOM   733  C  CA  . GLN A 1 102 ? -2.101  -11.465 -4.408  1.00 16.96 ? 139 GLN A CA  1 
ATOM   734  C  C   . GLN A 1 102 ? -1.186  -10.696 -5.336  1.00 18.13 ? 139 GLN A C   1 
ATOM   735  O  O   . GLN A 1 102 ? -0.640  -9.666  -4.950  1.00 17.18 ? 139 GLN A O   1 
ATOM   736  C  CB  . GLN A 1 102 ? -3.456  -10.786 -4.353  1.00 16.98 ? 139 GLN A CB  1 
ATOM   737  C  CG  . GLN A 1 102 ? -4.537  -11.755 -3.866  1.00 16.83 ? 139 GLN A CG  1 
ATOM   738  C  CD  . GLN A 1 102 ? -5.876  -11.099 -3.657  1.00 18.94 ? 139 GLN A CD  1 
ATOM   739  O  OE1 . GLN A 1 102 ? -6.455  -10.504 -4.592  1.00 20.37 ? 139 GLN A OE1 1 
ATOM   740  N  NE2 . GLN A 1 102 ? -6.422  -11.246 -2.444  1.00 16.61 ? 139 GLN A NE2 1 
ATOM   741  N  N   . HIS A 1 103 ? -1.039  -11.202 -6.562  1.00 17.79 ? 140 HIS A N   1 
ATOM   742  C  CA  . HIS A 1 103 ? -0.173  -10.569 -7.548  1.00 18.61 ? 140 HIS A CA  1 
ATOM   743  C  C   . HIS A 1 103 ? -1.016  -9.734  -8.496  1.00 18.05 ? 140 HIS A C   1 
ATOM   744  O  O   . HIS A 1 103 ? -2.088  -10.155 -8.866  1.00 18.28 ? 140 HIS A O   1 
ATOM   745  C  CB  . HIS A 1 103 ? 0.647   -11.602 -8.334  1.00 18.64 ? 140 HIS A CB  1 
ATOM   746  C  CG  . HIS A 1 103 ? 1.389   -10.993 -9.488  1.00 22.56 ? 140 HIS A CG  1 
ATOM   747  N  ND1 . HIS A 1 103 ? 2.519   -10.212 -9.316  1.00 25.58 ? 140 HIS A ND1 1 
ATOM   748  C  CD2 . HIS A 1 103 ? 1.123   -10.986 -10.814 1.00 23.63 ? 140 HIS A CD2 1 
ATOM   749  C  CE1 . HIS A 1 103 ? 2.933   -9.780  -10.497 1.00 24.02 ? 140 HIS A CE1 1 
ATOM   750  N  NE2 . HIS A 1 103 ? 2.108   -10.243 -11.423 1.00 24.50 ? 140 HIS A NE2 1 
ATOM   751  N  N   . PHE A 1 104 ? -0.524  -8.553  -8.881  1.00 18.12 ? 141 PHE A N   1 
ATOM   752  C  CA  . PHE A 1 104 ? -1.150  -7.762  -9.921  1.00 18.71 ? 141 PHE A CA  1 
ATOM   753  C  C   . PHE A 1 104 ? -0.152  -7.312  -10.985 1.00 20.29 ? 141 PHE A C   1 
ATOM   754  O  O   . PHE A 1 104 ? 0.918   -6.818  -10.658 1.00 19.53 ? 141 PHE A O   1 
ATOM   755  C  CB  . PHE A 1 104 ? -1.837  -6.536  -9.291  1.00 18.74 ? 141 PHE A CB  1 
ATOM   756  C  CG  . PHE A 1 104 ? -2.875  -6.925  -8.292  1.00 17.28 ? 141 PHE A CG  1 
ATOM   757  C  CD1 . PHE A 1 104 ? -4.160  -7.214  -8.701  1.00 16.71 ? 141 PHE A CD1 1 
ATOM   758  C  CD2 . PHE A 1 104 ? -2.519  -7.150  -6.971  1.00 15.76 ? 141 PHE A CD2 1 
ATOM   759  C  CE1 . PHE A 1 104 ? -5.140  -7.641  -7.772  1.00 18.36 ? 141 PHE A CE1 1 
ATOM   760  C  CE2 . PHE A 1 104 ? -3.468  -7.578  -6.050  1.00 16.08 ? 141 PHE A CE2 1 
ATOM   761  C  CZ  . PHE A 1 104 ? -4.773  -7.816  -6.444  1.00 16.86 ? 141 PHE A CZ  1 
ATOM   762  N  N   . ASP A 1 105 ? -0.529  -7.426  -12.260 1.00 21.82 ? 142 ASP A N   1 
ATOM   763  C  CA  . ASP A 1 105 ? 0.337   -6.920  -13.323 1.00 24.06 ? 142 ASP A CA  1 
ATOM   764  C  C   . ASP A 1 105 ? 0.270   -5.390  -13.368 1.00 25.07 ? 142 ASP A C   1 
ATOM   765  O  O   . ASP A 1 105 ? 1.285   -4.722  -13.590 1.00 24.78 ? 142 ASP A O   1 
ATOM   766  C  CB  . ASP A 1 105 ? -0.082  -7.462  -14.690 1.00 25.15 ? 142 ASP A CB  1 
ATOM   767  C  CG  . ASP A 1 105 ? 0.129   -8.975  -14.836 1.00 27.76 ? 142 ASP A CG  1 
ATOM   768  O  OD1 . ASP A 1 105 ? 1.165   -9.537  -14.387 1.00 31.98 ? 142 ASP A OD1 1 
ATOM   769  O  OD2 . ASP A 1 105 ? -0.767  -9.591  -15.452 1.00 30.80 ? 142 ASP A OD2 1 
ATOM   770  N  N   . SER A 1 106 ? -0.925  -4.841  -13.150 1.00 25.83 ? 143 SER A N   1 
ATOM   771  C  CA  . SER A 1 106 ? -1.178  -3.430  -13.445 1.00 27.80 ? 143 SER A CA  1 
ATOM   772  C  C   . SER A 1 106 ? -2.480  -2.949  -12.809 1.00 28.76 ? 143 SER A C   1 
ATOM   773  O  O   . SER A 1 106 ? -3.288  -3.770  -12.380 1.00 28.63 ? 143 SER A O   1 
ATOM   774  C  CB  . SER A 1 106 ? -1.240  -3.241  -14.968 1.00 28.18 ? 143 SER A CB  1 
ATOM   775  O  OG  . SER A 1 106 ? -1.648  -1.939  -15.332 1.00 31.68 ? 143 SER A OG  1 
ATOM   776  N  N   . LEU A 1 107 ? -2.639  -1.625  -12.714 1.00 29.05 ? 144 LEU A N   1 
ATOM   777  C  CA  . LEU A 1 107 ? -3.910  -0.987  -12.372 1.00 30.21 ? 144 LEU A CA  1 
ATOM   778  C  C   . LEU A 1 107 ? -4.689  -0.594  -13.626 1.00 32.40 ? 144 LEU A C   1 
ATOM   779  O  O   . LEU A 1 107 ? -5.865  -0.203  -13.535 1.00 32.77 ? 144 LEU A O   1 
ATOM   780  C  CB  . LEU A 1 107 ? -3.683  0.254   -11.500 1.00 28.94 ? 144 LEU A CB  1 
ATOM   781  C  CG  . LEU A 1 107 ? -3.768  0.019   -9.992  1.00 26.24 ? 144 LEU A CG  1 
ATOM   782  C  CD1 . LEU A 1 107 ? -2.669  -0.959  -9.570  1.00 20.92 ? 144 LEU A CD1 1 
ATOM   783  C  CD2 . LEU A 1 107 ? -3.657  1.336   -9.231  1.00 23.97 ? 144 LEU A CD2 1 
ATOM   784  N  N   . ASN A 1 108 ? -4.021  -0.673  -14.786 1.00 34.77 ? 145 ASN A N   1 
ATOM   785  C  CA  . ASN A 1 108 ? -4.667  -0.439  -16.112 1.00 36.08 ? 145 ASN A CA  1 
ATOM   786  C  C   . ASN A 1 108 ? -5.147  0.993   -16.354 1.00 36.26 ? 145 ASN A C   1 
ATOM   787  O  O   . ASN A 1 108 ? -6.122  1.226   -17.079 1.00 37.55 ? 145 ASN A O   1 
ATOM   788  C  CB  . ASN A 1 108 ? -5.839  -1.417  -16.320 1.00 37.03 ? 145 ASN A CB  1 
ATOM   789  C  CG  . ASN A 1 108 ? -5.377  -2.844  -16.557 1.00 38.82 ? 145 ASN A CG  1 
ATOM   790  O  OD1 . ASN A 1 108 ? -4.557  -3.108  -17.443 1.00 43.07 ? 145 ASN A OD1 1 
ATOM   791  N  ND2 . ASN A 1 108 ? -5.905  -3.777  -15.768 1.00 40.13 ? 145 ASN A ND2 1 
ATOM   792  N  N   . GLY A 1 109 ? -4.467  1.957   -15.746 1.00 36.35 ? 146 GLY A N   1 
ATOM   793  C  CA  . GLY A 1 109 ? -4.865  3.355   -15.870 1.00 35.44 ? 146 GLY A CA  1 
ATOM   794  C  C   . GLY A 1 109 ? -5.706  3.873   -14.711 1.00 34.66 ? 146 GLY A C   1 
ATOM   795  O  O   . GLY A 1 109 ? -5.765  5.091   -14.495 1.00 34.80 ? 146 GLY A O   1 
ATOM   796  N  N   . LYS A 1 110 ? -6.347  2.958   -13.975 1.00 32.71 ? 147 LYS A N   1 
ATOM   797  C  CA  . LYS A 1 110 ? -7.257  3.328   -12.902 1.00 31.85 ? 147 LYS A CA  1 
ATOM   798  C  C   . LYS A 1 110 ? -6.525  4.039   -11.743 1.00 30.29 ? 147 LYS A C   1 
ATOM   799  O  O   . LYS A 1 110 ? -5.369  3.729   -11.443 1.00 30.26 ? 147 LYS A O   1 
ATOM   800  C  CB  . LYS A 1 110 ? -8.015  2.101   -12.383 1.00 32.07 ? 147 LYS A CB  1 
ATOM   801  C  CG  . LYS A 1 110 ? -8.619  1.202   -13.465 1.00 35.91 ? 147 LYS A CG  1 
ATOM   802  C  CD  . LYS A 1 110 ? -10.026 1.610   -13.840 1.00 41.21 ? 147 LYS A CD  1 
ATOM   803  C  CE  . LYS A 1 110 ? -10.492 0.853   -15.101 1.00 44.59 ? 147 LYS A CE  1 
ATOM   804  N  NZ  . LYS A 1 110 ? -11.838 1.305   -15.533 1.00 47.14 ? 147 LYS A NZ  1 
ATOM   805  N  N   . ALA A 1 111 ? -7.202  4.988   -11.107 1.00 27.97 ? 148 ALA A N   1 
ATOM   806  C  CA  . ALA A 1 111 ? -6.627  5.725   -9.987  1.00 26.75 ? 148 ALA A CA  1 
ATOM   807  C  C   . ALA A 1 111 ? -6.412  4.816   -8.757  1.00 25.44 ? 148 ALA A C   1 
ATOM   808  O  O   . ALA A 1 111 ? -5.583  5.114   -7.875  1.00 24.91 ? 148 ALA A O   1 
ATOM   809  C  CB  . ALA A 1 111 ? -7.527  6.896   -9.625  1.00 26.82 ? 148 ALA A CB  1 
ATOM   810  N  N   . GLU A 1 112 ? -7.177  3.723   -8.692  1.00 23.57 ? 149 GLU A N   1 
ATOM   811  C  CA  . GLU A 1 112 ? -7.145  2.862   -7.522  1.00 23.25 ? 149 GLU A CA  1 
ATOM   812  C  C   . GLU A 1 112 ? -7.364  1.377   -7.840  1.00 21.60 ? 149 GLU A C   1 
ATOM   813  O  O   . GLU A 1 112 ? -7.803  1.032   -8.934  1.00 20.70 ? 149 GLU A O   1 
ATOM   814  C  CB  . GLU A 1 112 ? -8.127  3.359   -6.466  1.00 23.84 ? 149 GLU A CB  1 
ATOM   815  C  CG  . GLU A 1 112 ? -9.538  3.331   -6.865  1.00 29.00 ? 149 GLU A CG  1 
ATOM   816  C  CD  . GLU A 1 112 ? -10.213 4.662   -6.597  1.00 37.30 ? 149 GLU A CD  1 
ATOM   817  O  OE1 . GLU A 1 112 ? -9.751  5.688   -7.174  1.00 41.40 ? 149 GLU A OE1 1 
ATOM   818  O  OE2 . GLU A 1 112 ? -11.207 4.680   -5.829  1.00 36.60 ? 149 GLU A OE2 1 
ATOM   819  N  N   . LEU A 1 113 ? -7.018  0.522   -6.881  1.00 19.83 ? 150 LEU A N   1 
ATOM   820  C  CA  . LEU A 1 113 ? -7.255  -0.906  -6.997  1.00 19.02 ? 150 LEU A CA  1 
ATOM   821  C  C   . LEU A 1 113 ? -7.830  -1.405  -5.687  1.00 18.83 ? 150 LEU A C   1 
ATOM   822  O  O   . LEU A 1 113 ? -7.274  -1.160  -4.610  1.00 17.87 ? 150 LEU A O   1 
ATOM   823  C  CB  . LEU A 1 113 ? -5.951  -1.620  -7.309  1.00 19.09 ? 150 LEU A CB  1 
ATOM   824  C  CG  . LEU A 1 113 ? -5.924  -3.160  -7.306  1.00 18.80 ? 150 LEU A CG  1 
ATOM   825  C  CD1 . LEU A 1 113 ? -6.606  -3.743  -8.545  1.00 19.74 ? 150 LEU A CD1 1 
ATOM   826  C  CD2 . LEU A 1 113 ? -4.469  -3.627  -7.191  1.00 17.50 ? 150 LEU A CD2 1 
ATOM   827  N  N   . GLU A 1 114 ? -8.942  -2.122  -5.790  1.00 18.72 ? 151 GLU A N   1 
ATOM   828  C  CA  . GLU A 1 114 ? -9.535  -2.777  -4.642  1.00 18.79 ? 151 GLU A CA  1 
ATOM   829  C  C   . GLU A 1 114 ? -9.080  -4.222  -4.588  1.00 17.82 ? 151 GLU A C   1 
ATOM   830  O  O   . GLU A 1 114 ? -9.277  -4.985  -5.548  1.00 18.44 ? 151 GLU A O   1 
ATOM   831  C  CB  . GLU A 1 114 ? -11.063 -2.673  -4.674  1.00 18.67 ? 151 GLU A CB  1 
ATOM   832  C  CG  . GLU A 1 114 ? -11.549 -1.235  -4.461  1.00 21.38 ? 151 GLU A CG  1 
ATOM   833  C  CD  . GLU A 1 114 ? -13.062 -1.145  -4.337  1.00 26.06 ? 151 GLU A CD  1 
ATOM   834  O  OE1 . GLU A 1 114 ? -13.779 -1.975  -4.939  1.00 27.87 ? 151 GLU A OE1 1 
ATOM   835  O  OE2 . GLU A 1 114 ? -13.530 -0.263  -3.609  1.00 25.22 ? 151 GLU A OE2 1 
ATOM   836  N  N   . VAL A 1 115 ? -8.458  -4.594  -3.468  1.00 16.90 ? 152 VAL A N   1 
ATOM   837  C  CA  . VAL A 1 115 ? -8.006  -5.967  -3.273  1.00 15.62 ? 152 VAL A CA  1 
ATOM   838  C  C   . VAL A 1 115 ? -8.873  -6.634  -2.210  1.00 15.93 ? 152 VAL A C   1 
ATOM   839  O  O   . VAL A 1 115 ? -8.997  -6.104  -1.126  1.00 15.56 ? 152 VAL A O   1 
ATOM   840  C  CB  . VAL A 1 115 ? -6.535  -6.009  -2.826  1.00 15.72 ? 152 VAL A CB  1 
ATOM   841  C  CG1 . VAL A 1 115 ? -6.028  -7.471  -2.769  1.00 15.09 ? 152 VAL A CG1 1 
ATOM   842  C  CG2 . VAL A 1 115 ? -5.657  -5.182  -3.799  1.00 15.39 ? 152 VAL A CG2 1 
ATOM   843  N  N   . PHE A 1 116 ? -9.507  -7.761  -2.524  1.00 15.53 ? 153 PHE A N   1 
ATOM   844  C  CA  . PHE A 1 116 ? -10.376 -8.403  -1.529  1.00 16.43 ? 153 PHE A CA  1 
ATOM   845  C  C   . PHE A 1 116 ? -9.720  -9.678  -0.982  1.00 16.11 ? 153 PHE A C   1 
ATOM   846  O  O   . PHE A 1 116 ? -9.247  -10.530 -1.745  1.00 15.72 ? 153 PHE A O   1 
ATOM   847  C  CB  . PHE A 1 116 ? -11.725 -8.730  -2.151  1.00 17.13 ? 153 PHE A CB  1 
ATOM   848  C  CG  . PHE A 1 116 ? -12.557 -7.491  -2.481  1.00 20.14 ? 153 PHE A CG  1 
ATOM   849  C  CD1 . PHE A 1 116 ? -13.460 -6.984  -1.562  1.00 23.78 ? 153 PHE A CD1 1 
ATOM   850  C  CD2 . PHE A 1 116 ? -12.419 -6.855  -3.713  1.00 23.01 ? 153 PHE A CD2 1 
ATOM   851  C  CE1 . PHE A 1 116 ? -14.246 -5.832  -1.869  1.00 26.28 ? 153 PHE A CE1 1 
ATOM   852  C  CE2 . PHE A 1 116 ? -13.189 -5.709  -4.043  1.00 24.44 ? 153 PHE A CE2 1 
ATOM   853  C  CZ  . PHE A 1 116 ? -14.096 -5.203  -3.110  1.00 23.78 ? 153 PHE A CZ  1 
ATOM   854  N  N   . PHE A 1 117 ? -9.697  -9.800  0.331   1.00 17.06 ? 154 PHE A N   1 
ATOM   855  C  CA  . PHE A 1 117 ? -9.054  -10.938 0.988   1.00 17.02 ? 154 PHE A CA  1 
ATOM   856  C  C   . PHE A 1 117 ? -10.143 -11.707 1.685   1.00 17.89 ? 154 PHE A C   1 
ATOM   857  O  O   . PHE A 1 117 ? -11.140 -11.110 2.170   1.00 17.13 ? 154 PHE A O   1 
ATOM   858  C  CB  . PHE A 1 117 ? -7.984  -10.462 1.977   1.00 16.35 ? 154 PHE A CB  1 
ATOM   859  C  CG  . PHE A 1 117 ? -6.674  -10.033 1.308   1.00 16.94 ? 154 PHE A CG  1 
ATOM   860  C  CD1 . PHE A 1 117 ? -5.730  -10.978 0.917   1.00 15.51 ? 154 PHE A CD1 1 
ATOM   861  C  CD2 . PHE A 1 117 ? -6.381  -8.677  1.107   1.00 17.48 ? 154 PHE A CD2 1 
ATOM   862  C  CE1 . PHE A 1 117 ? -4.544  -10.603 0.290   1.00 17.22 ? 154 PHE A CE1 1 
ATOM   863  C  CE2 . PHE A 1 117 ? -5.179  -8.286  0.499   1.00 16.92 ? 154 PHE A CE2 1 
ATOM   864  C  CZ  . PHE A 1 117 ? -4.256  -9.242  0.096   1.00 17.08 ? 154 PHE A CZ  1 
ATOM   865  N  N   . THR A 1 118 ? -9.969  -13.033 1.729   1.00 17.18 ? 155 THR A N   1 
ATOM   866  C  CA  . THR A 1 118 ? -11.039 -13.891 2.176   1.00 17.25 ? 155 THR A CA  1 
ATOM   867  C  C   . THR A 1 118 ? -10.852 -14.080 3.678   1.00 17.75 ? 155 THR A C   1 
ATOM   868  O  O   . THR A 1 118 ? -10.214 -15.052 4.104   1.00 17.40 ? 155 THR A O   1 
ATOM   869  C  CB  . THR A 1 118 ? -11.071 -15.283 1.379   1.00 16.85 ? 155 THR A CB  1 
ATOM   870  O  OG1 . THR A 1 118 ? -11.089 -15.049 -0.041  1.00 16.07 ? 155 THR A OG1 1 
ATOM   871  C  CG2 . THR A 1 118 ? -12.316 -16.055 1.729   1.00 17.30 ? 155 THR A CG2 1 
ATOM   872  N  N   . ALA A 1 119 ? -11.375 -13.117 4.458   1.00 17.56 ? 156 ALA A N   1 
ATOM   873  C  CA  . ALA A 1 119 ? -11.440 -13.196 5.919   1.00 17.28 ? 156 ALA A CA  1 
ATOM   874  C  C   . ALA A 1 119 ? -10.094 -13.608 6.574   1.00 17.65 ? 156 ALA A C   1 
ATOM   875  O  O   . ALA A 1 119 ? -10.018 -14.564 7.348   1.00 18.32 ? 156 ALA A O   1 
ATOM   876  C  CB  . ALA A 1 119 ? -12.585 -14.112 6.364   1.00 17.02 ? 156 ALA A CB  1 
ATOM   877  N  N   . LYS A 1 120 ? -9.049  -12.853 6.267   1.00 16.30 ? 157 LYS A N   1 
ATOM   878  C  CA  . LYS A 1 120 ? -7.719  -13.173 6.727   1.00 16.38 ? 157 LYS A CA  1 
ATOM   879  C  C   . LYS A 1 120 ? -7.377  -12.444 8.028   1.00 16.04 ? 157 LYS A C   1 
ATOM   880  O  O   . LYS A 1 120 ? -7.459  -11.219 8.106   1.00 16.43 ? 157 LYS A O   1 
ATOM   881  C  CB  . LYS A 1 120 ? -6.694  -12.834 5.644   1.00 15.22 ? 157 LYS A CB  1 
ATOM   882  C  CG  . LYS A 1 120 ? -6.908  -13.586 4.293   1.00 17.89 ? 157 LYS A CG  1 
ATOM   883  C  CD  . LYS A 1 120 ? -6.622  -15.105 4.478   1.00 17.26 ? 157 LYS A CD  1 
ATOM   884  C  CE  . LYS A 1 120 ? -6.882  -15.875 3.201   1.00 18.23 ? 157 LYS A CE  1 
ATOM   885  N  NZ  . LYS A 1 120 ? -6.986  -17.328 3.516   1.00 17.87 ? 157 LYS A NZ  1 
ATOM   886  N  N   . ASP A 1 121 ? -6.945  -13.203 9.030   1.00 15.27 ? 158 ASP A N   1 
ATOM   887  C  CA  . ASP A 1 121 ? -6.472  -12.602 10.266  1.00 15.20 ? 158 ASP A CA  1 
ATOM   888  C  C   . ASP A 1 121 ? -5.010  -12.170 10.141  1.00 15.46 ? 158 ASP A C   1 
ATOM   889  O  O   . ASP A 1 121 ? -4.094  -13.004 9.972   1.00 14.82 ? 158 ASP A O   1 
ATOM   890  C  CB  . ASP A 1 121 ? -6.730  -13.581 11.397  1.00 15.41 ? 158 ASP A CB  1 
ATOM   891  C  CG  . ASP A 1 121 ? -8.214  -13.856 11.580  1.00 15.94 ? 158 ASP A CG  1 
ATOM   892  O  OD1 . ASP A 1 121 ? -8.973  -12.910 11.944  1.00 14.03 ? 158 ASP A OD1 1 
ATOM   893  O  OD2 . ASP A 1 121 ? -8.638  -15.008 11.360  1.00 15.63 ? 158 ASP A OD2 1 
ATOM   894  N  N   . ALA A 1 122 ? -4.780  -10.852 10.153  1.00 15.15 ? 159 ALA A N   1 
ATOM   895  C  CA  . ALA A 1 122 ? -3.461  -10.306 9.759   1.00 14.87 ? 159 ALA A CA  1 
ATOM   896  C  C   . ALA A 1 122 ? -3.216  -9.080  10.609  1.00 15.43 ? 159 ALA A C   1 
ATOM   897  O  O   . ALA A 1 122 ? -4.169  -8.387  10.989  1.00 15.22 ? 159 ALA A O   1 
ATOM   898  C  CB  . ALA A 1 122 ? -3.434  -9.914  8.274   1.00 15.45 ? 159 ALA A CB  1 
ATOM   899  N  N   . ARG A 1 123 ? -1.946  -8.827  10.892  1.00 15.55 ? 160 ARG A N   1 
ATOM   900  C  CA  . ARG A 1 123 ? -1.528  -7.615  11.593  1.00 15.94 ? 160 ARG A CA  1 
ATOM   901  C  C   . ARG A 1 123 ? -0.827  -6.631  10.671  1.00 15.80 ? 160 ARG A C   1 
ATOM   902  O  O   . ARG A 1 123 ? -0.894  -5.408  10.914  1.00 15.55 ? 160 ARG A O   1 
ATOM   903  C  CB  . ARG A 1 123 ? -0.656  -7.963  12.812  1.00 15.83 ? 160 ARG A CB  1 
ATOM   904  C  CG  . ARG A 1 123 ? -0.031  -6.724  13.434  1.00 17.73 ? 160 ARG A CG  1 
ATOM   905  C  CD  . ARG A 1 123 ? 0.412   -6.873  14.882  1.00 19.26 ? 160 ARG A CD  1 
ATOM   906  N  NE  . ARG A 1 123 ? 1.119   -5.653  15.279  1.00 19.59 ? 160 ARG A NE  1 
ATOM   907  C  CZ  . ARG A 1 123 ? 1.743   -5.488  16.441  1.00 24.59 ? 160 ARG A CZ  1 
ATOM   908  N  NH1 . ARG A 1 123 ? 1.747   -6.464  17.350  1.00 23.01 ? 160 ARG A NH1 1 
ATOM   909  N  NH2 . ARG A 1 123 ? 2.357   -4.342  16.697  1.00 20.98 ? 160 ARG A NH2 1 
ATOM   910  N  N   . TYR A 1 124 ? -0.196  -7.127  9.603   1.00 15.61 ? 161 TYR A N   1 
ATOM   911  C  CA  . TYR A 1 124 ? 0.556   -6.241  8.672   1.00 14.91 ? 161 TYR A CA  1 
ATOM   912  C  C   . TYR A 1 124 ? 0.016   -6.340  7.282   1.00 14.51 ? 161 TYR A C   1 
ATOM   913  O  O   . TYR A 1 124 ? -0.338  -7.441  6.836   1.00 13.35 ? 161 TYR A O   1 
ATOM   914  C  CB  . TYR A 1 124 ? 2.068   -6.555  8.656   1.00 14.64 ? 161 TYR A CB  1 
ATOM   915  C  CG  . TYR A 1 124 ? 2.732   -6.438  10.018  1.00 15.74 ? 161 TYR A CG  1 
ATOM   916  C  CD1 . TYR A 1 124 ? 2.734   -7.529  10.906  1.00 16.69 ? 161 TYR A CD1 1 
ATOM   917  C  CD2 . TYR A 1 124 ? 3.354   -5.247  10.414  1.00 15.32 ? 161 TYR A CD2 1 
ATOM   918  C  CE1 . TYR A 1 124 ? 3.330   -7.432  12.172  1.00 15.09 ? 161 TYR A CE1 1 
ATOM   919  C  CE2 . TYR A 1 124 ? 4.004   -5.150  11.666  1.00 15.20 ? 161 TYR A CE2 1 
ATOM   920  C  CZ  . TYR A 1 124 ? 3.953   -6.243  12.532  1.00 15.87 ? 161 TYR A CZ  1 
ATOM   921  O  OH  . TYR A 1 124 ? 4.504   -6.153  13.768  1.00 15.91 ? 161 TYR A OH  1 
ATOM   922  N  N   . VAL A 1 125 ? -0.053  -5.194  6.596   1.00 14.23 ? 162 VAL A N   1 
ATOM   923  C  CA  . VAL A 1 125 ? -0.395  -5.139  5.172   1.00 13.97 ? 162 VAL A CA  1 
ATOM   924  C  C   . VAL A 1 125 ? 0.811   -4.574  4.439   1.00 15.12 ? 162 VAL A C   1 
ATOM   925  O  O   . VAL A 1 125 ? 1.310   -3.484  4.797   1.00 15.56 ? 162 VAL A O   1 
ATOM   926  C  CB  . VAL A 1 125 ? -1.623  -4.237  4.901   1.00 14.37 ? 162 VAL A CB  1 
ATOM   927  C  CG1 . VAL A 1 125 ? -1.935  -4.212  3.416   1.00 13.41 ? 162 VAL A CG1 1 
ATOM   928  C  CG2 . VAL A 1 125 ? -2.843  -4.750  5.742   1.00 14.02 ? 162 VAL A CG2 1 
ATOM   929  N  N   . LYS A 1 126 ? 1.275   -5.290  3.419   1.00 14.67 ? 163 LYS A N   1 
ATOM   930  C  CA  . LYS A 1 126 ? 2.479   -4.872  2.680   1.00 16.65 ? 163 LYS A CA  1 
ATOM   931  C  C   . LYS A 1 126 ? 2.218   -4.788  1.162   1.00 16.09 ? 163 LYS A C   1 
ATOM   932  O  O   . LYS A 1 126 ? 1.455   -5.597  0.606   1.00 16.25 ? 163 LYS A O   1 
ATOM   933  C  CB  . LYS A 1 126 ? 3.613   -5.833  3.034   1.00 17.32 ? 163 LYS A CB  1 
ATOM   934  C  CG  . LYS A 1 126 ? 4.996   -5.433  2.597   1.00 22.05 ? 163 LYS A CG  1 
ATOM   935  C  CD  . LYS A 1 126 ? 6.036   -6.204  3.435   1.00 26.12 ? 163 LYS A CD  1 
ATOM   936  C  CE  . LYS A 1 126 ? 7.389   -6.120  2.736   1.00 28.18 ? 163 LYS A CE  1 
ATOM   937  N  NZ  . LYS A 1 126 ? 8.425   -6.883  3.426   1.00 30.38 ? 163 LYS A NZ  1 
ATOM   938  N  N   . VAL A 1 127 ? 2.817   -3.787  0.504   1.00 15.70 ? 164 VAL A N   1 
ATOM   939  C  CA  . VAL A 1 127 ? 2.819   -3.725  -0.963  1.00 15.47 ? 164 VAL A CA  1 
ATOM   940  C  C   . VAL A 1 127 ? 4.273   -3.954  -1.388  1.00 16.12 ? 164 VAL A C   1 
ATOM   941  O  O   . VAL A 1 127 ? 5.170   -3.323  -0.835  1.00 16.60 ? 164 VAL A O   1 
ATOM   942  C  CB  . VAL A 1 127 ? 2.313   -2.369  -1.510  1.00 14.70 ? 164 VAL A CB  1 
ATOM   943  C  CG1 . VAL A 1 127 ? 2.526   -2.314  -3.014  1.00 14.10 ? 164 VAL A CG1 1 
ATOM   944  C  CG2 . VAL A 1 127 ? 0.807   -2.157  -1.168  1.00 15.58 ? 164 VAL A CG2 1 
ATOM   945  N  N   . GLU A 1 128 ? 4.512   -4.844  -2.355  1.00 15.78 ? 165 GLU A N   1 
ATOM   946  C  CA  . GLU A 1 128 ? 5.897   -5.196  -2.720  1.00 16.07 ? 165 GLU A CA  1 
ATOM   947  C  C   . GLU A 1 128 ? 6.032   -5.148  -4.196  1.00 16.59 ? 165 GLU A C   1 
ATOM   948  O  O   . GLU A 1 128 ? 5.424   -5.968  -4.858  1.00 16.61 ? 165 GLU A O   1 
ATOM   949  C  CB  . GLU A 1 128 ? 6.208   -6.648  -2.300  1.00 16.22 ? 165 GLU A CB  1 
ATOM   950  C  CG  . GLU A 1 128 ? 6.198   -6.886  -0.788  1.00 16.78 ? 165 GLU A CG  1 
ATOM   951  C  CD  . GLU A 1 128 ? 6.617   -8.332  -0.382  1.00 18.77 ? 165 GLU A CD  1 
ATOM   952  O  OE1 . GLU A 1 128 ? 6.688   -9.216  -1.249  1.00 17.47 ? 165 GLU A OE1 1 
ATOM   953  O  OE2 . GLU A 1 128 ? 6.855   -8.593  0.823   1.00 21.48 ? 165 GLU A OE2 1 
ATOM   954  N  N   . LEU A 1 129 ? 6.856   -4.245  -4.726  1.00 17.77 ? 166 LEU A N   1 
ATOM   955  C  CA  . LEU A 1 129 ? 7.176   -4.274  -6.160  1.00 18.19 ? 166 LEU A CA  1 
ATOM   956  C  C   . LEU A 1 129 ? 8.137   -5.436  -6.467  1.00 19.96 ? 166 LEU A C   1 
ATOM   957  O  O   . LEU A 1 129 ? 9.000   -5.775  -5.633  1.00 19.43 ? 166 LEU A O   1 
ATOM   958  C  CB  . LEU A 1 129 ? 7.787   -2.961  -6.636  1.00 17.56 ? 166 LEU A CB  1 
ATOM   959  C  CG  . LEU A 1 129 ? 6.931   -1.692  -6.512  1.00 15.87 ? 166 LEU A CG  1 
ATOM   960  C  CD1 . LEU A 1 129 ? 7.696   -0.498  -7.063  1.00 16.62 ? 166 LEU A CD1 1 
ATOM   961  C  CD2 . LEU A 1 129 ? 5.547   -1.801  -7.171  1.00 16.05 ? 166 LEU A CD2 1 
ATOM   962  N  N   . LYS A 1 130 ? 8.001   -6.018  -7.656  1.00 20.75 ? 167 LYS A N   1 
ATOM   963  C  CA  . LYS A 1 130 ? 8.832   -7.175  -8.060  1.00 22.47 ? 167 LYS A CA  1 
ATOM   964  C  C   . LYS A 1 130 ? 9.722   -6.774  -9.214  1.00 23.83 ? 167 LYS A C   1 
ATOM   965  O  O   . LYS A 1 130 ? 10.302  -7.584  -9.953  1.00 25.38 ? 167 LYS A O   1 
ATOM   966  C  CB  . LYS A 1 130 ? 7.954   -8.359  -8.411  1.00 21.92 ? 167 LYS A CB  1 
ATOM   967  C  CG  . LYS A 1 130 ? 7.228   -8.918  -7.192  1.00 24.70 ? 167 LYS A CG  1 
ATOM   968  C  CD  . LYS A 1 130 ? 6.284   -10.067 -7.567  1.00 30.69 ? 167 LYS A CD  1 
ATOM   969  C  CE  . LYS A 1 130 ? 7.042   -11.342 -7.954  1.00 35.26 ? 167 LYS A CE  1 
ATOM   970  N  NZ  . LYS A 1 130 ? 6.101   -12.363 -8.561  1.00 39.62 ? 167 LYS A NZ  1 
ATOM   971  N  N   . THR A 1 131 ? 9.866   -5.481  -9.320  1.00 24.36 ? 168 THR A N   1 
ATOM   972  C  CA  . THR A 1 131 ? 10.461  -4.868  -10.455 1.00 25.04 ? 168 THR A CA  1 
ATOM   973  C  C   . THR A 1 131 ? 11.839  -4.243  -10.051 1.00 24.65 ? 168 THR A C   1 
ATOM   974  O  O   . THR A 1 131 ? 12.028  -3.822  -8.903  1.00 23.80 ? 168 THR A O   1 
ATOM   975  C  CB  . THR A 1 131 ? 9.403   -3.893  -10.902 1.00 25.96 ? 168 THR A CB  1 
ATOM   976  O  OG1 . THR A 1 131 ? 9.252   -3.933  -12.317 1.00 28.61 ? 168 THR A OG1 1 
ATOM   977  C  CG2 . THR A 1 131 ? 9.633   -2.529  -10.345 1.00 24.92 ? 168 THR A CG2 1 
ATOM   978  N  N   . LYS A 1 132 ? 12.809  -4.239  -10.976 1.00 24.08 ? 169 LYS A N   1 
ATOM   979  C  CA  . LYS A 1 132 ? 14.157  -3.715  -10.699 1.00 23.86 ? 169 LYS A CA  1 
ATOM   980  C  C   . LYS A 1 132 ? 14.143  -2.208  -10.816 1.00 22.73 ? 169 LYS A C   1 
ATOM   981  O  O   . LYS A 1 132 ? 13.428  -1.672  -11.657 1.00 21.76 ? 169 LYS A O   1 
ATOM   982  C  CB  . LYS A 1 132 ? 15.185  -4.248  -11.714 1.00 24.56 ? 169 LYS A CB  1 
ATOM   983  C  CG  . LYS A 1 132 ? 15.744  -5.635  -11.400 1.00 29.15 ? 169 LYS A CG  1 
ATOM   984  C  CD  . LYS A 1 132 ? 17.100  -5.822  -12.095 1.00 35.82 ? 169 LYS A CD  1 
ATOM   985  C  CE  . LYS A 1 132 ? 17.175  -7.130  -12.897 1.00 39.51 ? 169 LYS A CE  1 
ATOM   986  N  NZ  . LYS A 1 132 ? 16.921  -8.306  -12.026 1.00 40.71 ? 169 LYS A NZ  1 
ATOM   987  N  N   . ASN A 1 133 ? 14.920  -1.535  -9.963  1.00 22.30 ? 170 ASN A N   1 
ATOM   988  C  CA  . ASN A 1 133 ? 15.244  -0.101  -10.132 1.00 22.40 ? 170 ASN A CA  1 
ATOM   989  C  C   . ASN A 1 133 ? 14.011  0.781   -10.291 1.00 21.61 ? 170 ASN A C   1 
ATOM   990  O  O   . ASN A 1 133 ? 13.993  1.658   -11.159 1.00 21.40 ? 170 ASN A O   1 
ATOM   991  C  CB  . ASN A 1 133 ? 16.185  0.092   -11.342 1.00 22.99 ? 170 ASN A CB  1 
ATOM   992  C  CG  . ASN A 1 133 ? 16.757  1.497   -11.429 1.00 25.03 ? 170 ASN A CG  1 
ATOM   993  O  OD1 . ASN A 1 133 ? 16.794  2.089   -12.507 1.00 28.28 ? 170 ASN A OD1 1 
ATOM   994  N  ND2 . ASN A 1 133 ? 17.200  2.036   -10.295 1.00 23.96 ? 170 ASN A ND2 1 
ATOM   995  N  N   . THR A 1 134 ? 12.975  0.518   -9.473  1.00 20.57 ? 171 THR A N   1 
ATOM   996  C  CA  . THR A 1 134 ? 11.692  1.206   -9.597  1.00 18.70 ? 171 THR A CA  1 
ATOM   997  C  C   . THR A 1 134 ? 11.270  1.663   -8.204  1.00 16.80 ? 171 THR A C   1 
ATOM   998  O  O   . THR A 1 134 ? 11.287  0.855   -7.276  1.00 16.75 ? 171 THR A O   1 
ATOM   999  C  CB  . THR A 1 134 ? 10.583  0.285   -10.251 1.00 20.09 ? 171 THR A CB  1 
ATOM   1000 O  OG1 . THR A 1 134 ? 11.024  -0.161  -11.538 1.00 20.40 ? 171 THR A OG1 1 
ATOM   1001 C  CG2 . THR A 1 134 ? 9.229   1.028   -10.436 1.00 19.82 ? 171 THR A CG2 1 
ATOM   1002 N  N   . PRO A 1 135 ? 10.871  2.959   -8.058  1.00 15.66 ? 172 PRO A N   1 
ATOM   1003 C  CA  . PRO A 1 135 ? 10.362  3.419   -6.783  1.00 14.40 ? 172 PRO A CA  1 
ATOM   1004 C  C   . PRO A 1 135 ? 8.889   3.070   -6.572  1.00 14.58 ? 172 PRO A C   1 
ATOM   1005 O  O   . PRO A 1 135 ? 8.103   2.985   -7.517  1.00 13.71 ? 172 PRO A O   1 
ATOM   1006 C  CB  . PRO A 1 135 ? 10.569  4.950   -6.834  1.00 14.35 ? 172 PRO A CB  1 
ATOM   1007 C  CG  . PRO A 1 135 ? 10.571  5.311   -8.283  1.00 14.92 ? 172 PRO A CG  1 
ATOM   1008 C  CD  . PRO A 1 135 ? 10.844  4.031   -9.084  1.00 14.93 ? 172 PRO A CD  1 
ATOM   1009 N  N   . LEU A 1 136 ? 8.537   2.837   -5.319  1.00 15.00 ? 173 LEU A N   1 
ATOM   1010 C  CA  . LEU A 1 136 ? 7.146   2.607   -4.944  1.00 14.82 ? 173 LEU A CA  1 
ATOM   1011 C  C   . LEU A 1 136 ? 6.596   3.926   -4.370  1.00 15.23 ? 173 LEU A C   1 
ATOM   1012 O  O   . LEU A 1 136 ? 7.165   4.470   -3.429  1.00 14.66 ? 173 LEU A O   1 
ATOM   1013 C  CB  . LEU A 1 136 ? 7.049   1.484   -3.914  1.00 14.34 ? 173 LEU A CB  1 
ATOM   1014 C  CG  . LEU A 1 136 ? 5.650   1.190   -3.360  1.00 14.64 ? 173 LEU A CG  1 
ATOM   1015 C  CD1 . LEU A 1 136 ? 4.698   0.774   -4.478  1.00 13.55 ? 173 LEU A CD1 1 
ATOM   1016 C  CD2 . LEU A 1 136 ? 5.806   0.084   -2.302  1.00 15.08 ? 173 LEU A CD2 1 
ATOM   1017 N  N   . SER A 1 137 ? 5.493   4.392   -4.965  1.00 14.88 ? 174 SER A N   1 
ATOM   1018 C  CA  . SER A 1 137 ? 4.796   5.611   -4.580  1.00 14.56 ? 174 SER A CA  1 
ATOM   1019 C  C   . SER A 1 137 ? 3.287   5.286   -4.447  1.00 14.43 ? 174 SER A C   1 
ATOM   1020 O  O   . SER A 1 137 ? 2.642   4.853   -5.416  1.00 13.89 ? 174 SER A O   1 
ATOM   1021 C  CB  . SER A 1 137 ? 4.980   6.688   -5.661  1.00 14.50 ? 174 SER A CB  1 
ATOM   1022 O  OG  . SER A 1 137 ? 6.303   7.246   -5.655  1.00 14.74 ? 174 SER A OG  1 
ATOM   1023 N  N   . LEU A 1 138 ? 2.730   5.545   -3.263  1.00 14.34 ? 175 LEU A N   1 
ATOM   1024 C  CA  . LEU A 1 138 ? 1.303   5.312   -3.032  1.00 13.55 ? 175 LEU A CA  1 
ATOM   1025 C  C   . LEU A 1 138 ? 0.664   6.572   -2.474  1.00 13.07 ? 175 LEU A C   1 
ATOM   1026 O  O   . LEU A 1 138 ? 1.150   7.104   -1.498  1.00 13.05 ? 175 LEU A O   1 
ATOM   1027 C  CB  . LEU A 1 138 ? 1.137   4.185   -2.014  1.00 13.72 ? 175 LEU A CB  1 
ATOM   1028 C  CG  . LEU A 1 138 ? 1.675   2.823   -2.493  1.00 13.51 ? 175 LEU A CG  1 
ATOM   1029 C  CD1 . LEU A 1 138 ? 2.149   1.936   -1.302  1.00 13.17 ? 175 LEU A CD1 1 
ATOM   1030 C  CD2 . LEU A 1 138 ? 0.617   2.093   -3.397  1.00 16.72 ? 175 LEU A CD2 1 
ATOM   1031 N  N   . ALA A 1 139 ? -0.456  7.009   -3.071  1.00 12.62 ? 176 ALA A N   1 
ATOM   1032 C  CA  . ALA A 1 139 ? -1.182  8.179   -2.568  1.00 12.14 ? 176 ALA A CA  1 
ATOM   1033 C  C   . ALA A 1 139 ? -1.862  7.785   -1.249  1.00 11.95 ? 176 ALA A C   1 
ATOM   1034 O  O   . ALA A 1 139 ? -1.964  8.589   -0.308  1.00 12.26 ? 176 ALA A O   1 
ATOM   1035 C  CB  . ALA A 1 139 ? -2.202  8.645   -3.620  1.00 12.29 ? 176 ALA A CB  1 
ATOM   1036 N  N   . GLU A 1 140 ? -2.307  6.528   -1.162  1.00 11.73 ? 177 GLU A N   1 
ATOM   1037 C  CA  . GLU A 1 140 ? -3.012  6.080   0.036   1.00 12.60 ? 177 GLU A CA  1 
ATOM   1038 C  C   . GLU A 1 140 ? -3.228  4.590   0.001   1.00 12.37 ? 177 GLU A C   1 
ATOM   1039 O  O   . GLU A 1 140 ? -3.374  4.012   -1.079  1.00 13.96 ? 177 GLU A O   1 
ATOM   1040 C  CB  . GLU A 1 140 ? -4.381  6.797   0.194   1.00 12.45 ? 177 GLU A CB  1 
ATOM   1041 C  CG  . GLU A 1 140 ? -5.003  6.654   1.644   1.00 11.88 ? 177 GLU A CG  1 
ATOM   1042 C  CD  . GLU A 1 140 ? -4.444  7.656   2.656   1.00 15.85 ? 177 GLU A CD  1 
ATOM   1043 O  OE1 . GLU A 1 140 ? -3.491  8.461   2.326   1.00 15.42 ? 177 GLU A OE1 1 
ATOM   1044 O  OE2 . GLU A 1 140 ? -4.972  7.630   3.804   1.00 15.11 ? 177 GLU A OE2 1 
ATOM   1045 N  N   . VAL A 1 141 ? -3.158  3.976   1.180   1.00 12.14 ? 178 VAL A N   1 
ATOM   1046 C  CA  . VAL A 1 141 ? -3.575  2.576   1.421   1.00 12.65 ? 178 VAL A CA  1 
ATOM   1047 C  C   . VAL A 1 141 ? -4.630  2.552   2.527   1.00 12.49 ? 178 VAL A C   1 
ATOM   1048 O  O   . VAL A 1 141 ? -4.360  2.989   3.655   1.00 14.05 ? 178 VAL A O   1 
ATOM   1049 C  CB  . VAL A 1 141 ? -2.374  1.638   1.796   1.00 12.89 ? 178 VAL A CB  1 
ATOM   1050 C  CG1 . VAL A 1 141 ? -2.859  0.154   2.006   1.00 11.69 ? 178 VAL A CG1 1 
ATOM   1051 C  CG2 . VAL A 1 141 ? -1.302  1.705   0.694   1.00 12.89 ? 178 VAL A CG2 1 
ATOM   1052 N  N   . GLU A 1 142 ? -5.819  2.060   2.191   1.00 12.31 ? 179 GLU A N   1 
ATOM   1053 C  CA  . GLU A 1 142 ? -6.915  1.937   3.160   1.00 12.65 ? 179 GLU A CA  1 
ATOM   1054 C  C   . GLU A 1 142 ? -7.195  0.459   3.369   1.00 13.13 ? 179 GLU A C   1 
ATOM   1055 O  O   . GLU A 1 142 ? -7.084  -0.322  2.422   1.00 13.24 ? 179 GLU A O   1 
ATOM   1056 C  CB  . GLU A 1 142 ? -8.174  2.631   2.633   1.00 11.83 ? 179 GLU A CB  1 
ATOM   1057 C  CG  . GLU A 1 142 ? -7.918  4.144   2.390   1.00 11.09 ? 179 GLU A CG  1 
ATOM   1058 C  CD  . GLU A 1 142 ? -9.105  4.853   1.778   1.00 17.40 ? 179 GLU A CD  1 
ATOM   1059 O  OE1 . GLU A 1 142 ? -9.946  4.197   1.102   1.00 18.83 ? 179 GLU A OE1 1 
ATOM   1060 O  OE2 . GLU A 1 142 ? -9.160  6.084   1.928   1.00 17.74 ? 179 GLU A OE2 1 
ATOM   1061 N  N   . VAL A 1 143 ? -7.547  0.108   4.606   1.00 14.07 ? 180 VAL A N   1 
ATOM   1062 C  CA  . VAL A 1 143 ? -7.737  -1.280  5.013   1.00 14.30 ? 180 VAL A CA  1 
ATOM   1063 C  C   . VAL A 1 143 ? -9.042  -1.319  5.797   1.00 15.06 ? 180 VAL A C   1 
ATOM   1064 O  O   . VAL A 1 143 ? -9.299  -0.449  6.653   1.00 15.07 ? 180 VAL A O   1 
ATOM   1065 C  CB  . VAL A 1 143 ? -6.552  -1.786  5.899   1.00 13.75 ? 180 VAL A CB  1 
ATOM   1066 C  CG1 . VAL A 1 143 ? -6.787  -3.218  6.348   1.00 12.16 ? 180 VAL A CG1 1 
ATOM   1067 C  CG2 . VAL A 1 143 ? -5.216  -1.667  5.117   1.00 13.19 ? 180 VAL A CG2 1 
ATOM   1068 N  N   . PHE A 1 144 ? -9.866  -2.306  5.460   1.00 15.88 ? 181 PHE A N   1 
ATOM   1069 C  CA  . PHE A 1 144 ? -11.201 -2.475  6.025   1.00 17.12 ? 181 PHE A CA  1 
ATOM   1070 C  C   . PHE A 1 144 ? -11.388 -3.891  6.565   1.00 17.77 ? 181 PHE A C   1 
ATOM   1071 O  O   . PHE A 1 144 ? -11.040 -4.876  5.889   1.00 17.31 ? 181 PHE A O   1 
ATOM   1072 C  CB  . PHE A 1 144 ? -12.226 -2.207  4.935   1.00 16.68 ? 181 PHE A CB  1 
ATOM   1073 C  CG  . PHE A 1 144 ? -12.078 -0.841  4.310   1.00 16.29 ? 181 PHE A CG  1 
ATOM   1074 C  CD1 . PHE A 1 144 ? -12.582 0.281   4.957   1.00 15.38 ? 181 PHE A CD1 1 
ATOM   1075 C  CD2 . PHE A 1 144 ? -11.396 -0.684  3.117   1.00 15.52 ? 181 PHE A CD2 1 
ATOM   1076 C  CE1 . PHE A 1 144 ? -12.438 1.558   4.403   1.00 17.98 ? 181 PHE A CE1 1 
ATOM   1077 C  CE2 . PHE A 1 144 ? -11.254 0.591   2.537   1.00 14.98 ? 181 PHE A CE2 1 
ATOM   1078 C  CZ  . PHE A 1 144 ? -11.748 1.702   3.196   1.00 14.95 ? 181 PHE A CZ  1 
ATOM   1079 N  N   . ARG A 1 145 ? -11.954 -3.991  7.762   1.00 18.30 ? 182 ARG A N   1 
ATOM   1080 C  CA  . ARG A 1 145 ? -12.340 -5.296  8.319   1.00 20.52 ? 182 ARG A CA  1 
ATOM   1081 C  C   . ARG A 1 145 ? -13.447 -5.999  7.525   1.00 21.02 ? 182 ARG A C   1 
ATOM   1082 O  O   . ARG A 1 145 ? -14.308 -5.368  6.903   1.00 19.91 ? 182 ARG A O   1 
ATOM   1083 C  CB  . ARG A 1 145 ? -12.738 -5.165  9.800   1.00 21.67 ? 182 ARG A CB  1 
ATOM   1084 C  CG  . ARG A 1 145 ? -11.603 -4.728  10.660  1.00 23.46 ? 182 ARG A CG  1 
ATOM   1085 C  CD  . ARG A 1 145 ? -11.920 -4.753  12.165  1.00 29.97 ? 182 ARG A CD  1 
ATOM   1086 N  NE  . ARG A 1 145 ? -12.540 -3.495  12.507  1.00 34.93 ? 182 ARG A NE  1 
ATOM   1087 C  CZ  . ARG A 1 145 ? -12.062 -2.568  13.331  1.00 33.45 ? 182 ARG A CZ  1 
ATOM   1088 N  NH1 . ARG A 1 145 ? -10.930 -2.731  14.005  1.00 33.53 ? 182 ARG A NH1 1 
ATOM   1089 N  NH2 . ARG A 1 145 ? -12.774 -1.467  13.492  1.00 35.19 ? 182 ARG A NH2 1 
ATOM   1090 N  N   . SER A 1 146 ? -13.415 -7.320  7.541   1.00 22.53 ? 183 SER A N   1 
ATOM   1091 C  CA  . SER A 1 146 ? -14.530 -8.126  7.053   1.00 24.84 ? 183 SER A CA  1 
ATOM   1092 C  C   . SER A 1 146 ? -15.820 -7.733  7.775   1.00 26.50 ? 183 SER A C   1 
ATOM   1093 O  O   . SER A 1 146 ? -15.792 -7.462  8.980   1.00 27.39 ? 183 SER A O   1 
ATOM   1094 C  CB  . SER A 1 146 ? -14.256 -9.589  7.354   1.00 25.25 ? 183 SER A CB  1 
ATOM   1095 O  OG  . SER A 1 146 ? -13.120 -10.004 6.664   1.00 25.31 ? 183 SER A OG  1 
ATOM   1096 N  N   . ALA A 1 147 ? -16.937 -7.736  7.044   1.00 28.49 ? 184 ALA A N   1 
ATOM   1097 C  CA  . ALA A 1 147 ? -18.263 -7.346  7.588   1.00 30.98 ? 184 ALA A CA  1 
ATOM   1098 C  C   . ALA A 1 147 ? -18.667 -8.037  8.897   1.00 32.23 ? 184 ALA A C   1 
ATOM   1099 O  O   . ALA A 1 147 ? -18.357 -9.219  9.102   1.00 33.78 ? 184 ALA A O   1 
ATOM   1100 C  CB  . ALA A 1 147 ? -19.362 -7.559  6.515   1.00 31.80 ? 184 ALA A CB  1 
HETATM 1101 C  C1  . NDG B 2 .   ? 13.736  16.726  -8.491  1.00 41.86 ? 1   NDG B C1  1 
HETATM 1102 C  C2  . NDG B 2 .   ? 12.540  16.064  -9.202  1.00 40.05 ? 1   NDG B C2  1 
HETATM 1103 C  C3  . NDG B 2 .   ? 11.269  16.921  -9.160  1.00 40.83 ? 1   NDG B C3  1 
HETATM 1104 C  C4  . NDG B 2 .   ? 10.988  17.508  -7.770  1.00 41.75 ? 1   NDG B C4  1 
HETATM 1105 C  C5  . NDG B 2 .   ? 12.252  18.216  -7.247  1.00 43.74 ? 1   NDG B C5  1 
HETATM 1106 C  C6  . NDG B 2 .   ? 12.120  18.811  -5.834  1.00 46.69 ? 1   NDG B C6  1 
HETATM 1107 C  C7  . NDG B 2 .   ? 13.621  14.638  -10.967 1.00 36.49 ? 1   NDG B C7  1 
HETATM 1108 C  C8  . NDG B 2 .   ? 13.632  14.444  -12.478 1.00 36.38 ? 1   NDG B C8  1 
HETATM 1109 O  O5  . NDG B 2 .   ? 13.350  17.293  -7.235  1.00 43.44 ? 1   NDG B O5  1 
HETATM 1110 O  O3  . NDG B 2 .   ? 10.133  16.222  -9.720  1.00 39.04 ? 1   NDG B O3  1 
HETATM 1111 O  O4  . NDG B 2 .   ? 9.920   18.441  -7.950  1.00 40.28 ? 1   NDG B O4  1 
HETATM 1112 O  O6  . NDG B 2 .   ? 12.201  17.800  -4.804  1.00 49.43 ? 1   NDG B O6  1 
HETATM 1113 O  O7  . NDG B 2 .   ? 12.997  13.545  -10.305 1.00 34.62 ? 1   NDG B O7  1 
HETATM 1114 N  N2  . NDG B 2 .   ? 12.873  15.818  -10.597 1.00 37.59 ? 1   NDG B N2  1 
HETATM 1115 O  O1  . NDG B 2 .   ? 14.359  17.713  -9.340  1.00 43.09 ? 1   NDG B O1  1 
HETATM 1116 C  C1  . GAL B 2 .   ? 9.778   16.578  -11.076 1.00 36.90 ? 2   GAL B C1  1 
HETATM 1117 C  C2  . GAL B 2 .   ? 8.702   15.591  -11.568 1.00 34.58 ? 2   GAL B C2  1 
HETATM 1118 C  C3  . GAL B 2 .   ? 8.075   16.015  -12.908 1.00 34.84 ? 2   GAL B C3  1 
HETATM 1119 C  C4  . GAL B 2 .   ? 7.719   17.498  -12.930 1.00 37.09 ? 2   GAL B C4  1 
HETATM 1120 C  C5  . GAL B 2 .   ? 8.909   18.360  -12.506 1.00 38.88 ? 2   GAL B C5  1 
HETATM 1121 C  C6  . GAL B 2 .   ? 8.555   19.847  -12.549 1.00 38.40 ? 2   GAL B C6  1 
HETATM 1122 O  O2  . GAL B 2 .   ? 9.311   14.294  -11.704 1.00 32.80 ? 2   GAL B O2  1 
HETATM 1123 O  O3  . GAL B 2 .   ? 6.874   15.263  -13.139 1.00 33.96 ? 2   GAL B O3  1 
HETATM 1124 O  O4  . GAL B 2 .   ? 6.668   17.705  -11.992 1.00 38.88 ? 2   GAL B O4  1 
HETATM 1125 O  O5  . GAL B 2 .   ? 9.378   17.963  -11.201 1.00 36.78 ? 2   GAL B O5  1 
HETATM 1126 O  O6  . GAL B 2 .   ? 9.688   20.574  -12.055 1.00 41.51 ? 2   GAL B O6  1 
HETATM 1127 C  C1  . FUC B 2 .   ? 8.582   13.181  -11.157 1.00 31.34 ? 3   FUC B C1  1 
HETATM 1128 C  C2  . FUC B 2 .   ? 9.308   11.909  -11.637 1.00 30.58 ? 3   FUC B C2  1 
HETATM 1129 C  C3  . FUC B 2 .   ? 10.596  11.676  -10.821 1.00 27.12 ? 3   FUC B C3  1 
HETATM 1130 C  C4  . FUC B 2 .   ? 10.323  11.677  -9.301  1.00 25.78 ? 3   FUC B C4  1 
HETATM 1131 C  C5  . FUC B 2 .   ? 9.712   13.045  -8.963  1.00 25.56 ? 3   FUC B C5  1 
HETATM 1132 C  C6  . FUC B 2 .   ? 9.486   13.299  -7.469  1.00 25.93 ? 3   FUC B C6  1 
HETATM 1133 O  O2  . FUC B 2 .   ? 9.557   11.977  -13.057 1.00 30.03 ? 3   FUC B O2  1 
HETATM 1134 O  O3  . FUC B 2 .   ? 11.141  10.417  -11.202 1.00 25.51 ? 3   FUC B O3  1 
HETATM 1135 O  O4  . FUC B 2 .   ? 9.410   10.598  -8.992  1.00 23.25 ? 3   FUC B O4  1 
HETATM 1136 O  O5  . FUC B 2 .   ? 8.492   13.218  -9.696  1.00 28.36 ? 3   FUC B O5  1 
HETATM 1137 C  C1  . FUC B 2 .   ? 8.887   18.468  -6.962  1.00 39.77 ? 4   FUC B C1  1 
HETATM 1138 C  C2  . FUC B 2 .   ? 8.194   19.828  -7.134  1.00 40.39 ? 4   FUC B C2  1 
HETATM 1139 C  C3  . FUC B 2 .   ? 7.397   19.872  -8.447  1.00 39.85 ? 4   FUC B C3  1 
HETATM 1140 C  C4  . FUC B 2 .   ? 6.381   18.721  -8.478  1.00 39.37 ? 4   FUC B C4  1 
HETATM 1141 C  C5  . FUC B 2 .   ? 7.132   17.390  -8.316  1.00 39.63 ? 4   FUC B C5  1 
HETATM 1142 C  C6  . FUC B 2 .   ? 6.165   16.212  -8.370  1.00 38.88 ? 4   FUC B C6  1 
HETATM 1143 O  O2  . FUC B 2 .   ? 9.162   20.884  -7.144  1.00 42.35 ? 4   FUC B O2  1 
HETATM 1144 O  O3  . FUC B 2 .   ? 6.769   21.152  -8.611  1.00 39.56 ? 4   FUC B O3  1 
HETATM 1145 O  O4  . FUC B 2 .   ? 5.420   18.888  -7.425  1.00 38.84 ? 4   FUC B O4  1 
HETATM 1146 O  O5  . FUC B 2 .   ? 7.941   17.377  -7.110  1.00 39.38 ? 4   FUC B O5  1 
HETATM 1147 CA CA  . CA  C 3 .   ? -2.107  10.158  1.394   1.00 14.07 ? 1   CA  A CA  1 
HETATM 1148 NI NI  . NI  D 4 .   ? -1.403  21.700  -7.162  0.30 14.22 ? 191 NI  A NI  1 
HETATM 1149 O  O   . HOH E 5 .   ? -13.107 -1.694  8.878   1.00 20.89 ? 2   HOH A O   1 
HETATM 1150 O  O   . HOH E 5 .   ? 11.060  -1.876  -6.997  1.00 15.68 ? 3   HOH A O   1 
HETATM 1151 O  O   . HOH E 5 .   ? 3.791   13.501  -1.997  1.00 15.49 ? 4   HOH A O   1 
HETATM 1152 O  O   . HOH E 5 .   ? 6.220   3.806   -0.745  1.00 12.73 ? 5   HOH A O   1 
HETATM 1153 O  O   . HOH E 5 .   ? -1.811  -12.842 13.881  1.00 21.13 ? 6   HOH A O   1 
HETATM 1154 O  O   . HOH E 5 .   ? -0.678  14.302  -2.486  1.00 12.03 ? 7   HOH A O   1 
HETATM 1155 O  O   . HOH E 5 .   ? -5.372  -13.881 -1.201  1.00 15.17 ? 8   HOH A O   1 
HETATM 1156 O  O   . HOH E 5 .   ? -5.263  5.199   5.118   1.00 15.98 ? 9   HOH A O   1 
HETATM 1157 O  O   . HOH E 5 .   ? 5.154   2.911   -7.524  1.00 14.01 ? 10  HOH A O   1 
HETATM 1158 O  O   . HOH E 5 .   ? 2.857   12.267  6.778   1.00 9.28  ? 11  HOH A O   1 
HETATM 1159 O  O   . HOH E 5 .   ? 13.690  11.880  1.392   1.00 13.93 ? 12  HOH A O   1 
HETATM 1160 O  O   . HOH E 5 .   ? -12.192 -12.449 -0.925  1.00 23.59 ? 13  HOH A O   1 
HETATM 1161 O  O   . HOH E 5 .   ? 18.784  -1.817  -9.893  1.00 31.34 ? 14  HOH A O   1 
HETATM 1162 O  O   . HOH E 5 .   ? 5.324   -0.699  9.281   1.00 26.93 ? 15  HOH A O   1 
HETATM 1163 O  O   . HOH E 5 .   ? -9.231  7.352   5.589   1.00 19.47 ? 16  HOH A O   1 
HETATM 1164 O  O   . HOH E 5 .   ? -8.670  -9.035  -4.864  1.00 11.68 ? 17  HOH A O   1 
HETATM 1165 O  O   . HOH E 5 .   ? 6.803   -1.610  -11.054 1.00 19.06 ? 18  HOH A O   1 
HETATM 1166 O  O   . HOH E 5 .   ? -5.092  7.667   -7.080  1.00 19.41 ? 19  HOH A O   1 
HETATM 1167 O  O   . HOH E 5 .   ? -16.221 -2.679  -0.675  1.00 30.67 ? 20  HOH A O   1 
HETATM 1168 O  O   . HOH E 5 .   ? -6.359  -2.173  14.012  1.00 26.79 ? 21  HOH A O   1 
HETATM 1169 O  O   . HOH E 5 .   ? -4.613  16.265  -7.070  1.00 25.56 ? 22  HOH A O   1 
HETATM 1170 O  O   . HOH E 5 .   ? 15.944  6.192   2.748   1.00 24.33 ? 23  HOH A O   1 
HETATM 1171 O  O   . HOH E 5 .   ? -13.621 -11.178 4.212   1.00 25.70 ? 24  HOH A O   1 
HETATM 1172 O  O   . HOH E 5 .   ? 10.297  3.783   6.459   1.00 22.72 ? 25  HOH A O   1 
HETATM 1173 O  O   . HOH E 5 .   ? 9.961   12.135  4.723   1.00 11.29 ? 26  HOH A O   1 
HETATM 1174 O  O   . HOH E 5 .   ? -0.293  0.205   -13.017 1.00 24.32 ? 27  HOH A O   1 
HETATM 1175 O  O   . HOH E 5 .   ? 19.219  5.759   -3.877  1.00 14.75 ? 28  HOH A O   1 
HETATM 1176 O  O   . HOH E 5 .   ? -4.090  -17.148 1.661   1.00 18.95 ? 29  HOH A O   1 
HETATM 1177 O  O   . HOH E 5 .   ? 1.234   -14.594 14.549  1.00 22.30 ? 30  HOH A O   1 
HETATM 1178 O  O   . HOH E 5 .   ? 0.414   0.959   14.158  1.00 18.14 ? 31  HOH A O   1 
HETATM 1179 O  O   . HOH E 5 .   ? -3.370  -15.422 11.429  1.00 19.98 ? 32  HOH A O   1 
HETATM 1180 O  O   . HOH E 5 .   ? 2.071   15.797  4.148   1.00 12.77 ? 33  HOH A O   1 
HETATM 1181 O  O   . HOH E 5 .   ? -6.543  9.301   -5.412  1.00 18.84 ? 34  HOH A O   1 
HETATM 1182 O  O   . HOH E 5 .   ? 6.957   7.771   7.630   1.00 21.68 ? 35  HOH A O   1 
HETATM 1183 O  O   . HOH E 5 .   ? -8.568  -7.038  -6.879  1.00 25.60 ? 36  HOH A O   1 
HETATM 1184 O  O   . HOH E 5 .   ? -6.177  -11.472 -7.051  1.00 14.50 ? 37  HOH A O   1 
HETATM 1185 O  O   . HOH E 5 .   ? -8.959  -17.325 5.640   1.00 21.93 ? 192 HOH A O   1 
HETATM 1186 O  O   . HOH E 5 .   ? -7.608  -7.282  17.460  1.00 33.10 ? 193 HOH A O   1 
HETATM 1187 O  O   . HOH E 5 .   ? -20.496 -4.108  5.772   1.00 42.46 ? 194 HOH A O   1 
HETATM 1188 O  O   . HOH E 5 .   ? 6.950   -10.923 1.573   1.00 34.01 ? 195 HOH A O   1 
HETATM 1189 O  O   . HOH E 5 .   ? -6.434  12.742  -6.428  1.00 27.36 ? 196 HOH A O   1 
HETATM 1190 O  O   . HOH E 5 .   ? -3.074  4.007   -12.239 1.00 21.73 ? 197 HOH A O   1 
HETATM 1191 O  O   . HOH E 5 .   ? -12.600 5.556   8.381   1.00 23.02 ? 198 HOH A O   1 
HETATM 1192 O  O   . HOH E 5 .   ? -1.302  1.683   16.063  1.00 32.43 ? 199 HOH A O   1 
HETATM 1193 O  O   . HOH E 5 .   ? -10.178 3.808   -9.721  1.00 37.55 ? 200 HOH A O   1 
HETATM 1194 O  O   . HOH E 5 .   ? -10.888 -8.804  13.520  1.00 28.83 ? 201 HOH A O   1 
HETATM 1195 O  O   . HOH E 5 .   ? 0.595   7.283   10.491  1.00 29.03 ? 202 HOH A O   1 
HETATM 1196 O  O   . HOH E 5 .   ? 9.366   7.274   5.588   1.00 15.22 ? 203 HOH A O   1 
HETATM 1197 O  O   . HOH E 5 .   ? -10.357 -2.307  -8.232  1.00 20.24 ? 204 HOH A O   1 
HETATM 1198 O  O   . HOH E 5 .   ? -3.477  13.317  10.869  1.00 39.01 ? 205 HOH A O   1 
HETATM 1199 O  O   . HOH E 5 .   ? 5.258   20.617  -4.051  1.00 29.77 ? 206 HOH A O   1 
HETATM 1200 O  O   . HOH E 5 .   ? -7.784  7.790   3.314   1.00 16.97 ? 207 HOH A O   1 
HETATM 1201 O  O   . HOH E 5 .   ? -12.205 -12.081 -3.523  1.00 24.84 ? 208 HOH A O   1 
HETATM 1202 O  O   . HOH E 5 .   ? 8.510   16.607  0.752   0.50 8.32  ? 209 HOH A O   1 
HETATM 1203 O  O   . HOH E 5 .   ? 3.918   -7.959  15.415  1.00 21.91 ? 210 HOH A O   1 
HETATM 1204 O  O   . HOH E 5 .   ? -3.241  17.803  -9.276  1.00 21.24 ? 211 HOH A O   1 
HETATM 1205 O  O   . HOH E 5 .   ? 7.440   12.808  -14.466 1.00 32.02 ? 212 HOH A O   1 
HETATM 1206 O  O   . HOH E 5 .   ? -10.018 5.529   -12.017 1.00 35.12 ? 213 HOH A O   1 
HETATM 1207 O  O   . HOH E 5 .   ? 1.104   15.739  -14.031 1.00 41.97 ? 214 HOH A O   1 
HETATM 1208 O  O   . HOH E 5 .   ? 6.136   15.957  -1.644  1.00 17.88 ? 215 HOH A O   1 
HETATM 1209 O  O   . HOH E 5 .   ? -4.258  -9.077  18.259  1.00 25.82 ? 216 HOH A O   1 
HETATM 1210 O  O   . HOH E 5 .   ? -0.343  -16.794 1.245   1.00 31.95 ? 217 HOH A O   1 
HETATM 1211 O  O   . HOH E 5 .   ? 1.626   21.758  -2.230  1.00 19.50 ? 218 HOH A O   1 
HETATM 1212 O  O   . HOH E 5 .   ? 2.905   18.578  -8.727  1.00 22.19 ? 219 HOH A O   1 
HETATM 1213 O  O   . HOH E 5 .   ? 17.813  1.875   -1.987  1.00 20.19 ? 220 HOH A O   1 
HETATM 1214 O  O   . HOH E 5 .   ? -13.532 -9.439  1.787   1.00 22.50 ? 221 HOH A O   1 
HETATM 1215 O  O   . HOH E 5 .   ? -2.731  7.061   -10.971 1.00 33.42 ? 222 HOH A O   1 
HETATM 1216 O  O   . HOH E 5 .   ? 18.195  -2.206  -5.070  1.00 17.50 ? 223 HOH A O   1 
HETATM 1217 O  O   . HOH E 5 .   ? 16.618  -2.492  -2.506  1.00 39.56 ? 224 HOH A O   1 
HETATM 1218 O  O   . HOH E 5 .   ? -7.593  0.333   14.564  1.00 23.76 ? 225 HOH A O   1 
HETATM 1219 O  O   . HOH E 5 .   ? 2.777   -0.101  15.343  1.00 22.43 ? 226 HOH A O   1 
HETATM 1220 O  O   . HOH E 5 .   ? 0.501   14.070  5.534   1.00 18.34 ? 227 HOH A O   1 
HETATM 1221 O  O   . HOH E 5 .   ? 12.470  4.587   4.645   1.00 27.13 ? 228 HOH A O   1 
HETATM 1222 O  O   . HOH E 5 .   ? 0.357   11.951  -14.927 1.00 25.71 ? 229 HOH A O   1 
HETATM 1223 O  O   . HOH E 5 .   ? 1.555   9.313   -12.266 1.00 37.67 ? 230 HOH A O   1 
HETATM 1224 O  O   . HOH E 5 .   ? 4.343   15.988  -11.790 1.00 29.87 ? 231 HOH A O   1 
HETATM 1225 O  O   . HOH E 5 .   ? 19.551  0.011   -5.775  1.00 27.90 ? 232 HOH A O   1 
HETATM 1226 O  O   . HOH E 5 .   ? -5.361  9.005   12.703  1.00 38.29 ? 233 HOH A O   1 
HETATM 1227 O  O   . HOH E 5 .   ? -4.434  -18.073 4.951   1.00 22.11 ? 234 HOH A O   1 
HETATM 1228 O  O   . HOH E 5 .   ? 14.315  -3.552  2.754   1.00 29.98 ? 235 HOH A O   1 
HETATM 1229 O  O   . HOH E 5 .   ? 14.770  -1.341  4.114   1.00 32.55 ? 236 HOH A O   1 
HETATM 1230 O  O   . HOH E 5 .   ? 2.132   -14.592 16.793  1.00 27.39 ? 237 HOH A O   1 
HETATM 1231 O  O   . HOH E 5 .   ? -9.276  -13.423 -2.362  1.00 24.33 ? 238 HOH A O   1 
HETATM 1232 O  O   . HOH E 5 .   ? -1.706  2.406   -13.900 1.00 25.23 ? 239 HOH A O   1 
HETATM 1233 O  O   . HOH E 5 .   ? 11.027  -6.831  3.278   1.00 39.58 ? 240 HOH A O   1 
HETATM 1234 O  O   . HOH E 5 .   ? -0.237  9.120   8.393   1.00 23.87 ? 241 HOH A O   1 
HETATM 1235 O  O   . HOH E 5 .   ? -9.639  11.906  6.023   1.00 33.22 ? 242 HOH A O   1 
HETATM 1236 O  O   . HOH E 5 .   ? 0.124   17.825  -11.319 1.00 28.13 ? 243 HOH A O   1 
HETATM 1237 O  O   . HOH E 5 .   ? 5.994   -15.924 5.370   1.00 26.69 ? 244 HOH A O   1 
HETATM 1238 O  O   . HOH E 5 .   ? 16.136  -0.176  0.661   1.00 25.04 ? 245 HOH A O   1 
HETATM 1239 O  O   . HOH E 5 .   ? 19.336  2.147   -4.357  1.00 26.08 ? 246 HOH A O   1 
HETATM 1240 O  O   . HOH E 5 .   ? -2.040  22.871  -5.729  1.00 19.03 ? 247 HOH A O   1 
HETATM 1241 O  O   . HOH E 5 .   ? -4.070  20.369  -9.885  1.00 26.75 ? 248 HOH A O   1 
HETATM 1242 O  O   . HOH E 5 .   ? -3.258  21.607  -7.780  1.00 17.22 ? 249 HOH A O   1 
HETATM 1243 O  O   . HOH E 5 .   ? 1.273   23.360  -4.341  1.00 25.91 ? 250 HOH A O   1 
HETATM 1244 O  O   . HOH E 5 .   ? 7.329   -9.729  -3.775  1.00 26.87 ? 251 HOH A O   1 
HETATM 1245 O  O   . HOH E 5 .   ? 9.727   -6.177  -1.804  1.00 25.95 ? 252 HOH A O   1 
HETATM 1246 O  O   . HOH E 5 .   ? 15.481  13.854  -2.429  1.00 21.65 ? 253 HOH A O   1 
HETATM 1247 O  O   . HOH E 5 .   ? -3.336  -15.753 -0.595  1.00 17.76 ? 254 HOH A O   1 
HETATM 1248 O  O   . HOH E 5 .   ? 3.235   23.007  -0.129  1.00 28.92 ? 255 HOH A O   1 
HETATM 1249 O  O   . HOH E 5 .   ? 6.785   -10.374 14.766  1.00 33.57 ? 256 HOH A O   1 
HETATM 1250 O  O   . HOH E 5 .   ? -12.150 1.811   -6.725  1.00 32.41 ? 257 HOH A O   1 
HETATM 1251 O  O   . HOH E 5 .   ? 8.866   16.375  -1.475  1.00 17.73 ? 258 HOH A O   1 
HETATM 1252 O  O   . HOH E 5 .   ? -17.123 -7.906  4.587   1.00 43.64 ? 259 HOH A O   1 
HETATM 1253 O  O   . HOH E 5 .   ? 12.272  -5.580  -13.657 1.00 27.89 ? 260 HOH A O   1 
HETATM 1254 O  O   . HOH E 5 .   ? -3.455  -8.419  -12.791 1.00 36.07 ? 261 HOH A O   1 
HETATM 1255 O  O   . HOH E 5 .   ? 1.079   -0.488  -15.617 1.00 33.74 ? 262 HOH A O   1 
HETATM 1256 O  O   . HOH E 5 .   ? -7.426  -16.136 9.439   1.00 25.10 ? 263 HOH A O   1 
HETATM 1257 O  O   . HOH E 5 .   ? 15.948  13.042  0.183   1.00 21.02 ? 264 HOH A O   1 
HETATM 1258 O  O   . HOH E 5 .   ? -3.822  -12.300 -7.865  1.00 32.06 ? 265 HOH A O   1 
HETATM 1259 O  O   . HOH E 5 .   ? -14.864 -12.730 8.760   1.00 37.31 ? 266 HOH A O   1 
HETATM 1260 O  O   . HOH E 5 .   ? 18.578  0.406   -8.574  1.00 27.26 ? 267 HOH A O   1 
HETATM 1261 O  O   . HOH E 5 .   ? 13.666  10.889  -11.157 1.00 35.59 ? 268 HOH A O   1 
HETATM 1262 O  O   . HOH E 5 .   ? 7.876   -18.742 8.628   1.00 33.09 ? 269 HOH A O   1 
HETATM 1263 O  O   . HOH E 5 .   ? 5.885   -11.189 -11.326 1.00 29.22 ? 270 HOH A O   1 
HETATM 1264 O  O   . HOH E 5 .   ? 6.145   -0.570  11.574  1.00 31.01 ? 271 HOH A O   1 
HETATM 1265 O  O   . HOH E 5 .   ? -2.691  -17.742 -2.399  1.00 27.41 ? 272 HOH A O   1 
HETATM 1266 O  O   . HOH E 5 .   ? -12.665 3.575   0.395   1.00 36.20 ? 273 HOH A O   1 
HETATM 1267 O  O   . HOH E 5 .   ? 2.371   -17.096 -1.597  1.00 28.46 ? 274 HOH A O   1 
HETATM 1268 O  O   . HOH E 5 .   ? 5.508   -2.178  13.638  1.00 30.10 ? 275 HOH A O   1 
HETATM 1269 O  O   . HOH E 5 .   ? 2.318   5.677   -16.491 1.00 41.99 ? 276 HOH A O   1 
HETATM 1270 O  O   . HOH E 5 .   ? -10.372 0.505   14.827  1.00 34.72 ? 277 HOH A O   1 
HETATM 1271 O  O   . HOH E 5 .   ? 13.585  -6.805  -8.983  1.00 33.82 ? 278 HOH A O   1 
HETATM 1272 O  O   . HOH E 5 .   ? 6.785   7.645   -8.217  1.00 15.83 ? 279 HOH A O   1 
HETATM 1273 O  O   . HOH E 5 .   ? 4.417   6.462   -9.499  1.00 14.89 ? 280 HOH A O   1 
HETATM 1274 O  O   . HOH E 5 .   ? 3.042   4.607   -8.069  1.00 17.58 ? 281 HOH A O   1 
HETATM 1275 O  O   . HOH E 5 .   ? 9.317   -7.906  -4.202  1.00 22.46 ? 282 HOH A O   1 
HETATM 1276 O  O   . HOH E 5 .   ? -0.818  20.522  -8.656  1.00 15.16 ? 283 HOH A O   1 
HETATM 1277 O  O   . HOH E 5 .   ? 0.397   22.015  -6.492  1.00 16.92 ? 284 HOH A O   1 
HETATM 1278 O  O   . HOH E 5 .   ? -1.257  23.237  -8.400  1.00 19.38 ? 285 HOH A O   1 
HETATM 1279 O  O   . HOH E 5 .   ? 4.632   21.534  -6.732  1.00 42.30 ? 286 HOH A O   1 
HETATM 1280 O  O   . HOH E 5 .   ? 2.611   20.962  -7.769  1.00 28.93 ? 287 HOH A O   1 
HETATM 1281 O  O   . HOH E 5 .   ? 3.133   18.286  -11.317 1.00 39.58 ? 288 HOH A O   1 
HETATM 1282 O  O   . HOH E 5 .   ? 6.706   17.903  -4.800  1.00 29.10 ? 289 HOH A O   1 
HETATM 1283 O  O   . HOH E 5 .   ? 5.832   21.799  -10.888 1.00 41.91 ? 290 HOH A O   1 
# 
loop_
_pdbx_poly_seq_scheme.asym_id 
_pdbx_poly_seq_scheme.entity_id 
_pdbx_poly_seq_scheme.seq_id 
_pdbx_poly_seq_scheme.mon_id 
_pdbx_poly_seq_scheme.ndb_seq_num 
_pdbx_poly_seq_scheme.pdb_seq_num 
_pdbx_poly_seq_scheme.auth_seq_num 
_pdbx_poly_seq_scheme.pdb_mon_id 
_pdbx_poly_seq_scheme.auth_mon_id 
_pdbx_poly_seq_scheme.pdb_strand_id 
_pdbx_poly_seq_scheme.pdb_ins_code 
_pdbx_poly_seq_scheme.hetero 
A 1 1   GLU 1   38  ?   ?   ?   A . n 
A 1 2   GLN 2   39  ?   ?   ?   A . n 
A 1 3   GLY 3   40  ?   ?   ?   A . n 
A 1 4   ASN 4   41  ?   ?   ?   A . n 
A 1 5   ARG 5   42  ?   ?   ?   A . n 
A 1 6   PRO 6   43  ?   ?   ?   A . n 
A 1 7   VAL 7   44  44  VAL VAL A . n 
A 1 8   GLU 8   45  45  GLU GLU A . n 
A 1 9   THR 9   46  46  THR THR A . n 
A 1 10  GLU 10  47  47  GLU GLU A . n 
A 1 11  ASN 11  48  48  ASN ASN A . n 
A 1 12  ILE 12  49  49  ILE ILE A . n 
A 1 13  ALA 13  50  50  ALA ALA A . n 
A 1 14  ARG 14  51  51  ARG ARG A . n 
A 1 15  GLY 15  52  52  GLY GLY A . n 
A 1 16  LYS 16  53  53  LYS LYS A . n 
A 1 17  GLN 17  54  54  GLN GLN A . n 
A 1 18  ALA 18  55  55  ALA ALA A . n 
A 1 19  SER 19  56  56  SER SER A . n 
A 1 20  GLN 20  57  57  GLN GLN A . n 
A 1 21  SER 21  58  58  SER SER A . n 
A 1 22  SER 22  59  59  SER SER A . n 
A 1 23  THR 23  60  60  THR THR A . n 
A 1 24  ALA 24  61  61  ALA ALA A . n 
A 1 25  TYR 25  62  62  TYR TYR A . n 
A 1 26  GLY 26  63  63  GLY GLY A . n 
A 1 27  GLY 27  64  64  GLY GLY A . n 
A 1 28  ALA 28  65  65  ALA ALA A . n 
A 1 29  ALA 29  66  66  ALA ALA A . n 
A 1 30  THR 30  67  67  THR THR A . n 
A 1 31  ARG 31  68  68  ARG ARG A . n 
A 1 32  ALA 32  69  69  ALA ALA A . n 
A 1 33  VAL 33  70  70  VAL VAL A . n 
A 1 34  ASP 34  71  71  ASP ASP A . n 
A 1 35  GLY 35  72  72  GLY GLY A . n 
A 1 36  ASN 36  73  73  ASN ASN A . n 
A 1 37  VAL 37  74  74  VAL VAL A . n 
A 1 38  ASP 38  75  75  ASP ASP A . n 
A 1 39  SER 39  76  76  SER SER A . n 
A 1 40  ASP 40  77  77  ASP ASP A . n 
A 1 41  TYR 41  78  78  TYR TYR A . n 
A 1 42  GLY 42  79  79  GLY GLY A . n 
A 1 43  HIS 43  80  80  HIS HIS A . n 
A 1 44  HIS 44  81  81  HIS HIS A . n 
A 1 45  SER 45  82  82  SER SER A . n 
A 1 46  VAL 46  83  83  VAL VAL A . n 
A 1 47  THR 47  84  84  THR THR A . n 
A 1 48  HIS 48  85  85  HIS HIS A . n 
A 1 49  THR 49  86  86  THR THR A . n 
A 1 50  ASN 50  87  87  ASN ASN A . n 
A 1 51  PHE 51  88  88  PHE PHE A . n 
A 1 52  GLU 52  89  89  GLU GLU A . n 
A 1 53  ASP 53  90  90  ASP ASP A . n 
A 1 54  ASN 54  91  91  ASN ASN A . n 
A 1 55  ALA 55  92  92  ALA ALA A . n 
A 1 56  TRP 56  93  93  TRP TRP A . n 
A 1 57  TRP 57  94  94  TRP TRP A . n 
A 1 58  GLN 58  95  95  GLN GLN A . n 
A 1 59  VAL 59  96  96  VAL VAL A . n 
A 1 60  ASP 60  97  97  ASP ASP A . n 
A 1 61  LEU 61  98  98  LEU LEU A . n 
A 1 62  GLY 62  99  99  GLY GLY A . n 
A 1 63  LYS 63  100 100 LYS LYS A . n 
A 1 64  THR 64  101 101 THR THR A . n 
A 1 65  GLU 65  102 102 GLU GLU A . n 
A 1 66  ASN 66  103 103 ASN ASN A . n 
A 1 67  VAL 67  104 104 VAL VAL A . n 
A 1 68  GLY 68  105 105 GLY GLY A . n 
A 1 69  LYS 69  106 106 LYS LYS A . n 
A 1 70  VAL 70  107 107 VAL VAL A . n 
A 1 71  LYS 71  108 108 LYS LYS A . n 
A 1 72  LEU 72  109 109 LEU LEU A . n 
A 1 73  TYR 73  110 110 TYR TYR A . n 
A 1 74  ASN 74  111 111 ASN ASN A . n 
A 1 75  ARG 75  112 112 ARG ARG A . n 
A 1 76  GLY 76  113 113 GLY GLY A . n 
A 1 77  ASP 77  114 114 ASP ASP A . n 
A 1 78  GLY 78  115 115 GLY GLY A . n 
A 1 79  ASN 79  116 116 ASN ASN A . n 
A 1 80  VAL 80  117 117 VAL VAL A . n 
A 1 81  ALA 81  118 118 ALA ALA A . n 
A 1 82  ASN 82  119 119 ASN ASN A . n 
A 1 83  ARG 83  120 120 ARG ARG A . n 
A 1 84  LEU 84  121 121 LEU LEU A . n 
A 1 85  SER 85  122 122 SER SER A . n 
A 1 86  ASN 86  123 123 ASN ASN A . n 
A 1 87  PHE 87  124 124 PHE PHE A . n 
A 1 88  ASP 88  125 125 ASP ASP A . n 
A 1 89  VAL 89  126 126 VAL VAL A . n 
A 1 90  VAL 90  127 127 VAL VAL A . n 
A 1 91  LEU 91  128 128 LEU LEU A . n 
A 1 92  LEU 92  129 129 LEU LEU A . n 
A 1 93  ASN 93  130 130 ASN ASN A . n 
A 1 94  GLU 94  131 131 GLU GLU A . n 
A 1 95  ALA 95  132 132 ALA ALA A . n 
A 1 96  LYS 96  133 133 LYS LYS A . n 
A 1 97  GLN 97  134 134 GLN GLN A . n 
A 1 98  GLU 98  135 135 GLU GLU A . n 
A 1 99  VAL 99  136 136 VAL VAL A . n 
A 1 100 ALA 100 137 137 ALA ALA A . n 
A 1 101 ARG 101 138 138 ARG ARG A . n 
A 1 102 GLN 102 139 139 GLN GLN A . n 
A 1 103 HIS 103 140 140 HIS HIS A . n 
A 1 104 PHE 104 141 141 PHE PHE A . n 
A 1 105 ASP 105 142 142 ASP ASP A . n 
A 1 106 SER 106 143 143 SER SER A . n 
A 1 107 LEU 107 144 144 LEU LEU A . n 
A 1 108 ASN 108 145 145 ASN ASN A . n 
A 1 109 GLY 109 146 146 GLY GLY A . n 
A 1 110 LYS 110 147 147 LYS LYS A . n 
A 1 111 ALA 111 148 148 ALA ALA A . n 
A 1 112 GLU 112 149 149 GLU GLU A . n 
A 1 113 LEU 113 150 150 LEU LEU A . n 
A 1 114 GLU 114 151 151 GLU GLU A . n 
A 1 115 VAL 115 152 152 VAL VAL A . n 
A 1 116 PHE 116 153 153 PHE PHE A . n 
A 1 117 PHE 117 154 154 PHE PHE A . n 
A 1 118 THR 118 155 155 THR THR A . n 
A 1 119 ALA 119 156 156 ALA ALA A . n 
A 1 120 LYS 120 157 157 LYS LYS A . n 
A 1 121 ASP 121 158 158 ASP ASP A . n 
A 1 122 ALA 122 159 159 ALA ALA A . n 
A 1 123 ARG 123 160 160 ARG ARG A . n 
A 1 124 TYR 124 161 161 TYR TYR A . n 
A 1 125 VAL 125 162 162 VAL VAL A . n 
A 1 126 LYS 126 163 163 LYS LYS A . n 
A 1 127 VAL 127 164 164 VAL VAL A . n 
A 1 128 GLU 128 165 165 GLU GLU A . n 
A 1 129 LEU 129 166 166 LEU LEU A . n 
A 1 130 LYS 130 167 167 LYS LYS A . n 
A 1 131 THR 131 168 168 THR THR A . n 
A 1 132 LYS 132 169 169 LYS LYS A . n 
A 1 133 ASN 133 170 170 ASN ASN A . n 
A 1 134 THR 134 171 171 THR THR A . n 
A 1 135 PRO 135 172 172 PRO PRO A . n 
A 1 136 LEU 136 173 173 LEU LEU A . n 
A 1 137 SER 137 174 174 SER SER A . n 
A 1 138 LEU 138 175 175 LEU LEU A . n 
A 1 139 ALA 139 176 176 ALA ALA A . n 
A 1 140 GLU 140 177 177 GLU GLU A . n 
A 1 141 VAL 141 178 178 VAL VAL A . n 
A 1 142 GLU 142 179 179 GLU GLU A . n 
A 1 143 VAL 143 180 180 VAL VAL A . n 
A 1 144 PHE 144 181 181 PHE PHE A . n 
A 1 145 ARG 145 182 182 ARG ARG A . n 
A 1 146 SER 146 183 183 SER SER A . n 
A 1 147 ALA 147 184 184 ALA ALA A . n 
A 1 148 THR 148 185 ?   ?   ?   A . n 
A 1 149 THR 149 186 ?   ?   ?   A . n 
A 1 150 GLN 150 187 ?   ?   ?   A . n 
A 1 151 VAL 151 188 ?   ?   ?   A . n 
A 1 152 GLY 152 189 ?   ?   ?   A . n 
A 1 153 CYS 153 190 ?   ?   ?   A . n 
# 
loop_
_pdbx_nonpoly_scheme.asym_id 
_pdbx_nonpoly_scheme.entity_id 
_pdbx_nonpoly_scheme.mon_id 
_pdbx_nonpoly_scheme.ndb_seq_num 
_pdbx_nonpoly_scheme.pdb_seq_num 
_pdbx_nonpoly_scheme.auth_seq_num 
_pdbx_nonpoly_scheme.pdb_mon_id 
_pdbx_nonpoly_scheme.auth_mon_id 
_pdbx_nonpoly_scheme.pdb_strand_id 
_pdbx_nonpoly_scheme.pdb_ins_code 
C 3 CA  1   1   1   CA  CA  A . 
D 4 NI  1   191 191 NI  NI  A . 
E 5 HOH 1   2   2   HOH HOH A . 
E 5 HOH 2   3   3   HOH HOH A . 
E 5 HOH 3   4   4   HOH HOH A . 
E 5 HOH 4   5   5   HOH HOH A . 
E 5 HOH 5   6   6   HOH HOH A . 
E 5 HOH 6   7   7   HOH HOH A . 
E 5 HOH 7   8   8   HOH HOH A . 
E 5 HOH 8   9   9   HOH HOH A . 
E 5 HOH 9   10  10  HOH HOH A . 
E 5 HOH 10  11  11  HOH HOH A . 
E 5 HOH 11  12  12  HOH HOH A . 
E 5 HOH 12  13  13  HOH HOH A . 
E 5 HOH 13  14  14  HOH HOH A . 
E 5 HOH 14  15  15  HOH HOH A . 
E 5 HOH 15  16  16  HOH HOH A . 
E 5 HOH 16  17  17  HOH HOH A . 
E 5 HOH 17  18  18  HOH HOH A . 
E 5 HOH 18  19  19  HOH HOH A . 
E 5 HOH 19  20  20  HOH HOH A . 
E 5 HOH 20  21  21  HOH HOH A . 
E 5 HOH 21  22  22  HOH HOH A . 
E 5 HOH 22  23  23  HOH HOH A . 
E 5 HOH 23  24  24  HOH HOH A . 
E 5 HOH 24  25  25  HOH HOH A . 
E 5 HOH 25  26  26  HOH HOH A . 
E 5 HOH 26  27  27  HOH HOH A . 
E 5 HOH 27  28  28  HOH HOH A . 
E 5 HOH 28  29  29  HOH HOH A . 
E 5 HOH 29  30  30  HOH HOH A . 
E 5 HOH 30  31  31  HOH HOH A . 
E 5 HOH 31  32  32  HOH HOH A . 
E 5 HOH 32  33  33  HOH HOH A . 
E 5 HOH 33  34  34  HOH HOH A . 
E 5 HOH 34  35  35  HOH HOH A . 
E 5 HOH 35  36  36  HOH HOH A . 
E 5 HOH 36  37  37  HOH HOH A . 
E 5 HOH 37  192 192 HOH HOH A . 
E 5 HOH 38  193 193 HOH HOH A . 
E 5 HOH 39  194 194 HOH HOH A . 
E 5 HOH 40  195 195 HOH HOH A . 
E 5 HOH 41  196 196 HOH HOH A . 
E 5 HOH 42  197 197 HOH HOH A . 
E 5 HOH 43  198 198 HOH HOH A . 
E 5 HOH 44  199 199 HOH HOH A . 
E 5 HOH 45  200 200 HOH HOH A . 
E 5 HOH 46  201 201 HOH HOH A . 
E 5 HOH 47  202 202 HOH HOH A . 
E 5 HOH 48  203 203 HOH HOH A . 
E 5 HOH 49  204 204 HOH HOH A . 
E 5 HOH 50  205 205 HOH HOH A . 
E 5 HOH 51  206 206 HOH HOH A . 
E 5 HOH 52  207 207 HOH HOH A . 
E 5 HOH 53  208 208 HOH HOH A . 
E 5 HOH 54  209 209 HOH HOH A . 
E 5 HOH 55  210 210 HOH HOH A . 
E 5 HOH 56  211 211 HOH HOH A . 
E 5 HOH 57  212 212 HOH HOH A . 
E 5 HOH 58  213 213 HOH HOH A . 
E 5 HOH 59  214 214 HOH HOH A . 
E 5 HOH 60  215 215 HOH HOH A . 
E 5 HOH 61  216 216 HOH HOH A . 
E 5 HOH 62  217 217 HOH HOH A . 
E 5 HOH 63  218 218 HOH HOH A . 
E 5 HOH 64  219 219 HOH HOH A . 
E 5 HOH 65  220 220 HOH HOH A . 
E 5 HOH 66  221 221 HOH HOH A . 
E 5 HOH 67  222 222 HOH HOH A . 
E 5 HOH 68  223 223 HOH HOH A . 
E 5 HOH 69  224 224 HOH HOH A . 
E 5 HOH 70  225 225 HOH HOH A . 
E 5 HOH 71  226 226 HOH HOH A . 
E 5 HOH 72  227 227 HOH HOH A . 
E 5 HOH 73  228 228 HOH HOH A . 
E 5 HOH 74  229 229 HOH HOH A . 
E 5 HOH 75  230 230 HOH HOH A . 
E 5 HOH 76  231 231 HOH HOH A . 
E 5 HOH 77  232 232 HOH HOH A . 
E 5 HOH 78  233 233 HOH HOH A . 
E 5 HOH 79  234 234 HOH HOH A . 
E 5 HOH 80  235 235 HOH HOH A . 
E 5 HOH 81  236 236 HOH HOH A . 
E 5 HOH 82  237 237 HOH HOH A . 
E 5 HOH 83  238 238 HOH HOH A . 
E 5 HOH 84  239 239 HOH HOH A . 
E 5 HOH 85  240 240 HOH HOH A . 
E 5 HOH 86  241 241 HOH HOH A . 
E 5 HOH 87  242 242 HOH HOH A . 
E 5 HOH 88  243 243 HOH HOH A . 
E 5 HOH 89  244 244 HOH HOH A . 
E 5 HOH 90  245 245 HOH HOH A . 
E 5 HOH 91  246 246 HOH HOH A . 
E 5 HOH 92  247 247 HOH HOH A . 
E 5 HOH 93  248 248 HOH HOH A . 
E 5 HOH 94  249 249 HOH HOH A . 
E 5 HOH 95  250 250 HOH HOH A . 
E 5 HOH 96  251 251 HOH HOH A . 
E 5 HOH 97  252 252 HOH HOH A . 
E 5 HOH 98  253 253 HOH HOH A . 
E 5 HOH 99  254 254 HOH HOH A . 
E 5 HOH 100 255 255 HOH HOH A . 
E 5 HOH 101 256 256 HOH HOH A . 
E 5 HOH 102 257 257 HOH HOH A . 
E 5 HOH 103 258 258 HOH HOH A . 
E 5 HOH 104 259 259 HOH HOH A . 
E 5 HOH 105 260 260 HOH HOH A . 
E 5 HOH 106 261 261 HOH HOH A . 
E 5 HOH 107 262 262 HOH HOH A . 
E 5 HOH 108 263 263 HOH HOH A . 
E 5 HOH 109 264 264 HOH HOH A . 
E 5 HOH 110 265 265 HOH HOH A . 
E 5 HOH 111 266 266 HOH HOH A . 
E 5 HOH 112 267 267 HOH HOH A . 
E 5 HOH 113 268 268 HOH HOH A . 
E 5 HOH 114 269 269 HOH HOH A . 
E 5 HOH 115 270 270 HOH HOH A . 
E 5 HOH 116 271 271 HOH HOH A . 
E 5 HOH 117 272 272 HOH HOH A . 
E 5 HOH 118 273 273 HOH HOH A . 
E 5 HOH 119 274 274 HOH HOH A . 
E 5 HOH 120 275 275 HOH HOH A . 
E 5 HOH 121 276 276 HOH HOH A . 
E 5 HOH 122 277 277 HOH HOH A . 
E 5 HOH 123 278 278 HOH HOH A . 
E 5 HOH 124 279 279 HOH HOH A . 
E 5 HOH 125 280 280 HOH HOH A . 
E 5 HOH 126 281 281 HOH HOH A . 
E 5 HOH 127 282 282 HOH HOH A . 
E 5 HOH 128 283 283 HOH HOH A . 
E 5 HOH 129 284 284 HOH HOH A . 
E 5 HOH 130 285 285 HOH HOH A . 
E 5 HOH 131 286 286 HOH HOH A . 
E 5 HOH 132 287 287 HOH HOH A . 
E 5 HOH 133 288 288 HOH HOH A . 
E 5 HOH 134 289 289 HOH HOH A . 
E 5 HOH 135 290 290 HOH HOH A . 
# 
_pdbx_molecule_features.prd_id    PRD_900085 
_pdbx_molecule_features.name      'Lewis B antigen, alpha anomer' 
_pdbx_molecule_features.type      Oligosaccharide 
_pdbx_molecule_features.class     Antigen 
_pdbx_molecule_features.details   'oligosaccharide with branches' 
# 
_pdbx_molecule.instance_id   1 
_pdbx_molecule.prd_id        PRD_900085 
_pdbx_molecule.asym_id       B 
# 
_pdbx_struct_assembly.id                   1 
_pdbx_struct_assembly.details              author_and_software_defined_assembly 
_pdbx_struct_assembly.method_details       PISA 
_pdbx_struct_assembly.oligomeric_details   monomeric 
_pdbx_struct_assembly.oligomeric_count     1 
# 
_pdbx_struct_assembly_gen.assembly_id       1 
_pdbx_struct_assembly_gen.oper_expression   1 
_pdbx_struct_assembly_gen.asym_id_list      A,B,C,D,E 
# 
_pdbx_struct_oper_list.id                   1 
_pdbx_struct_oper_list.type                 'identity operation' 
_pdbx_struct_oper_list.name                 1_555 
_pdbx_struct_oper_list.symmetry_operation   x,y,z 
_pdbx_struct_oper_list.matrix[1][1]         1.0000000000 
_pdbx_struct_oper_list.matrix[1][2]         0.0000000000 
_pdbx_struct_oper_list.matrix[1][3]         0.0000000000 
_pdbx_struct_oper_list.vector[1]            0.0000000000 
_pdbx_struct_oper_list.matrix[2][1]         0.0000000000 
_pdbx_struct_oper_list.matrix[2][2]         1.0000000000 
_pdbx_struct_oper_list.matrix[2][3]         0.0000000000 
_pdbx_struct_oper_list.vector[2]            0.0000000000 
_pdbx_struct_oper_list.matrix[3][1]         0.0000000000 
_pdbx_struct_oper_list.matrix[3][2]         0.0000000000 
_pdbx_struct_oper_list.matrix[3][3]         1.0000000000 
_pdbx_struct_oper_list.vector[3]            0.0000000000 
# 
loop_
_pdbx_struct_conn_angle.id 
_pdbx_struct_conn_angle.ptnr1_label_atom_id 
_pdbx_struct_conn_angle.ptnr1_label_alt_id 
_pdbx_struct_conn_angle.ptnr1_label_asym_id 
_pdbx_struct_conn_angle.ptnr1_label_comp_id 
_pdbx_struct_conn_angle.ptnr1_label_seq_id 
_pdbx_struct_conn_angle.ptnr1_auth_atom_id 
_pdbx_struct_conn_angle.ptnr1_auth_asym_id 
_pdbx_struct_conn_angle.ptnr1_auth_comp_id 
_pdbx_struct_conn_angle.ptnr1_auth_seq_id 
_pdbx_struct_conn_angle.ptnr1_PDB_ins_code 
_pdbx_struct_conn_angle.ptnr1_symmetry 
_pdbx_struct_conn_angle.ptnr2_label_atom_id 
_pdbx_struct_conn_angle.ptnr2_label_alt_id 
_pdbx_struct_conn_angle.ptnr2_label_asym_id 
_pdbx_struct_conn_angle.ptnr2_label_comp_id 
_pdbx_struct_conn_angle.ptnr2_label_seq_id 
_pdbx_struct_conn_angle.ptnr2_auth_atom_id 
_pdbx_struct_conn_angle.ptnr2_auth_asym_id 
_pdbx_struct_conn_angle.ptnr2_auth_comp_id 
_pdbx_struct_conn_angle.ptnr2_auth_seq_id 
_pdbx_struct_conn_angle.ptnr2_PDB_ins_code 
_pdbx_struct_conn_angle.ptnr2_symmetry 
_pdbx_struct_conn_angle.ptnr3_label_atom_id 
_pdbx_struct_conn_angle.ptnr3_label_alt_id 
_pdbx_struct_conn_angle.ptnr3_label_asym_id 
_pdbx_struct_conn_angle.ptnr3_label_comp_id 
_pdbx_struct_conn_angle.ptnr3_label_seq_id 
_pdbx_struct_conn_angle.ptnr3_auth_atom_id 
_pdbx_struct_conn_angle.ptnr3_auth_asym_id 
_pdbx_struct_conn_angle.ptnr3_auth_comp_id 
_pdbx_struct_conn_angle.ptnr3_auth_seq_id 
_pdbx_struct_conn_angle.ptnr3_PDB_ins_code 
_pdbx_struct_conn_angle.ptnr3_symmetry 
_pdbx_struct_conn_angle.value 
_pdbx_struct_conn_angle.value_esd 
1  O   ? A ARG 31  ? A ARG 68  ? 1_555 CA ? C CA . ? A CA 1   ? 1_555 OD1 ? A ASP 34  ? A ASP 71  ? 1_555 77.7  ? 
2  O   ? A ARG 31  ? A ARG 68  ? 1_555 CA ? C CA . ? A CA 1   ? 1_555 O   ? A ASN 36  ? A ASN 73  ? 1_555 167.0 ? 
3  OD1 ? A ASP 34  ? A ASP 71  ? 1_555 CA ? C CA . ? A CA 1   ? 1_555 O   ? A ASN 36  ? A ASN 73  ? 1_555 91.6  ? 
4  O   ? A ARG 31  ? A ARG 68  ? 1_555 CA ? C CA . ? A CA 1   ? 1_555 OG  ? A SER 45  ? A SER 82  ? 1_555 102.1 ? 
5  OD1 ? A ASP 34  ? A ASP 71  ? 1_555 CA ? C CA . ? A CA 1   ? 1_555 OG  ? A SER 45  ? A SER 82  ? 1_555 71.1  ? 
6  O   ? A ASN 36  ? A ASN 73  ? 1_555 CA ? C CA . ? A CA 1   ? 1_555 OG  ? A SER 45  ? A SER 82  ? 1_555 80.8  ? 
7  O   ? A ARG 31  ? A ARG 68  ? 1_555 CA ? C CA . ? A CA 1   ? 1_555 O   ? A SER 45  ? A SER 82  ? 1_555 80.1  ? 
8  OD1 ? A ASP 34  ? A ASP 71  ? 1_555 CA ? C CA . ? A CA 1   ? 1_555 O   ? A SER 45  ? A SER 82  ? 1_555 129.8 ? 
9  O   ? A ASN 36  ? A ASN 73  ? 1_555 CA ? C CA . ? A CA 1   ? 1_555 O   ? A SER 45  ? A SER 82  ? 1_555 112.6 ? 
10 OG  ? A SER 45  ? A SER 82  ? 1_555 CA ? C CA . ? A CA 1   ? 1_555 O   ? A SER 45  ? A SER 82  ? 1_555 70.5  ? 
11 O   ? A ARG 31  ? A ARG 68  ? 1_555 CA ? C CA . ? A CA 1   ? 1_555 O   ? A ALA 139 ? A ALA 176 ? 1_555 93.1  ? 
12 OD1 ? A ASP 34  ? A ASP 71  ? 1_555 CA ? C CA . ? A CA 1   ? 1_555 O   ? A ALA 139 ? A ALA 176 ? 1_555 154.1 ? 
13 O   ? A ASN 36  ? A ASN 73  ? 1_555 CA ? C CA . ? A CA 1   ? 1_555 O   ? A ALA 139 ? A ALA 176 ? 1_555 93.6  ? 
14 OG  ? A SER 45  ? A SER 82  ? 1_555 CA ? C CA . ? A CA 1   ? 1_555 O   ? A ALA 139 ? A ALA 176 ? 1_555 134.8 ? 
15 O   ? A SER 45  ? A SER 82  ? 1_555 CA ? C CA . ? A CA 1   ? 1_555 O   ? A ALA 139 ? A ALA 176 ? 1_555 70.6  ? 
16 O   ? A ARG 31  ? A ARG 68  ? 1_555 CA ? C CA . ? A CA 1   ? 1_555 OE1 ? A GLU 140 ? A GLU 177 ? 1_555 88.4  ? 
17 OD1 ? A ASP 34  ? A ASP 71  ? 1_555 CA ? C CA . ? A CA 1   ? 1_555 OE1 ? A GLU 140 ? A GLU 177 ? 1_555 74.8  ? 
18 O   ? A ASN 36  ? A ASN 73  ? 1_555 CA ? C CA . ? A CA 1   ? 1_555 OE1 ? A GLU 140 ? A GLU 177 ? 1_555 81.8  ? 
19 OG  ? A SER 45  ? A SER 82  ? 1_555 CA ? C CA . ? A CA 1   ? 1_555 OE1 ? A GLU 140 ? A GLU 177 ? 1_555 141.0 ? 
20 O   ? A SER 45  ? A SER 82  ? 1_555 CA ? C CA . ? A CA 1   ? 1_555 OE1 ? A GLU 140 ? A GLU 177 ? 1_555 148.4 ? 
21 O   ? A ALA 139 ? A ALA 176 ? 1_555 CA ? C CA . ? A CA 1   ? 1_555 OE1 ? A GLU 140 ? A GLU 177 ? 1_555 80.9  ? 
22 NE2 ? A HIS 43  ? A HIS 80  ? 1_555 NI ? D NI . ? A NI 191 ? 1_555 O   ? E HOH .   ? A HOH 247 ? 1_555 88.4  ? 
23 NE2 ? A HIS 43  ? A HIS 80  ? 1_555 NI ? D NI . ? A NI 191 ? 1_555 O   ? E HOH .   ? A HOH 249 ? 1_555 91.6  ? 
24 O   ? E HOH .   ? A HOH 247 ? 1_555 NI ? D NI . ? A NI 191 ? 1_555 O   ? E HOH .   ? A HOH 249 ? 1_555 87.2  ? 
25 NE2 ? A HIS 43  ? A HIS 80  ? 1_555 NI ? D NI . ? A NI 191 ? 1_555 O   ? E HOH .   ? A HOH 283 ? 1_555 92.3  ? 
26 O   ? E HOH .   ? A HOH 247 ? 1_555 NI ? D NI . ? A NI 191 ? 1_555 O   ? E HOH .   ? A HOH 283 ? 1_555 177.8 ? 
27 O   ? E HOH .   ? A HOH 249 ? 1_555 NI ? D NI . ? A NI 191 ? 1_555 O   ? E HOH .   ? A HOH 283 ? 1_555 90.7  ? 
28 NE2 ? A HIS 43  ? A HIS 80  ? 1_555 NI ? D NI . ? A NI 191 ? 1_555 O   ? E HOH .   ? A HOH 284 ? 1_555 92.3  ? 
29 O   ? E HOH .   ? A HOH 247 ? 1_555 NI ? D NI . ? A NI 191 ? 1_555 O   ? E HOH .   ? A HOH 284 ? 1_555 87.3  ? 
30 O   ? E HOH .   ? A HOH 249 ? 1_555 NI ? D NI . ? A NI 191 ? 1_555 O   ? E HOH .   ? A HOH 284 ? 1_555 173.1 ? 
31 O   ? E HOH .   ? A HOH 283 ? 1_555 NI ? D NI . ? A NI 191 ? 1_555 O   ? E HOH .   ? A HOH 284 ? 1_555 94.8  ? 
32 NE2 ? A HIS 43  ? A HIS 80  ? 1_555 NI ? D NI . ? A NI 191 ? 1_555 O   ? E HOH .   ? A HOH 285 ? 1_555 176.3 ? 
33 O   ? E HOH .   ? A HOH 247 ? 1_555 NI ? D NI . ? A NI 191 ? 1_555 O   ? E HOH .   ? A HOH 285 ? 1_555 91.0  ? 
34 O   ? E HOH .   ? A HOH 249 ? 1_555 NI ? D NI . ? A NI 191 ? 1_555 O   ? E HOH .   ? A HOH 285 ? 1_555 84.8  ? 
35 O   ? E HOH .   ? A HOH 283 ? 1_555 NI ? D NI . ? A NI 191 ? 1_555 O   ? E HOH .   ? A HOH 285 ? 1_555 88.2  ? 
36 O   ? E HOH .   ? A HOH 284 ? 1_555 NI ? D NI . ? A NI 191 ? 1_555 O   ? E HOH .   ? A HOH 285 ? 1_555 91.2  ? 
# 
loop_
_pdbx_audit_revision_history.ordinal 
_pdbx_audit_revision_history.data_content_type 
_pdbx_audit_revision_history.major_revision 
_pdbx_audit_revision_history.minor_revision 
_pdbx_audit_revision_history.revision_date 
1 'Structure model' 1 0 2010-12-29 
2 'Structure model' 1 1 2011-07-13 
3 'Structure model' 1 2 2012-02-29 
4 'Structure model' 2 0 2020-07-29 
5 'Structure model' 2 1 2021-10-13 
6 'Structure model' 2 2 2023-09-06 
# 
loop_
_pdbx_audit_revision_details.ordinal 
_pdbx_audit_revision_details.revision_ordinal 
_pdbx_audit_revision_details.data_content_type 
_pdbx_audit_revision_details.provider 
_pdbx_audit_revision_details.type 
_pdbx_audit_revision_details.description 
_pdbx_audit_revision_details.details 
1 1 'Structure model' repository 'Initial release' ?                          ? 
2 4 'Structure model' repository Remediation       'Carbohydrate remediation' ? 
# 
loop_
_pdbx_audit_revision_group.ordinal 
_pdbx_audit_revision_group.revision_ordinal 
_pdbx_audit_revision_group.data_content_type 
_pdbx_audit_revision_group.group 
1  2 'Structure model' 'Version format compliance' 
2  3 'Structure model' 'Database references'       
3  4 'Structure model' 'Atomic model'              
4  4 'Structure model' 'Data collection'           
5  4 'Structure model' 'Derived calculations'      
6  4 'Structure model' 'Non-polymer description'   
7  4 'Structure model' 'Structure summary'         
8  5 'Structure model' 'Database references'       
9  5 'Structure model' 'Structure summary'         
10 6 'Structure model' 'Data collection'           
11 6 'Structure model' 'Refinement description'    
# 
loop_
_pdbx_audit_revision_category.ordinal 
_pdbx_audit_revision_category.revision_ordinal 
_pdbx_audit_revision_category.data_content_type 
_pdbx_audit_revision_category.category 
1  4 'Structure model' atom_site                     
2  4 'Structure model' chem_comp                     
3  4 'Structure model' entity                        
4  4 'Structure model' entity_name_com               
5  4 'Structure model' pdbx_branch_scheme            
6  4 'Structure model' pdbx_chem_comp_identifier     
7  4 'Structure model' pdbx_entity_branch            
8  4 'Structure model' pdbx_entity_branch_descriptor 
9  4 'Structure model' pdbx_entity_branch_link       
10 4 'Structure model' pdbx_entity_branch_list       
11 4 'Structure model' pdbx_entity_nonpoly           
12 4 'Structure model' pdbx_molecule_features        
13 4 'Structure model' pdbx_nonpoly_scheme           
14 4 'Structure model' pdbx_struct_conn_angle        
15 4 'Structure model' struct_conn                   
16 4 'Structure model' struct_conn_type              
17 4 'Structure model' struct_site                   
18 4 'Structure model' struct_site_gen               
19 5 'Structure model' chem_comp                     
20 5 'Structure model' database_2                    
21 5 'Structure model' struct_ref_seq_dif            
22 6 'Structure model' chem_comp_atom                
23 6 'Structure model' chem_comp_bond                
24 6 'Structure model' pdbx_initial_refinement_model 
# 
loop_
_pdbx_audit_revision_item.ordinal 
_pdbx_audit_revision_item.revision_ordinal 
_pdbx_audit_revision_item.data_content_type 
_pdbx_audit_revision_item.item 
1  4 'Structure model' '_atom_site.B_iso_or_equiv'                   
2  4 'Structure model' '_atom_site.Cartn_x'                          
3  4 'Structure model' '_atom_site.Cartn_y'                          
4  4 'Structure model' '_atom_site.Cartn_z'                          
5  4 'Structure model' '_atom_site.auth_asym_id'                     
6  4 'Structure model' '_atom_site.auth_atom_id'                     
7  4 'Structure model' '_atom_site.auth_comp_id'                     
8  4 'Structure model' '_atom_site.auth_seq_id'                      
9  4 'Structure model' '_atom_site.label_atom_id'                    
10 4 'Structure model' '_atom_site.label_comp_id'                    
11 4 'Structure model' '_atom_site.type_symbol'                      
12 4 'Structure model' '_chem_comp.formula'                          
13 4 'Structure model' '_chem_comp.formula_weight'                   
14 4 'Structure model' '_chem_comp.id'                               
15 4 'Structure model' '_chem_comp.mon_nstd_flag'                    
16 4 'Structure model' '_chem_comp.name'                             
17 4 'Structure model' '_chem_comp.type'                             
18 4 'Structure model' '_entity.formula_weight'                      
19 4 'Structure model' '_entity.pdbx_description'                    
20 4 'Structure model' '_entity.src_method'                          
21 4 'Structure model' '_entity.type'                                
22 4 'Structure model' '_pdbx_struct_conn_angle.ptnr1_auth_comp_id'  
23 4 'Structure model' '_pdbx_struct_conn_angle.ptnr1_auth_seq_id'   
24 4 'Structure model' '_pdbx_struct_conn_angle.ptnr1_label_asym_id' 
25 4 'Structure model' '_pdbx_struct_conn_angle.ptnr1_label_atom_id' 
26 4 'Structure model' '_pdbx_struct_conn_angle.ptnr1_label_comp_id' 
27 4 'Structure model' '_pdbx_struct_conn_angle.ptnr1_label_seq_id'  
28 4 'Structure model' '_pdbx_struct_conn_angle.ptnr2_auth_comp_id'  
29 4 'Structure model' '_pdbx_struct_conn_angle.ptnr2_auth_seq_id'   
30 4 'Structure model' '_pdbx_struct_conn_angle.ptnr2_label_asym_id' 
31 4 'Structure model' '_pdbx_struct_conn_angle.ptnr2_label_atom_id' 
32 4 'Structure model' '_pdbx_struct_conn_angle.ptnr2_label_comp_id' 
33 4 'Structure model' '_pdbx_struct_conn_angle.ptnr3_auth_comp_id'  
34 4 'Structure model' '_pdbx_struct_conn_angle.ptnr3_auth_seq_id'   
35 4 'Structure model' '_pdbx_struct_conn_angle.ptnr3_label_asym_id' 
36 4 'Structure model' '_pdbx_struct_conn_angle.ptnr3_label_atom_id' 
37 4 'Structure model' '_pdbx_struct_conn_angle.ptnr3_label_comp_id' 
38 4 'Structure model' '_pdbx_struct_conn_angle.ptnr3_label_seq_id'  
39 4 'Structure model' '_pdbx_struct_conn_angle.value'               
40 5 'Structure model' '_chem_comp.pdbx_synonyms'                    
41 5 'Structure model' '_database_2.pdbx_DOI'                        
42 5 'Structure model' '_database_2.pdbx_database_accession'         
43 5 'Structure model' '_struct_ref_seq_dif.details'                 
# 
_pdbx_phasing_MR.entry_id                     3LEK 
_pdbx_phasing_MR.method_rotation              ? 
_pdbx_phasing_MR.method_translation           ? 
_pdbx_phasing_MR.model_details                'Phaser MODE: MR_AUTO' 
_pdbx_phasing_MR.R_factor                     ? 
_pdbx_phasing_MR.R_rigid_body                 ? 
_pdbx_phasing_MR.correlation_coeff_Fo_to_Fc   ? 
_pdbx_phasing_MR.correlation_coeff_Io_to_Ic   ? 
_pdbx_phasing_MR.d_res_high_rotation          2.500 
_pdbx_phasing_MR.d_res_low_rotation           55.250 
_pdbx_phasing_MR.d_res_high_translation       2.500 
_pdbx_phasing_MR.d_res_low_translation        55.250 
_pdbx_phasing_MR.packing                      ? 
_pdbx_phasing_MR.reflns_percent_rotation      ? 
_pdbx_phasing_MR.reflns_percent_translation   ? 
_pdbx_phasing_MR.sigma_F_rotation             ? 
_pdbx_phasing_MR.sigma_F_translation          ? 
_pdbx_phasing_MR.sigma_I_rotation             ? 
_pdbx_phasing_MR.sigma_I_translation          ? 
# 
_phasing.method   MR 
# 
loop_
_software.pdbx_ordinal 
_software.name 
_software.version 
_software.date 
_software.type 
_software.contact_author 
_software.contact_author_email 
_software.classification 
_software.location 
_software.language 
_software.citation_id 
1 d*TREK       9.4SSI 'Jan 10 2006'             package 'Jim W. Pflugrath'   Jim.Pflugrath@Rigaku.com    'data scaling'    
http://www.rigaku.com/software/dtrek.html    ?          ? 
2 PHASER       1.3.2  'Fri May 5 14:40:40 2006' program 'Randy J. Read'      cimr-phaser@lists.cam.ac.uk phasing           
http://www-structmed.cimr.cam.ac.uk/phaser/  ?          ? 
3 REFMAC       .      ?                         program 'Garib N. Murshudov' garib@ysbl.york.ac.uk       refinement        
http://www.ccp4.ac.uk/dist/html/refmac5.html Fortran_77 ? 
4 PDB_EXTRACT  3.005  'June 11, 2008'           package PDB                  help@deposit.rcsb.org       'data extraction' 
http://sw-tools.pdb.org/apps/PDB_EXTRACT/    C++        ? 
5 CrystalClear .      ?                         ?       ?                    ?                           'data collection' ? ? ? 
6 d*TREK       .      ?                         ?       ?                    ?                           'data reduction'  ? ? ? 
# 
_pdbx_entry_details.entry_id                 3LEK 
_pdbx_entry_details.nonpolymer_details       ? 
_pdbx_entry_details.sequence_details         
;THE SEQUENCE FOR THE LECTIN DOMAIN OF LECTINOLYSIN WAS DERIVED FROM THE PUBLISHED PROTEIN SEQUENCE PUBLISHED BY FARRAND ET AL. (BIOCHEMISTRY, VOL. 47, 2008). ACCORDING TO THEIR SEQUENCING RESULTS AMINO ACIDS 67 AND 158 ARE THREONINE AND ASPARTATE, RESPECTIVELY. THE CORRECTNESS OF THR 67 AND ASP 158 WAS CONFIRMED IN THE ELECTRON DENSITY MAP.
;
_pdbx_entry_details.compound_details         ? 
_pdbx_entry_details.source_details           ? 
_pdbx_entry_details.has_ligand_of_interest   ? 
# 
_pdbx_validate_rmsd_angle.id                         1 
_pdbx_validate_rmsd_angle.PDB_model_num              1 
_pdbx_validate_rmsd_angle.auth_atom_id_1             CB 
_pdbx_validate_rmsd_angle.auth_asym_id_1             A 
_pdbx_validate_rmsd_angle.auth_comp_id_1             ASP 
_pdbx_validate_rmsd_angle.auth_seq_id_1              71 
_pdbx_validate_rmsd_angle.PDB_ins_code_1             ? 
_pdbx_validate_rmsd_angle.label_alt_id_1             ? 
_pdbx_validate_rmsd_angle.auth_atom_id_2             CG 
_pdbx_validate_rmsd_angle.auth_asym_id_2             A 
_pdbx_validate_rmsd_angle.auth_comp_id_2             ASP 
_pdbx_validate_rmsd_angle.auth_seq_id_2              71 
_pdbx_validate_rmsd_angle.PDB_ins_code_2             ? 
_pdbx_validate_rmsd_angle.label_alt_id_2             ? 
_pdbx_validate_rmsd_angle.auth_atom_id_3             OD1 
_pdbx_validate_rmsd_angle.auth_asym_id_3             A 
_pdbx_validate_rmsd_angle.auth_comp_id_3             ASP 
_pdbx_validate_rmsd_angle.auth_seq_id_3              71 
_pdbx_validate_rmsd_angle.PDB_ins_code_3             ? 
_pdbx_validate_rmsd_angle.label_alt_id_3             ? 
_pdbx_validate_rmsd_angle.angle_value                123.85 
_pdbx_validate_rmsd_angle.angle_target_value         118.30 
_pdbx_validate_rmsd_angle.angle_deviation            5.55 
_pdbx_validate_rmsd_angle.angle_standard_deviation   0.90 
_pdbx_validate_rmsd_angle.linker_flag                N 
# 
_pdbx_validate_torsion.id              1 
_pdbx_validate_torsion.PDB_model_num   1 
_pdbx_validate_torsion.auth_comp_id    GLU 
_pdbx_validate_torsion.auth_asym_id    A 
_pdbx_validate_torsion.auth_seq_id     177 
_pdbx_validate_torsion.PDB_ins_code    ? 
_pdbx_validate_torsion.label_alt_id    ? 
_pdbx_validate_torsion.phi             -171.25 
_pdbx_validate_torsion.psi             144.83 
# 
loop_
_pdbx_unobs_or_zero_occ_residues.id 
_pdbx_unobs_or_zero_occ_residues.PDB_model_num 
_pdbx_unobs_or_zero_occ_residues.polymer_flag 
_pdbx_unobs_or_zero_occ_residues.occupancy_flag 
_pdbx_unobs_or_zero_occ_residues.auth_asym_id 
_pdbx_unobs_or_zero_occ_residues.auth_comp_id 
_pdbx_unobs_or_zero_occ_residues.auth_seq_id 
_pdbx_unobs_or_zero_occ_residues.PDB_ins_code 
_pdbx_unobs_or_zero_occ_residues.label_asym_id 
_pdbx_unobs_or_zero_occ_residues.label_comp_id 
_pdbx_unobs_or_zero_occ_residues.label_seq_id 
1  1 Y 1 A GLU 38  ? A GLU 1   
2  1 Y 1 A GLN 39  ? A GLN 2   
3  1 Y 1 A GLY 40  ? A GLY 3   
4  1 Y 1 A ASN 41  ? A ASN 4   
5  1 Y 1 A ARG 42  ? A ARG 5   
6  1 Y 1 A PRO 43  ? A PRO 6   
7  1 Y 1 A THR 185 ? A THR 148 
8  1 Y 1 A THR 186 ? A THR 149 
9  1 Y 1 A GLN 187 ? A GLN 150 
10 1 Y 1 A VAL 188 ? A VAL 151 
11 1 Y 1 A GLY 189 ? A GLY 152 
12 1 Y 1 A CYS 190 ? A CYS 153 
# 
loop_
_chem_comp_atom.comp_id 
_chem_comp_atom.atom_id 
_chem_comp_atom.type_symbol 
_chem_comp_atom.pdbx_aromatic_flag 
_chem_comp_atom.pdbx_stereo_config 
_chem_comp_atom.pdbx_ordinal 
ALA N    N  N N 1   
ALA CA   C  N S 2   
ALA C    C  N N 3   
ALA O    O  N N 4   
ALA CB   C  N N 5   
ALA OXT  O  N N 6   
ALA H    H  N N 7   
ALA H2   H  N N 8   
ALA HA   H  N N 9   
ALA HB1  H  N N 10  
ALA HB2  H  N N 11  
ALA HB3  H  N N 12  
ALA HXT  H  N N 13  
ARG N    N  N N 14  
ARG CA   C  N S 15  
ARG C    C  N N 16  
ARG O    O  N N 17  
ARG CB   C  N N 18  
ARG CG   C  N N 19  
ARG CD   C  N N 20  
ARG NE   N  N N 21  
ARG CZ   C  N N 22  
ARG NH1  N  N N 23  
ARG NH2  N  N N 24  
ARG OXT  O  N N 25  
ARG H    H  N N 26  
ARG H2   H  N N 27  
ARG HA   H  N N 28  
ARG HB2  H  N N 29  
ARG HB3  H  N N 30  
ARG HG2  H  N N 31  
ARG HG3  H  N N 32  
ARG HD2  H  N N 33  
ARG HD3  H  N N 34  
ARG HE   H  N N 35  
ARG HH11 H  N N 36  
ARG HH12 H  N N 37  
ARG HH21 H  N N 38  
ARG HH22 H  N N 39  
ARG HXT  H  N N 40  
ASN N    N  N N 41  
ASN CA   C  N S 42  
ASN C    C  N N 43  
ASN O    O  N N 44  
ASN CB   C  N N 45  
ASN CG   C  N N 46  
ASN OD1  O  N N 47  
ASN ND2  N  N N 48  
ASN OXT  O  N N 49  
ASN H    H  N N 50  
ASN H2   H  N N 51  
ASN HA   H  N N 52  
ASN HB2  H  N N 53  
ASN HB3  H  N N 54  
ASN HD21 H  N N 55  
ASN HD22 H  N N 56  
ASN HXT  H  N N 57  
ASP N    N  N N 58  
ASP CA   C  N S 59  
ASP C    C  N N 60  
ASP O    O  N N 61  
ASP CB   C  N N 62  
ASP CG   C  N N 63  
ASP OD1  O  N N 64  
ASP OD2  O  N N 65  
ASP OXT  O  N N 66  
ASP H    H  N N 67  
ASP H2   H  N N 68  
ASP HA   H  N N 69  
ASP HB2  H  N N 70  
ASP HB3  H  N N 71  
ASP HD2  H  N N 72  
ASP HXT  H  N N 73  
CA  CA   CA N N 74  
CYS N    N  N N 75  
CYS CA   C  N R 76  
CYS C    C  N N 77  
CYS O    O  N N 78  
CYS CB   C  N N 79  
CYS SG   S  N N 80  
CYS OXT  O  N N 81  
CYS H    H  N N 82  
CYS H2   H  N N 83  
CYS HA   H  N N 84  
CYS HB2  H  N N 85  
CYS HB3  H  N N 86  
CYS HG   H  N N 87  
CYS HXT  H  N N 88  
FUC C1   C  N R 89  
FUC C2   C  N S 90  
FUC C3   C  N R 91  
FUC C4   C  N S 92  
FUC C5   C  N S 93  
FUC C6   C  N N 94  
FUC O1   O  N N 95  
FUC O2   O  N N 96  
FUC O3   O  N N 97  
FUC O4   O  N N 98  
FUC O5   O  N N 99  
FUC H1   H  N N 100 
FUC H2   H  N N 101 
FUC H3   H  N N 102 
FUC H4   H  N N 103 
FUC H5   H  N N 104 
FUC H61  H  N N 105 
FUC H62  H  N N 106 
FUC H63  H  N N 107 
FUC HO1  H  N N 108 
FUC HO2  H  N N 109 
FUC HO3  H  N N 110 
FUC HO4  H  N N 111 
GAL C1   C  N R 112 
GAL C2   C  N R 113 
GAL C3   C  N S 114 
GAL C4   C  N R 115 
GAL C5   C  N R 116 
GAL C6   C  N N 117 
GAL O1   O  N N 118 
GAL O2   O  N N 119 
GAL O3   O  N N 120 
GAL O4   O  N N 121 
GAL O5   O  N N 122 
GAL O6   O  N N 123 
GAL H1   H  N N 124 
GAL H2   H  N N 125 
GAL H3   H  N N 126 
GAL H4   H  N N 127 
GAL H5   H  N N 128 
GAL H61  H  N N 129 
GAL H62  H  N N 130 
GAL HO1  H  N N 131 
GAL HO2  H  N N 132 
GAL HO3  H  N N 133 
GAL HO4  H  N N 134 
GAL HO6  H  N N 135 
GLN N    N  N N 136 
GLN CA   C  N S 137 
GLN C    C  N N 138 
GLN O    O  N N 139 
GLN CB   C  N N 140 
GLN CG   C  N N 141 
GLN CD   C  N N 142 
GLN OE1  O  N N 143 
GLN NE2  N  N N 144 
GLN OXT  O  N N 145 
GLN H    H  N N 146 
GLN H2   H  N N 147 
GLN HA   H  N N 148 
GLN HB2  H  N N 149 
GLN HB3  H  N N 150 
GLN HG2  H  N N 151 
GLN HG3  H  N N 152 
GLN HE21 H  N N 153 
GLN HE22 H  N N 154 
GLN HXT  H  N N 155 
GLU N    N  N N 156 
GLU CA   C  N S 157 
GLU C    C  N N 158 
GLU O    O  N N 159 
GLU CB   C  N N 160 
GLU CG   C  N N 161 
GLU CD   C  N N 162 
GLU OE1  O  N N 163 
GLU OE2  O  N N 164 
GLU OXT  O  N N 165 
GLU H    H  N N 166 
GLU H2   H  N N 167 
GLU HA   H  N N 168 
GLU HB2  H  N N 169 
GLU HB3  H  N N 170 
GLU HG2  H  N N 171 
GLU HG3  H  N N 172 
GLU HE2  H  N N 173 
GLU HXT  H  N N 174 
GLY N    N  N N 175 
GLY CA   C  N N 176 
GLY C    C  N N 177 
GLY O    O  N N 178 
GLY OXT  O  N N 179 
GLY H    H  N N 180 
GLY H2   H  N N 181 
GLY HA2  H  N N 182 
GLY HA3  H  N N 183 
GLY HXT  H  N N 184 
HIS N    N  N N 185 
HIS CA   C  N S 186 
HIS C    C  N N 187 
HIS O    O  N N 188 
HIS CB   C  N N 189 
HIS CG   C  Y N 190 
HIS ND1  N  Y N 191 
HIS CD2  C  Y N 192 
HIS CE1  C  Y N 193 
HIS NE2  N  Y N 194 
HIS OXT  O  N N 195 
HIS H    H  N N 196 
HIS H2   H  N N 197 
HIS HA   H  N N 198 
HIS HB2  H  N N 199 
HIS HB3  H  N N 200 
HIS HD1  H  N N 201 
HIS HD2  H  N N 202 
HIS HE1  H  N N 203 
HIS HE2  H  N N 204 
HIS HXT  H  N N 205 
HOH O    O  N N 206 
HOH H1   H  N N 207 
HOH H2   H  N N 208 
ILE N    N  N N 209 
ILE CA   C  N S 210 
ILE C    C  N N 211 
ILE O    O  N N 212 
ILE CB   C  N S 213 
ILE CG1  C  N N 214 
ILE CG2  C  N N 215 
ILE CD1  C  N N 216 
ILE OXT  O  N N 217 
ILE H    H  N N 218 
ILE H2   H  N N 219 
ILE HA   H  N N 220 
ILE HB   H  N N 221 
ILE HG12 H  N N 222 
ILE HG13 H  N N 223 
ILE HG21 H  N N 224 
ILE HG22 H  N N 225 
ILE HG23 H  N N 226 
ILE HD11 H  N N 227 
ILE HD12 H  N N 228 
ILE HD13 H  N N 229 
ILE HXT  H  N N 230 
LEU N    N  N N 231 
LEU CA   C  N S 232 
LEU C    C  N N 233 
LEU O    O  N N 234 
LEU CB   C  N N 235 
LEU CG   C  N N 236 
LEU CD1  C  N N 237 
LEU CD2  C  N N 238 
LEU OXT  O  N N 239 
LEU H    H  N N 240 
LEU H2   H  N N 241 
LEU HA   H  N N 242 
LEU HB2  H  N N 243 
LEU HB3  H  N N 244 
LEU HG   H  N N 245 
LEU HD11 H  N N 246 
LEU HD12 H  N N 247 
LEU HD13 H  N N 248 
LEU HD21 H  N N 249 
LEU HD22 H  N N 250 
LEU HD23 H  N N 251 
LEU HXT  H  N N 252 
LYS N    N  N N 253 
LYS CA   C  N S 254 
LYS C    C  N N 255 
LYS O    O  N N 256 
LYS CB   C  N N 257 
LYS CG   C  N N 258 
LYS CD   C  N N 259 
LYS CE   C  N N 260 
LYS NZ   N  N N 261 
LYS OXT  O  N N 262 
LYS H    H  N N 263 
LYS H2   H  N N 264 
LYS HA   H  N N 265 
LYS HB2  H  N N 266 
LYS HB3  H  N N 267 
LYS HG2  H  N N 268 
LYS HG3  H  N N 269 
LYS HD2  H  N N 270 
LYS HD3  H  N N 271 
LYS HE2  H  N N 272 
LYS HE3  H  N N 273 
LYS HZ1  H  N N 274 
LYS HZ2  H  N N 275 
LYS HZ3  H  N N 276 
LYS HXT  H  N N 277 
NDG C1   C  N S 278 
NDG C2   C  N R 279 
NDG C3   C  N R 280 
NDG C4   C  N S 281 
NDG C5   C  N R 282 
NDG C6   C  N N 283 
NDG C7   C  N N 284 
NDG C8   C  N N 285 
NDG O5   O  N N 286 
NDG O3   O  N N 287 
NDG O4   O  N N 288 
NDG O6   O  N N 289 
NDG O7   O  N N 290 
NDG N2   N  N N 291 
NDG O1   O  N N 292 
NDG H1   H  N N 293 
NDG H2   H  N N 294 
NDG H3   H  N N 295 
NDG H4   H  N N 296 
NDG H5   H  N N 297 
NDG H61  H  N N 298 
NDG H62  H  N N 299 
NDG H81  H  N N 300 
NDG H82  H  N N 301 
NDG H83  H  N N 302 
NDG HO3  H  N N 303 
NDG HO4  H  N N 304 
NDG HO6  H  N N 305 
NDG HN2  H  N N 306 
NDG HO1  H  N N 307 
NI  NI   NI N N 308 
PHE N    N  N N 309 
PHE CA   C  N S 310 
PHE C    C  N N 311 
PHE O    O  N N 312 
PHE CB   C  N N 313 
PHE CG   C  Y N 314 
PHE CD1  C  Y N 315 
PHE CD2  C  Y N 316 
PHE CE1  C  Y N 317 
PHE CE2  C  Y N 318 
PHE CZ   C  Y N 319 
PHE OXT  O  N N 320 
PHE H    H  N N 321 
PHE H2   H  N N 322 
PHE HA   H  N N 323 
PHE HB2  H  N N 324 
PHE HB3  H  N N 325 
PHE HD1  H  N N 326 
PHE HD2  H  N N 327 
PHE HE1  H  N N 328 
PHE HE2  H  N N 329 
PHE HZ   H  N N 330 
PHE HXT  H  N N 331 
PRO N    N  N N 332 
PRO CA   C  N S 333 
PRO C    C  N N 334 
PRO O    O  N N 335 
PRO CB   C  N N 336 
PRO CG   C  N N 337 
PRO CD   C  N N 338 
PRO OXT  O  N N 339 
PRO H    H  N N 340 
PRO HA   H  N N 341 
PRO HB2  H  N N 342 
PRO HB3  H  N N 343 
PRO HG2  H  N N 344 
PRO HG3  H  N N 345 
PRO HD2  H  N N 346 
PRO HD3  H  N N 347 
PRO HXT  H  N N 348 
SER N    N  N N 349 
SER CA   C  N S 350 
SER C    C  N N 351 
SER O    O  N N 352 
SER CB   C  N N 353 
SER OG   O  N N 354 
SER OXT  O  N N 355 
SER H    H  N N 356 
SER H2   H  N N 357 
SER HA   H  N N 358 
SER HB2  H  N N 359 
SER HB3  H  N N 360 
SER HG   H  N N 361 
SER HXT  H  N N 362 
THR N    N  N N 363 
THR CA   C  N S 364 
THR C    C  N N 365 
THR O    O  N N 366 
THR CB   C  N R 367 
THR OG1  O  N N 368 
THR CG2  C  N N 369 
THR OXT  O  N N 370 
THR H    H  N N 371 
THR H2   H  N N 372 
THR HA   H  N N 373 
THR HB   H  N N 374 
THR HG1  H  N N 375 
THR HG21 H  N N 376 
THR HG22 H  N N 377 
THR HG23 H  N N 378 
THR HXT  H  N N 379 
TRP N    N  N N 380 
TRP CA   C  N S 381 
TRP C    C  N N 382 
TRP O    O  N N 383 
TRP CB   C  N N 384 
TRP CG   C  Y N 385 
TRP CD1  C  Y N 386 
TRP CD2  C  Y N 387 
TRP NE1  N  Y N 388 
TRP CE2  C  Y N 389 
TRP CE3  C  Y N 390 
TRP CZ2  C  Y N 391 
TRP CZ3  C  Y N 392 
TRP CH2  C  Y N 393 
TRP OXT  O  N N 394 
TRP H    H  N N 395 
TRP H2   H  N N 396 
TRP HA   H  N N 397 
TRP HB2  H  N N 398 
TRP HB3  H  N N 399 
TRP HD1  H  N N 400 
TRP HE1  H  N N 401 
TRP HE3  H  N N 402 
TRP HZ2  H  N N 403 
TRP HZ3  H  N N 404 
TRP HH2  H  N N 405 
TRP HXT  H  N N 406 
TYR N    N  N N 407 
TYR CA   C  N S 408 
TYR C    C  N N 409 
TYR O    O  N N 410 
TYR CB   C  N N 411 
TYR CG   C  Y N 412 
TYR CD1  C  Y N 413 
TYR CD2  C  Y N 414 
TYR CE1  C  Y N 415 
TYR CE2  C  Y N 416 
TYR CZ   C  Y N 417 
TYR OH   O  N N 418 
TYR OXT  O  N N 419 
TYR H    H  N N 420 
TYR H2   H  N N 421 
TYR HA   H  N N 422 
TYR HB2  H  N N 423 
TYR HB3  H  N N 424 
TYR HD1  H  N N 425 
TYR HD2  H  N N 426 
TYR HE1  H  N N 427 
TYR HE2  H  N N 428 
TYR HH   H  N N 429 
TYR HXT  H  N N 430 
VAL N    N  N N 431 
VAL CA   C  N S 432 
VAL C    C  N N 433 
VAL O    O  N N 434 
VAL CB   C  N N 435 
VAL CG1  C  N N 436 
VAL CG2  C  N N 437 
VAL OXT  O  N N 438 
VAL H    H  N N 439 
VAL H2   H  N N 440 
VAL HA   H  N N 441 
VAL HB   H  N N 442 
VAL HG11 H  N N 443 
VAL HG12 H  N N 444 
VAL HG13 H  N N 445 
VAL HG21 H  N N 446 
VAL HG22 H  N N 447 
VAL HG23 H  N N 448 
VAL HXT  H  N N 449 
# 
loop_
_chem_comp_bond.comp_id 
_chem_comp_bond.atom_id_1 
_chem_comp_bond.atom_id_2 
_chem_comp_bond.value_order 
_chem_comp_bond.pdbx_aromatic_flag 
_chem_comp_bond.pdbx_stereo_config 
_chem_comp_bond.pdbx_ordinal 
ALA N   CA   sing N N 1   
ALA N   H    sing N N 2   
ALA N   H2   sing N N 3   
ALA CA  C    sing N N 4   
ALA CA  CB   sing N N 5   
ALA CA  HA   sing N N 6   
ALA C   O    doub N N 7   
ALA C   OXT  sing N N 8   
ALA CB  HB1  sing N N 9   
ALA CB  HB2  sing N N 10  
ALA CB  HB3  sing N N 11  
ALA OXT HXT  sing N N 12  
ARG N   CA   sing N N 13  
ARG N   H    sing N N 14  
ARG N   H2   sing N N 15  
ARG CA  C    sing N N 16  
ARG CA  CB   sing N N 17  
ARG CA  HA   sing N N 18  
ARG C   O    doub N N 19  
ARG C   OXT  sing N N 20  
ARG CB  CG   sing N N 21  
ARG CB  HB2  sing N N 22  
ARG CB  HB3  sing N N 23  
ARG CG  CD   sing N N 24  
ARG CG  HG2  sing N N 25  
ARG CG  HG3  sing N N 26  
ARG CD  NE   sing N N 27  
ARG CD  HD2  sing N N 28  
ARG CD  HD3  sing N N 29  
ARG NE  CZ   sing N N 30  
ARG NE  HE   sing N N 31  
ARG CZ  NH1  sing N N 32  
ARG CZ  NH2  doub N N 33  
ARG NH1 HH11 sing N N 34  
ARG NH1 HH12 sing N N 35  
ARG NH2 HH21 sing N N 36  
ARG NH2 HH22 sing N N 37  
ARG OXT HXT  sing N N 38  
ASN N   CA   sing N N 39  
ASN N   H    sing N N 40  
ASN N   H2   sing N N 41  
ASN CA  C    sing N N 42  
ASN CA  CB   sing N N 43  
ASN CA  HA   sing N N 44  
ASN C   O    doub N N 45  
ASN C   OXT  sing N N 46  
ASN CB  CG   sing N N 47  
ASN CB  HB2  sing N N 48  
ASN CB  HB3  sing N N 49  
ASN CG  OD1  doub N N 50  
ASN CG  ND2  sing N N 51  
ASN ND2 HD21 sing N N 52  
ASN ND2 HD22 sing N N 53  
ASN OXT HXT  sing N N 54  
ASP N   CA   sing N N 55  
ASP N   H    sing N N 56  
ASP N   H2   sing N N 57  
ASP CA  C    sing N N 58  
ASP CA  CB   sing N N 59  
ASP CA  HA   sing N N 60  
ASP C   O    doub N N 61  
ASP C   OXT  sing N N 62  
ASP CB  CG   sing N N 63  
ASP CB  HB2  sing N N 64  
ASP CB  HB3  sing N N 65  
ASP CG  OD1  doub N N 66  
ASP CG  OD2  sing N N 67  
ASP OD2 HD2  sing N N 68  
ASP OXT HXT  sing N N 69  
CYS N   CA   sing N N 70  
CYS N   H    sing N N 71  
CYS N   H2   sing N N 72  
CYS CA  C    sing N N 73  
CYS CA  CB   sing N N 74  
CYS CA  HA   sing N N 75  
CYS C   O    doub N N 76  
CYS C   OXT  sing N N 77  
CYS CB  SG   sing N N 78  
CYS CB  HB2  sing N N 79  
CYS CB  HB3  sing N N 80  
CYS SG  HG   sing N N 81  
CYS OXT HXT  sing N N 82  
FUC C1  C2   sing N N 83  
FUC C1  O1   sing N N 84  
FUC C1  O5   sing N N 85  
FUC C1  H1   sing N N 86  
FUC C2  C3   sing N N 87  
FUC C2  O2   sing N N 88  
FUC C2  H2   sing N N 89  
FUC C3  C4   sing N N 90  
FUC C3  O3   sing N N 91  
FUC C3  H3   sing N N 92  
FUC C4  C5   sing N N 93  
FUC C4  O4   sing N N 94  
FUC C4  H4   sing N N 95  
FUC C5  C6   sing N N 96  
FUC C5  O5   sing N N 97  
FUC C5  H5   sing N N 98  
FUC C6  H61  sing N N 99  
FUC C6  H62  sing N N 100 
FUC C6  H63  sing N N 101 
FUC O1  HO1  sing N N 102 
FUC O2  HO2  sing N N 103 
FUC O3  HO3  sing N N 104 
FUC O4  HO4  sing N N 105 
GAL C1  C2   sing N N 106 
GAL C1  O1   sing N N 107 
GAL C1  O5   sing N N 108 
GAL C1  H1   sing N N 109 
GAL C2  C3   sing N N 110 
GAL C2  O2   sing N N 111 
GAL C2  H2   sing N N 112 
GAL C3  C4   sing N N 113 
GAL C3  O3   sing N N 114 
GAL C3  H3   sing N N 115 
GAL C4  C5   sing N N 116 
GAL C4  O4   sing N N 117 
GAL C4  H4   sing N N 118 
GAL C5  C6   sing N N 119 
GAL C5  O5   sing N N 120 
GAL C5  H5   sing N N 121 
GAL C6  O6   sing N N 122 
GAL C6  H61  sing N N 123 
GAL C6  H62  sing N N 124 
GAL O1  HO1  sing N N 125 
GAL O2  HO2  sing N N 126 
GAL O3  HO3  sing N N 127 
GAL O4  HO4  sing N N 128 
GAL O6  HO6  sing N N 129 
GLN N   CA   sing N N 130 
GLN N   H    sing N N 131 
GLN N   H2   sing N N 132 
GLN CA  C    sing N N 133 
GLN CA  CB   sing N N 134 
GLN CA  HA   sing N N 135 
GLN C   O    doub N N 136 
GLN C   OXT  sing N N 137 
GLN CB  CG   sing N N 138 
GLN CB  HB2  sing N N 139 
GLN CB  HB3  sing N N 140 
GLN CG  CD   sing N N 141 
GLN CG  HG2  sing N N 142 
GLN CG  HG3  sing N N 143 
GLN CD  OE1  doub N N 144 
GLN CD  NE2  sing N N 145 
GLN NE2 HE21 sing N N 146 
GLN NE2 HE22 sing N N 147 
GLN OXT HXT  sing N N 148 
GLU N   CA   sing N N 149 
GLU N   H    sing N N 150 
GLU N   H2   sing N N 151 
GLU CA  C    sing N N 152 
GLU CA  CB   sing N N 153 
GLU CA  HA   sing N N 154 
GLU C   O    doub N N 155 
GLU C   OXT  sing N N 156 
GLU CB  CG   sing N N 157 
GLU CB  HB2  sing N N 158 
GLU CB  HB3  sing N N 159 
GLU CG  CD   sing N N 160 
GLU CG  HG2  sing N N 161 
GLU CG  HG3  sing N N 162 
GLU CD  OE1  doub N N 163 
GLU CD  OE2  sing N N 164 
GLU OE2 HE2  sing N N 165 
GLU OXT HXT  sing N N 166 
GLY N   CA   sing N N 167 
GLY N   H    sing N N 168 
GLY N   H2   sing N N 169 
GLY CA  C    sing N N 170 
GLY CA  HA2  sing N N 171 
GLY CA  HA3  sing N N 172 
GLY C   O    doub N N 173 
GLY C   OXT  sing N N 174 
GLY OXT HXT  sing N N 175 
HIS N   CA   sing N N 176 
HIS N   H    sing N N 177 
HIS N   H2   sing N N 178 
HIS CA  C    sing N N 179 
HIS CA  CB   sing N N 180 
HIS CA  HA   sing N N 181 
HIS C   O    doub N N 182 
HIS C   OXT  sing N N 183 
HIS CB  CG   sing N N 184 
HIS CB  HB2  sing N N 185 
HIS CB  HB3  sing N N 186 
HIS CG  ND1  sing Y N 187 
HIS CG  CD2  doub Y N 188 
HIS ND1 CE1  doub Y N 189 
HIS ND1 HD1  sing N N 190 
HIS CD2 NE2  sing Y N 191 
HIS CD2 HD2  sing N N 192 
HIS CE1 NE2  sing Y N 193 
HIS CE1 HE1  sing N N 194 
HIS NE2 HE2  sing N N 195 
HIS OXT HXT  sing N N 196 
HOH O   H1   sing N N 197 
HOH O   H2   sing N N 198 
ILE N   CA   sing N N 199 
ILE N   H    sing N N 200 
ILE N   H2   sing N N 201 
ILE CA  C    sing N N 202 
ILE CA  CB   sing N N 203 
ILE CA  HA   sing N N 204 
ILE C   O    doub N N 205 
ILE C   OXT  sing N N 206 
ILE CB  CG1  sing N N 207 
ILE CB  CG2  sing N N 208 
ILE CB  HB   sing N N 209 
ILE CG1 CD1  sing N N 210 
ILE CG1 HG12 sing N N 211 
ILE CG1 HG13 sing N N 212 
ILE CG2 HG21 sing N N 213 
ILE CG2 HG22 sing N N 214 
ILE CG2 HG23 sing N N 215 
ILE CD1 HD11 sing N N 216 
ILE CD1 HD12 sing N N 217 
ILE CD1 HD13 sing N N 218 
ILE OXT HXT  sing N N 219 
LEU N   CA   sing N N 220 
LEU N   H    sing N N 221 
LEU N   H2   sing N N 222 
LEU CA  C    sing N N 223 
LEU CA  CB   sing N N 224 
LEU CA  HA   sing N N 225 
LEU C   O    doub N N 226 
LEU C   OXT  sing N N 227 
LEU CB  CG   sing N N 228 
LEU CB  HB2  sing N N 229 
LEU CB  HB3  sing N N 230 
LEU CG  CD1  sing N N 231 
LEU CG  CD2  sing N N 232 
LEU CG  HG   sing N N 233 
LEU CD1 HD11 sing N N 234 
LEU CD1 HD12 sing N N 235 
LEU CD1 HD13 sing N N 236 
LEU CD2 HD21 sing N N 237 
LEU CD2 HD22 sing N N 238 
LEU CD2 HD23 sing N N 239 
LEU OXT HXT  sing N N 240 
LYS N   CA   sing N N 241 
LYS N   H    sing N N 242 
LYS N   H2   sing N N 243 
LYS CA  C    sing N N 244 
LYS CA  CB   sing N N 245 
LYS CA  HA   sing N N 246 
LYS C   O    doub N N 247 
LYS C   OXT  sing N N 248 
LYS CB  CG   sing N N 249 
LYS CB  HB2  sing N N 250 
LYS CB  HB3  sing N N 251 
LYS CG  CD   sing N N 252 
LYS CG  HG2  sing N N 253 
LYS CG  HG3  sing N N 254 
LYS CD  CE   sing N N 255 
LYS CD  HD2  sing N N 256 
LYS CD  HD3  sing N N 257 
LYS CE  NZ   sing N N 258 
LYS CE  HE2  sing N N 259 
LYS CE  HE3  sing N N 260 
LYS NZ  HZ1  sing N N 261 
LYS NZ  HZ2  sing N N 262 
LYS NZ  HZ3  sing N N 263 
LYS OXT HXT  sing N N 264 
NDG C1  C2   sing N N 265 
NDG C1  O5   sing N N 266 
NDG C1  O1   sing N N 267 
NDG C1  H1   sing N N 268 
NDG C2  C3   sing N N 269 
NDG C2  N2   sing N N 270 
NDG C2  H2   sing N N 271 
NDG C3  C4   sing N N 272 
NDG C3  O3   sing N N 273 
NDG C3  H3   sing N N 274 
NDG C4  C5   sing N N 275 
NDG C4  O4   sing N N 276 
NDG C4  H4   sing N N 277 
NDG C5  C6   sing N N 278 
NDG C5  O5   sing N N 279 
NDG C5  H5   sing N N 280 
NDG C6  O6   sing N N 281 
NDG C6  H61  sing N N 282 
NDG C6  H62  sing N N 283 
NDG C7  C8   sing N N 284 
NDG C7  O7   doub N N 285 
NDG C7  N2   sing N N 286 
NDG C8  H81  sing N N 287 
NDG C8  H82  sing N N 288 
NDG C8  H83  sing N N 289 
NDG O3  HO3  sing N N 290 
NDG O4  HO4  sing N N 291 
NDG O6  HO6  sing N N 292 
NDG N2  HN2  sing N N 293 
NDG O1  HO1  sing N N 294 
PHE N   CA   sing N N 295 
PHE N   H    sing N N 296 
PHE N   H2   sing N N 297 
PHE CA  C    sing N N 298 
PHE CA  CB   sing N N 299 
PHE CA  HA   sing N N 300 
PHE C   O    doub N N 301 
PHE C   OXT  sing N N 302 
PHE CB  CG   sing N N 303 
PHE CB  HB2  sing N N 304 
PHE CB  HB3  sing N N 305 
PHE CG  CD1  doub Y N 306 
PHE CG  CD2  sing Y N 307 
PHE CD1 CE1  sing Y N 308 
PHE CD1 HD1  sing N N 309 
PHE CD2 CE2  doub Y N 310 
PHE CD2 HD2  sing N N 311 
PHE CE1 CZ   doub Y N 312 
PHE CE1 HE1  sing N N 313 
PHE CE2 CZ   sing Y N 314 
PHE CE2 HE2  sing N N 315 
PHE CZ  HZ   sing N N 316 
PHE OXT HXT  sing N N 317 
PRO N   CA   sing N N 318 
PRO N   CD   sing N N 319 
PRO N   H    sing N N 320 
PRO CA  C    sing N N 321 
PRO CA  CB   sing N N 322 
PRO CA  HA   sing N N 323 
PRO C   O    doub N N 324 
PRO C   OXT  sing N N 325 
PRO CB  CG   sing N N 326 
PRO CB  HB2  sing N N 327 
PRO CB  HB3  sing N N 328 
PRO CG  CD   sing N N 329 
PRO CG  HG2  sing N N 330 
PRO CG  HG3  sing N N 331 
PRO CD  HD2  sing N N 332 
PRO CD  HD3  sing N N 333 
PRO OXT HXT  sing N N 334 
SER N   CA   sing N N 335 
SER N   H    sing N N 336 
SER N   H2   sing N N 337 
SER CA  C    sing N N 338 
SER CA  CB   sing N N 339 
SER CA  HA   sing N N 340 
SER C   O    doub N N 341 
SER C   OXT  sing N N 342 
SER CB  OG   sing N N 343 
SER CB  HB2  sing N N 344 
SER CB  HB3  sing N N 345 
SER OG  HG   sing N N 346 
SER OXT HXT  sing N N 347 
THR N   CA   sing N N 348 
THR N   H    sing N N 349 
THR N   H2   sing N N 350 
THR CA  C    sing N N 351 
THR CA  CB   sing N N 352 
THR CA  HA   sing N N 353 
THR C   O    doub N N 354 
THR C   OXT  sing N N 355 
THR CB  OG1  sing N N 356 
THR CB  CG2  sing N N 357 
THR CB  HB   sing N N 358 
THR OG1 HG1  sing N N 359 
THR CG2 HG21 sing N N 360 
THR CG2 HG22 sing N N 361 
THR CG2 HG23 sing N N 362 
THR OXT HXT  sing N N 363 
TRP N   CA   sing N N 364 
TRP N   H    sing N N 365 
TRP N   H2   sing N N 366 
TRP CA  C    sing N N 367 
TRP CA  CB   sing N N 368 
TRP CA  HA   sing N N 369 
TRP C   O    doub N N 370 
TRP C   OXT  sing N N 371 
TRP CB  CG   sing N N 372 
TRP CB  HB2  sing N N 373 
TRP CB  HB3  sing N N 374 
TRP CG  CD1  doub Y N 375 
TRP CG  CD2  sing Y N 376 
TRP CD1 NE1  sing Y N 377 
TRP CD1 HD1  sing N N 378 
TRP CD2 CE2  doub Y N 379 
TRP CD2 CE3  sing Y N 380 
TRP NE1 CE2  sing Y N 381 
TRP NE1 HE1  sing N N 382 
TRP CE2 CZ2  sing Y N 383 
TRP CE3 CZ3  doub Y N 384 
TRP CE3 HE3  sing N N 385 
TRP CZ2 CH2  doub Y N 386 
TRP CZ2 HZ2  sing N N 387 
TRP CZ3 CH2  sing Y N 388 
TRP CZ3 HZ3  sing N N 389 
TRP CH2 HH2  sing N N 390 
TRP OXT HXT  sing N N 391 
TYR N   CA   sing N N 392 
TYR N   H    sing N N 393 
TYR N   H2   sing N N 394 
TYR CA  C    sing N N 395 
TYR CA  CB   sing N N 396 
TYR CA  HA   sing N N 397 
TYR C   O    doub N N 398 
TYR C   OXT  sing N N 399 
TYR CB  CG   sing N N 400 
TYR CB  HB2  sing N N 401 
TYR CB  HB3  sing N N 402 
TYR CG  CD1  doub Y N 403 
TYR CG  CD2  sing Y N 404 
TYR CD1 CE1  sing Y N 405 
TYR CD1 HD1  sing N N 406 
TYR CD2 CE2  doub Y N 407 
TYR CD2 HD2  sing N N 408 
TYR CE1 CZ   doub Y N 409 
TYR CE1 HE1  sing N N 410 
TYR CE2 CZ   sing Y N 411 
TYR CE2 HE2  sing N N 412 
TYR CZ  OH   sing N N 413 
TYR OH  HH   sing N N 414 
TYR OXT HXT  sing N N 415 
VAL N   CA   sing N N 416 
VAL N   H    sing N N 417 
VAL N   H2   sing N N 418 
VAL CA  C    sing N N 419 
VAL CA  CB   sing N N 420 
VAL CA  HA   sing N N 421 
VAL C   O    doub N N 422 
VAL C   OXT  sing N N 423 
VAL CB  CG1  sing N N 424 
VAL CB  CG2  sing N N 425 
VAL CB  HB   sing N N 426 
VAL CG1 HG11 sing N N 427 
VAL CG1 HG12 sing N N 428 
VAL CG1 HG13 sing N N 429 
VAL CG2 HG21 sing N N 430 
VAL CG2 HG22 sing N N 431 
VAL CG2 HG23 sing N N 432 
VAL OXT HXT  sing N N 433 
# 
loop_
_pdbx_branch_scheme.asym_id 
_pdbx_branch_scheme.entity_id 
_pdbx_branch_scheme.mon_id 
_pdbx_branch_scheme.num 
_pdbx_branch_scheme.pdb_asym_id 
_pdbx_branch_scheme.pdb_mon_id 
_pdbx_branch_scheme.pdb_seq_num 
_pdbx_branch_scheme.auth_asym_id 
_pdbx_branch_scheme.auth_mon_id 
_pdbx_branch_scheme.auth_seq_num 
_pdbx_branch_scheme.hetero 
B 2 NDG 1 B NDG 1 A BCW 1185 n 
B 2 GAL 2 B GAL 2 A BCW 1185 n 
B 2 FUC 3 B FUC 3 A BCW 1185 n 
B 2 FUC 4 B FUC 4 A BCW 1185 n 
# 
loop_
_pdbx_chem_comp_identifier.comp_id 
_pdbx_chem_comp_identifier.type 
_pdbx_chem_comp_identifier.program 
_pdbx_chem_comp_identifier.program_version 
_pdbx_chem_comp_identifier.identifier 
FUC 'CONDENSED IUPAC CARBOHYDRATE SYMBOL' GMML     1.0 LFucpa                         
FUC 'COMMON NAME'                         GMML     1.0 a-L-fucopyranose               
FUC 'IUPAC CARBOHYDRATE SYMBOL'           PDB-CARE 1.0 a-L-Fucp                       
FUC 'SNFG CARBOHYDRATE SYMBOL'            GMML     1.0 Fuc                            
GAL 'CONDENSED IUPAC CARBOHYDRATE SYMBOL' GMML     1.0 DGalpb                         
GAL 'COMMON NAME'                         GMML     1.0 b-D-galactopyranose            
GAL 'IUPAC CARBOHYDRATE SYMBOL'           PDB-CARE 1.0 b-D-Galp                       
GAL 'SNFG CARBOHYDRATE SYMBOL'            GMML     1.0 Gal                            
NDG 'CONDENSED IUPAC CARBOHYDRATE SYMBOL' GMML     1.0 DGlcpNAca                      
NDG 'COMMON NAME'                         GMML     1.0 N-acetyl-a-D-glucopyranosamine 
NDG 'IUPAC CARBOHYDRATE SYMBOL'           PDB-CARE 1.0 a-D-GlcpNAc                    
NDG 'SNFG CARBOHYDRATE SYMBOL'            GMML     1.0 GlcNAc                         
# 
_pdbx_entity_branch.entity_id   2 
_pdbx_entity_branch.type        oligosaccharide 
# 
loop_
_pdbx_entity_branch_descriptor.ordinal 
_pdbx_entity_branch_descriptor.entity_id 
_pdbx_entity_branch_descriptor.descriptor 
_pdbx_entity_branch_descriptor.type 
_pdbx_entity_branch_descriptor.program 
_pdbx_entity_branch_descriptor.program_version 
1 2 'LFucpa1-2DGalpb1-3[LFucpa1-4]DGlcpNAca1-ROH'                                                       
'Glycam Condensed Sequence' GMML       1.0   
2 2 'WURCS=2.0/3,4,3/[a2122h-1a_1-5_2*NCC/3=O][a2112h-1b_1-5][a1221m-1a_1-5]/1-2-3-3/a3-b1_a4-d1_b2-c1' WURCS PDB2Glycan 1.1.0 
3 2 '[][a-D-GlcpNAc]{[(3+1)][b-D-Galp]{[(2+1)][a-L-Fucp]{}}[(4+1)][a-L-Fucp]{}}'                        LINUCS PDB-CARE   ?     
# 
loop_
_pdbx_entity_branch_link.link_id 
_pdbx_entity_branch_link.entity_id 
_pdbx_entity_branch_link.entity_branch_list_num_1 
_pdbx_entity_branch_link.comp_id_1 
_pdbx_entity_branch_link.atom_id_1 
_pdbx_entity_branch_link.leaving_atom_id_1 
_pdbx_entity_branch_link.entity_branch_list_num_2 
_pdbx_entity_branch_link.comp_id_2 
_pdbx_entity_branch_link.atom_id_2 
_pdbx_entity_branch_link.leaving_atom_id_2 
_pdbx_entity_branch_link.value_order 
_pdbx_entity_branch_link.details 
1 2 2 GAL C1 O1 1 NDG O3 HO3 sing ? 
2 2 3 FUC C1 O1 2 GAL O2 HO2 sing ? 
3 2 4 FUC C1 O1 1 NDG O4 HO4 sing ? 
# 
loop_
_pdbx_entity_branch_list.entity_id 
_pdbx_entity_branch_list.comp_id 
_pdbx_entity_branch_list.num 
_pdbx_entity_branch_list.hetero 
2 NDG 1 n 
2 GAL 2 n 
2 FUC 3 n 
2 FUC 4 n 
# 
loop_
_pdbx_entity_nonpoly.entity_id 
_pdbx_entity_nonpoly.name 
_pdbx_entity_nonpoly.comp_id 
3 'CALCIUM ION'     CA  
4 'NICKEL (II) ION' NI  
5 water             HOH 
# 
_pdbx_initial_refinement_model.id               1 
_pdbx_initial_refinement_model.entity_id_list   ? 
_pdbx_initial_refinement_model.type             'experimental model' 
_pdbx_initial_refinement_model.source_name      PDB 
_pdbx_initial_refinement_model.accession_code   3LEO 
_pdbx_initial_refinement_model.details          'PDB entry 3LEO' 
# 
